data_8VP9
#
_entry.id   8VP9
#
_cell.length_a   1.00
_cell.length_b   1.00
_cell.length_c   1.00
_cell.angle_alpha   90.00
_cell.angle_beta   90.00
_cell.angle_gamma   90.00
#
_symmetry.space_group_name_H-M   'P 1'
#
loop_
_entity.id
_entity.type
_entity.pdbx_description
1 polymer 'ABC-type bacteriocin transporter'
2 polymer 'Bacteriocin-type signal sequence-containing protein'
3 non-polymer "ADENOSINE-5'-DIPHOSPHATE"
4 non-polymer '3-[oxidanyl-[2-(trimethyl-$l^{4}-azanyl)ethoxy]phosphoryl]oxypropyl hexadecanoate'
#
loop_
_entity_poly.entity_id
_entity_poly.type
_entity_poly.pdbx_seq_one_letter_code
_entity_poly.pdbx_strand_id
1 'polypeptide(L)'
;MGHHHHHHHHHHSSGHIDDDDKHMLRRLFKKKYVSVRQYDLTDSGAAVLSSIAQYYGLKMSLAKIREMTGTDTQGTNAYG
LIHAAKQLGFSAKGVKASKEDLLKDFRLPAIANVIVDNRLAHFVVIYSIKNRIITVADPGKGIVRYSMDDFFSIWTGGLV
LLEPGEAFQKGDYTQNMMVKFAGFLKPLKKTVLAIFLASLLYTALGIAGSFYIKFLFDDLIKFEKLNDLHIISAGFAVIF
LLQIFLNYYRSILVTKLGMSIDKSIMMEYYSHVLKLPMNFFNSRKVGEIISRFMDASKIRQAISGATLTIMIDTIMAVIG
GILLYIQNSSLFFISFIIILLYGIIVTVFNKPIQNANRQIMEDNAKLTSALVESVKGIETIKSFGAEEQTEKSTRDKIET
VMKSSFKEGMLYINLSSLTGIVAGLGGIVILWAGAYNVIKGNMSGGQLLAFNALLAYFLTPVKNLIDLQPLIQTAVVASN
RLGEILELATEKELREDSDDFVISLKGDIEFRNVDFRYGLRKPVLKNINLTIPKGKTVAIVGESGSGKTTLAKLLMNFYS
PEKGDILINGHSIKNISLELIRKKIAFVSQDVFIFSGTVKENLALGNENVDMDEIIKAAKMANAHDFIEKLPLKYDTFLN
ESGANLSEGQKQRLAIARALLKKPDILILDEATSNLDSITENHIKDAIYGLEDDVTVIIIAHRLSTIVNADKIYLLKDGE
IVESGSHTELIALKGLYFKMWKQTENTLAS
;
A,B
2 'polypeptide(L)'
;MGHHHHHHHHHHSSGHIDDDDKHMSEAKKLNIGRELTDEELMEMTGGSTFSIQCQKDYTYKPSLPVVKYGVVIDEPEVVI
KYGVGPIVGIKYGVEPIGPIQPMYGIKPVETLK
;
C,D
#
# COMPACT_ATOMS: atom_id res chain seq x y z
N LYS A 31 -18.26 -38.23 -2.65
CA LYS A 31 -18.66 -36.95 -2.08
C LYS A 31 -18.02 -35.79 -2.84
N LYS A 32 -18.48 -34.58 -2.56
CA LYS A 32 -17.94 -33.40 -3.22
C LYS A 32 -16.55 -33.09 -2.70
N TYR A 33 -15.67 -32.67 -3.61
CA TYR A 33 -14.30 -32.31 -3.27
C TYR A 33 -14.29 -30.87 -2.76
N VAL A 34 -14.62 -30.71 -1.47
CA VAL A 34 -14.67 -29.39 -0.86
C VAL A 34 -13.27 -28.82 -0.76
N SER A 35 -13.12 -27.53 -1.09
CA SER A 35 -11.83 -26.85 -1.07
C SER A 35 -12.01 -25.50 -0.37
N VAL A 36 -11.52 -25.42 0.87
CA VAL A 36 -11.54 -24.17 1.61
C VAL A 36 -10.34 -23.32 1.18
N ARG A 37 -10.60 -22.07 0.82
CA ARG A 37 -9.55 -21.18 0.34
C ARG A 37 -9.05 -20.29 1.47
N GLN A 38 -7.78 -19.90 1.37
CA GLN A 38 -7.15 -19.09 2.40
C GLN A 38 -7.78 -17.71 2.49
N TYR A 39 -7.88 -17.20 3.71
CA TYR A 39 -8.26 -15.81 3.93
C TYR A 39 -7.05 -14.91 4.18
N ASP A 40 -5.91 -15.48 4.58
CA ASP A 40 -4.68 -14.73 4.73
C ASP A 40 -3.52 -15.48 4.08
N LEU A 41 -2.29 -15.01 4.27
CA LEU A 41 -1.14 -15.53 3.54
C LEU A 41 -0.43 -16.67 4.25
N THR A 42 -0.79 -17.00 5.50
CA THR A 42 -0.01 -17.96 6.28
C THR A 42 -0.90 -18.92 7.05
N ASP A 43 -2.03 -19.33 6.46
CA ASP A 43 -2.95 -20.26 7.11
C ASP A 43 -3.28 -21.42 6.19
N SER A 44 -2.26 -22.01 5.58
CA SER A 44 -2.48 -23.16 4.71
C SER A 44 -2.93 -24.38 5.50
N GLY A 45 -2.28 -24.63 6.64
CA GLY A 45 -2.64 -25.79 7.44
C GLY A 45 -4.06 -25.70 8.00
N ALA A 46 -4.44 -24.51 8.47
CA ALA A 46 -5.80 -24.33 8.98
C ALA A 46 -6.83 -24.54 7.89
N ALA A 47 -6.57 -23.99 6.70
CA ALA A 47 -7.49 -24.17 5.57
C ALA A 47 -7.60 -25.64 5.18
N VAL A 48 -6.48 -26.35 5.16
CA VAL A 48 -6.51 -27.77 4.81
C VAL A 48 -7.29 -28.57 5.85
N LEU A 49 -7.08 -28.27 7.13
CA LEU A 49 -7.80 -28.98 8.18
C LEU A 49 -9.30 -28.69 8.11
N SER A 50 -9.65 -27.44 7.82
CA SER A 50 -11.07 -27.11 7.65
C SER A 50 -11.66 -27.83 6.45
N SER A 51 -10.89 -27.96 5.37
CA SER A 51 -11.37 -28.71 4.20
C SER A 51 -11.61 -30.17 4.55
N ILE A 52 -10.69 -30.78 5.29
CA ILE A 52 -10.88 -32.18 5.69
C ILE A 52 -12.11 -32.33 6.57
N ALA A 53 -12.27 -31.43 7.55
CA ALA A 53 -13.41 -31.51 8.45
C ALA A 53 -14.72 -31.34 7.69
N GLN A 54 -14.77 -30.39 6.75
CA GLN A 54 -15.97 -30.19 5.95
C GLN A 54 -16.25 -31.41 5.07
N TYR A 55 -15.20 -32.02 4.51
CA TYR A 55 -15.37 -33.23 3.72
C TYR A 55 -15.97 -34.35 4.56
N TYR A 56 -15.52 -34.48 5.81
CA TYR A 56 -16.08 -35.48 6.70
C TYR A 56 -17.32 -35.00 7.44
N GLY A 57 -17.77 -33.78 7.18
CA GLY A 57 -19.05 -33.32 7.69
C GLY A 57 -18.99 -32.49 8.96
N LEU A 58 -17.97 -31.63 9.08
CA LEU A 58 -17.81 -30.77 10.25
C LEU A 58 -17.31 -29.42 9.78
N LYS A 59 -18.12 -28.38 9.97
CA LYS A 59 -17.80 -27.04 9.52
C LYS A 59 -17.58 -26.13 10.73
N MET A 60 -16.45 -25.43 10.75
CA MET A 60 -16.12 -24.48 11.80
C MET A 60 -15.50 -23.23 11.20
N SER A 61 -15.48 -22.17 12.00
CA SER A 61 -14.80 -20.95 11.60
C SER A 61 -13.32 -21.20 11.43
N LEU A 62 -12.72 -20.56 10.42
CA LEU A 62 -11.30 -20.75 10.17
C LEU A 62 -10.45 -20.11 11.26
N ALA A 63 -10.93 -19.02 11.86
CA ALA A 63 -10.17 -18.39 12.92
C ALA A 63 -10.01 -19.32 14.12
N LYS A 64 -11.09 -20.00 14.51
CA LYS A 64 -10.99 -20.96 15.60
C LYS A 64 -10.07 -22.12 15.24
N ILE A 65 -10.13 -22.57 13.99
CA ILE A 65 -9.29 -23.68 13.56
C ILE A 65 -7.82 -23.31 13.65
N ARG A 66 -7.46 -22.12 13.17
CA ARG A 66 -6.07 -21.69 13.24
C ARG A 66 -5.66 -21.33 14.66
N GLU A 67 -6.61 -20.97 15.53
CA GLU A 67 -6.29 -20.86 16.95
C GLU A 67 -5.94 -22.21 17.55
N MET A 68 -6.64 -23.26 17.11
CA MET A 68 -6.35 -24.60 17.61
C MET A 68 -5.02 -25.13 17.09
N THR A 69 -4.65 -24.77 15.85
CA THR A 69 -3.39 -25.25 15.28
C THR A 69 -2.19 -24.44 15.74
N GLY A 70 -2.40 -23.33 16.45
CA GLY A 70 -1.29 -22.48 16.83
C GLY A 70 -0.58 -21.86 15.64
N THR A 71 -1.33 -21.35 14.68
CA THR A 71 -0.77 -20.79 13.46
C THR A 71 -0.07 -19.48 13.78
N ASP A 72 1.26 -19.53 13.87
CA ASP A 72 2.06 -18.35 14.15
C ASP A 72 2.24 -17.54 12.87
N THR A 73 2.87 -16.37 12.99
CA THR A 73 3.07 -15.51 11.82
C THR A 73 4.09 -16.07 10.85
N GLN A 74 4.85 -17.10 11.24
CA GLN A 74 5.82 -17.71 10.35
C GLN A 74 5.25 -18.87 9.55
N GLY A 75 4.13 -19.45 9.98
CA GLY A 75 3.50 -20.58 9.35
C GLY A 75 3.02 -21.56 10.38
N THR A 76 2.73 -22.78 9.93
CA THR A 76 2.24 -23.82 10.82
C THR A 76 3.04 -25.10 10.59
N ASN A 77 3.35 -25.78 11.68
CA ASN A 77 4.08 -27.04 11.62
C ASN A 77 3.11 -28.21 11.64
N ALA A 78 3.62 -29.37 11.22
CA ALA A 78 2.77 -30.57 11.18
C ALA A 78 2.33 -31.00 12.57
N TYR A 79 3.14 -30.70 13.59
CA TYR A 79 2.76 -31.06 14.95
C TYR A 79 1.50 -30.31 15.38
N GLY A 80 1.36 -29.05 14.96
CA GLY A 80 0.14 -28.32 15.23
C GLY A 80 -1.07 -28.95 14.57
N LEU A 81 -0.93 -29.39 13.32
CA LEU A 81 -2.02 -30.06 12.64
C LEU A 81 -2.39 -31.37 13.32
N ILE A 82 -1.38 -32.12 13.75
CA ILE A 82 -1.64 -33.38 14.46
C ILE A 82 -2.38 -33.11 15.76
N HIS A 83 -1.96 -32.08 16.50
CA HIS A 83 -2.60 -31.75 17.76
C HIS A 83 -4.04 -31.30 17.54
N ALA A 84 -4.27 -30.44 16.55
CA ALA A 84 -5.60 -29.89 16.32
C ALA A 84 -6.55 -30.97 15.80
N ALA A 85 -6.06 -31.86 14.94
CA ALA A 85 -6.91 -32.92 14.41
C ALA A 85 -7.40 -33.84 15.52
N LYS A 86 -6.52 -34.17 16.47
CA LYS A 86 -6.94 -34.98 17.61
C LYS A 86 -7.92 -34.24 18.50
N GLN A 87 -7.87 -32.91 18.50
CA GLN A 87 -8.84 -32.13 19.26
C GLN A 87 -10.25 -32.30 18.69
N LEU A 88 -10.37 -32.37 17.37
CA LEU A 88 -11.66 -32.55 16.71
C LEU A 88 -12.10 -34.01 16.64
N GLY A 89 -11.29 -34.94 17.13
CA GLY A 89 -11.62 -36.35 17.10
C GLY A 89 -10.90 -37.14 16.04
N PHE A 90 -10.23 -36.49 15.10
CA PHE A 90 -9.49 -37.20 14.06
C PHE A 90 -8.29 -37.94 14.67
N SER A 91 -8.00 -39.11 14.11
CA SER A 91 -6.84 -39.90 14.55
C SER A 91 -5.70 -39.64 13.56
N ALA A 92 -5.03 -38.50 13.77
CA ALA A 92 -3.98 -38.06 12.87
C ALA A 92 -2.69 -38.86 13.10
N LYS A 93 -1.80 -38.79 12.11
CA LYS A 93 -0.52 -39.48 12.19
C LYS A 93 0.40 -38.92 11.12
N GLY A 94 1.62 -38.55 11.51
CA GLY A 94 2.60 -38.06 10.56
C GLY A 94 3.48 -39.18 10.04
N VAL A 95 3.36 -39.48 8.75
CA VAL A 95 4.03 -40.62 8.14
C VAL A 95 4.90 -40.13 6.99
N LYS A 96 6.15 -40.59 6.96
CA LYS A 96 7.05 -40.30 5.85
C LYS A 96 6.75 -41.23 4.69
N ALA A 97 6.79 -40.67 3.47
CA ALA A 97 6.48 -41.42 2.26
C ALA A 97 7.59 -41.19 1.23
N SER A 98 7.76 -42.19 0.36
CA SER A 98 8.77 -42.13 -0.68
C SER A 98 8.10 -41.93 -2.04
N LYS A 99 8.91 -41.96 -3.11
CA LYS A 99 8.38 -41.67 -4.45
C LYS A 99 7.36 -42.73 -4.87
N GLU A 100 7.65 -44.01 -4.61
CA GLU A 100 6.71 -45.07 -4.96
C GLU A 100 5.63 -45.28 -3.91
N ASP A 101 5.67 -44.52 -2.81
CA ASP A 101 4.65 -44.63 -1.78
C ASP A 101 3.40 -43.82 -2.09
N LEU A 102 3.43 -43.00 -3.14
CA LEU A 102 2.23 -42.29 -3.55
C LEU A 102 1.16 -43.25 -4.06
N LEU A 103 1.57 -44.28 -4.80
CA LEU A 103 0.64 -45.28 -5.32
C LEU A 103 0.51 -46.38 -4.27
N LYS A 104 -0.30 -46.10 -3.24
CA LYS A 104 -0.55 -47.06 -2.18
C LYS A 104 -2.02 -46.96 -1.77
N ASP A 105 -2.51 -48.03 -1.13
CA ASP A 105 -3.89 -48.10 -0.68
C ASP A 105 -4.06 -47.58 0.74
N PHE A 106 -3.59 -46.35 0.97
CA PHE A 106 -3.72 -45.69 2.26
C PHE A 106 -4.98 -44.81 2.24
N ARG A 107 -5.15 -43.99 3.29
CA ARG A 107 -6.32 -43.15 3.39
C ARG A 107 -6.39 -42.17 2.22
N LEU A 108 -7.50 -42.22 1.49
CA LEU A 108 -7.61 -41.42 0.27
C LEU A 108 -7.52 -39.92 0.52
N PRO A 109 -8.27 -39.32 1.46
CA PRO A 109 -8.05 -37.89 1.74
C PRO A 109 -6.92 -37.68 2.74
N ALA A 110 -5.87 -36.98 2.32
CA ALA A 110 -4.69 -36.82 3.15
C ALA A 110 -4.08 -35.45 2.90
N ILE A 111 -3.25 -35.02 3.85
CA ILE A 111 -2.55 -33.75 3.78
C ILE A 111 -1.15 -34.01 3.24
N ALA A 112 -0.78 -33.29 2.18
CA ALA A 112 0.52 -33.43 1.54
C ALA A 112 1.25 -32.10 1.59
N ASN A 113 2.55 -32.15 1.92
CA ASN A 113 3.38 -30.96 1.95
C ASN A 113 4.04 -30.76 0.58
N VAL A 114 3.85 -29.57 0.02
CA VAL A 114 4.45 -29.22 -1.26
C VAL A 114 5.19 -27.90 -1.12
N ILE A 115 6.14 -27.70 -2.03
CA ILE A 115 6.92 -26.46 -2.09
C ILE A 115 6.66 -25.82 -3.44
N VAL A 116 6.14 -24.59 -3.42
CA VAL A 116 5.93 -23.82 -4.64
C VAL A 116 7.28 -23.34 -5.14
N ASP A 117 7.32 -22.83 -6.36
CA ASP A 117 8.57 -22.49 -7.04
C ASP A 117 9.44 -21.52 -6.24
N ASN A 118 10.59 -22.01 -5.78
CA ASN A 118 11.61 -21.18 -5.11
C ASN A 118 11.04 -20.42 -3.92
N ARG A 119 10.23 -21.09 -3.10
CA ARG A 119 9.65 -20.50 -1.91
C ARG A 119 9.67 -21.54 -0.79
N LEU A 120 8.93 -21.26 0.28
CA LEU A 120 8.84 -22.17 1.41
C LEU A 120 7.80 -23.26 1.12
N ALA A 121 7.49 -24.07 2.12
CA ALA A 121 6.59 -25.19 1.94
C ALA A 121 5.14 -24.70 1.83
N HIS A 122 4.22 -25.66 1.72
CA HIS A 122 2.81 -25.38 1.54
C HIS A 122 2.03 -26.67 1.76
N PHE A 123 0.81 -26.53 2.27
CA PHE A 123 -0.04 -27.67 2.56
C PHE A 123 -1.14 -27.78 1.50
N VAL A 124 -1.35 -28.99 0.99
CA VAL A 124 -2.41 -29.27 0.03
C VAL A 124 -3.10 -30.57 0.45
N VAL A 125 -4.16 -30.91 -0.28
CA VAL A 125 -4.99 -32.07 0.01
C VAL A 125 -4.98 -32.99 -1.21
N ILE A 126 -4.72 -34.27 -0.97
CA ILE A 126 -4.80 -35.30 -2.01
C ILE A 126 -6.05 -36.12 -1.74
N TYR A 127 -6.85 -36.37 -2.79
CA TYR A 127 -8.17 -36.96 -2.57
C TYR A 127 -8.27 -38.40 -3.04
N SER A 128 -7.95 -38.68 -4.31
CA SER A 128 -8.22 -40.01 -4.86
C SER A 128 -6.99 -40.65 -5.49
N ILE A 129 -6.17 -39.86 -6.17
CA ILE A 129 -4.95 -40.35 -6.84
C ILE A 129 -5.32 -41.47 -7.80
N LYS A 130 -6.16 -41.16 -8.79
CA LYS A 130 -6.63 -42.15 -9.75
C LYS A 130 -5.76 -42.10 -11.01
N ASN A 131 -4.60 -42.74 -10.95
CA ASN A 131 -3.65 -42.86 -12.07
C ASN A 131 -2.99 -41.52 -12.36
N ARG A 132 -3.46 -40.47 -11.70
CA ARG A 132 -2.87 -39.15 -11.71
C ARG A 132 -3.04 -38.56 -10.32
N ILE A 133 -2.15 -37.65 -9.93
CA ILE A 133 -2.39 -36.92 -8.69
C ILE A 133 -3.65 -36.09 -8.88
N ILE A 134 -4.70 -36.44 -8.13
CA ILE A 134 -6.01 -35.84 -8.33
C ILE A 134 -5.92 -34.34 -8.06
N THR A 135 -6.86 -33.58 -8.62
CA THR A 135 -6.91 -32.15 -8.39
C THR A 135 -6.84 -31.84 -6.90
N VAL A 136 -5.79 -31.13 -6.50
CA VAL A 136 -5.49 -30.91 -5.09
C VAL A 136 -6.21 -29.65 -4.63
N ALA A 137 -6.80 -29.71 -3.44
CA ALA A 137 -7.48 -28.56 -2.87
C ALA A 137 -6.46 -27.55 -2.36
N ASP A 138 -5.70 -26.96 -3.28
CA ASP A 138 -4.69 -25.97 -2.93
C ASP A 138 -5.36 -24.72 -2.39
N PRO A 139 -5.24 -24.42 -1.10
CA PRO A 139 -5.96 -23.24 -0.56
C PRO A 139 -5.52 -21.93 -1.19
N GLY A 140 -4.29 -21.86 -1.70
CA GLY A 140 -3.83 -20.61 -2.30
C GLY A 140 -4.57 -20.24 -3.57
N LYS A 141 -4.78 -21.21 -4.47
CA LYS A 141 -5.40 -20.93 -5.77
C LYS A 141 -6.43 -22.02 -6.09
N GLY A 142 -7.66 -21.81 -5.63
CA GLY A 142 -8.77 -22.64 -6.06
C GLY A 142 -8.53 -24.12 -5.86
N ILE A 143 -8.75 -24.89 -6.91
CA ILE A 143 -8.47 -26.32 -6.92
C ILE A 143 -7.77 -26.70 -8.21
N VAL A 144 -6.46 -26.90 -8.13
CA VAL A 144 -5.63 -27.15 -9.31
C VAL A 144 -5.42 -28.65 -9.47
N ARG A 145 -5.21 -29.09 -10.71
CA ARG A 145 -5.13 -30.50 -11.02
C ARG A 145 -3.83 -31.13 -10.53
N TYR A 146 -2.70 -30.67 -11.06
CA TYR A 146 -1.37 -31.17 -10.70
C TYR A 146 -1.27 -32.69 -10.95
N SER A 147 -1.31 -33.03 -12.24
CA SER A 147 -1.20 -34.42 -12.66
C SER A 147 0.09 -35.05 -12.15
N MET A 148 0.15 -36.39 -12.21
CA MET A 148 1.28 -37.15 -11.68
C MET A 148 2.43 -37.14 -12.69
N ASP A 149 2.92 -35.94 -12.98
CA ASP A 149 4.11 -35.77 -13.79
C ASP A 149 5.06 -34.81 -13.12
N ASP A 150 4.52 -33.87 -12.33
CA ASP A 150 5.34 -32.88 -11.64
C ASP A 150 4.98 -32.72 -10.17
N PHE A 151 3.94 -33.42 -9.68
CA PHE A 151 3.58 -33.30 -8.27
C PHE A 151 4.68 -33.89 -7.38
N PHE A 152 5.15 -35.09 -7.72
CA PHE A 152 6.20 -35.73 -6.94
C PHE A 152 7.53 -34.99 -7.03
N SER A 153 7.69 -34.09 -8.01
CA SER A 153 8.88 -33.26 -8.07
C SER A 153 8.87 -32.16 -7.02
N ILE A 154 7.69 -31.77 -6.54
CA ILE A 154 7.55 -30.71 -5.54
C ILE A 154 6.94 -31.24 -4.25
N TRP A 155 6.85 -32.56 -4.09
CA TRP A 155 6.22 -33.17 -2.92
C TRP A 155 7.26 -33.97 -2.15
N THR A 156 7.49 -33.60 -0.89
CA THR A 156 8.34 -34.36 0.00
C THR A 156 7.50 -35.44 0.70
N GLY A 157 8.15 -36.20 1.58
CA GLY A 157 7.47 -37.29 2.25
C GLY A 157 6.59 -36.85 3.40
N GLY A 158 6.08 -35.63 3.35
CA GLY A 158 5.23 -35.14 4.41
C GLY A 158 3.76 -35.43 4.20
N LEU A 159 3.26 -36.45 4.88
CA LEU A 159 1.87 -36.87 4.76
C LEU A 159 1.24 -36.98 6.14
N VAL A 160 -0.01 -36.55 6.25
CA VAL A 160 -0.79 -36.67 7.48
C VAL A 160 -1.97 -37.58 7.18
N LEU A 161 -2.09 -38.67 7.94
CA LEU A 161 -3.12 -39.68 7.71
C LEU A 161 -4.25 -39.46 8.71
N LEU A 162 -5.15 -38.56 8.36
CA LEU A 162 -6.31 -38.29 9.19
C LEU A 162 -7.35 -39.41 9.04
N GLU A 163 -8.17 -39.58 10.06
CA GLU A 163 -9.21 -40.60 10.08
C GLU A 163 -10.25 -40.26 11.13
N PRO A 164 -11.54 -40.34 10.81
CA PRO A 164 -12.57 -40.04 11.81
C PRO A 164 -12.53 -41.03 12.96
N GLY A 165 -12.86 -40.54 14.15
CA GLY A 165 -12.81 -41.36 15.35
C GLY A 165 -14.07 -41.29 16.20
N GLU A 166 -13.97 -41.77 17.44
CA GLU A 166 -15.15 -41.78 18.32
C GLU A 166 -15.57 -40.37 18.69
N ALA A 167 -14.62 -39.48 18.95
CA ALA A 167 -14.94 -38.12 19.36
C ALA A 167 -15.52 -37.27 18.25
N PHE A 168 -15.50 -37.76 17.01
CA PHE A 168 -16.04 -36.98 15.90
C PHE A 168 -17.55 -36.79 16.06
N GLN A 169 -18.02 -35.58 15.81
CA GLN A 169 -19.43 -35.24 15.98
C GLN A 169 -19.78 -34.24 14.87
N LYS A 170 -20.46 -34.73 13.83
CA LYS A 170 -20.80 -33.89 12.69
C LYS A 170 -21.77 -32.79 13.07
N GLY A 171 -21.48 -31.57 12.62
CA GLY A 171 -22.36 -30.45 12.88
C GLY A 171 -21.82 -29.20 12.22
N ASP A 172 -22.66 -28.17 12.21
CA ASP A 172 -22.32 -26.86 11.64
C ASP A 172 -22.17 -25.89 12.81
N TYR A 173 -20.92 -25.53 13.13
CA TYR A 173 -20.63 -24.68 14.27
C TYR A 173 -20.34 -23.24 13.87
N THR A 174 -20.63 -22.86 12.63
CA THR A 174 -20.48 -21.48 12.18
C THR A 174 -21.84 -20.99 11.67
N GLN A 175 -22.19 -19.76 12.03
CA GLN A 175 -23.44 -19.18 11.60
C GLN A 175 -23.27 -18.48 10.26
N ASN A 176 -24.38 -18.31 9.55
CA ASN A 176 -24.38 -17.56 8.30
C ASN A 176 -24.15 -16.09 8.62
N MET A 177 -22.92 -15.63 8.41
CA MET A 177 -22.52 -14.33 8.93
C MET A 177 -22.99 -13.17 8.08
N MET A 178 -23.48 -13.42 6.86
CA MET A 178 -24.14 -12.36 6.11
C MET A 178 -25.48 -12.03 6.73
N VAL A 179 -26.14 -13.01 7.33
CA VAL A 179 -27.36 -12.74 8.10
C VAL A 179 -27.03 -11.96 9.36
N LYS A 180 -25.87 -12.22 9.97
CA LYS A 180 -25.47 -11.45 11.14
C LYS A 180 -25.24 -9.99 10.78
N PHE A 181 -24.61 -9.73 9.64
CA PHE A 181 -24.59 -8.38 9.08
C PHE A 181 -25.97 -8.06 8.51
N ALA A 182 -26.12 -6.85 7.99
CA ALA A 182 -27.39 -6.24 7.58
C ALA A 182 -28.26 -5.90 8.78
N GLY A 183 -27.85 -6.26 10.00
CA GLY A 183 -28.53 -5.79 11.18
C GLY A 183 -28.29 -4.33 11.49
N PHE A 184 -27.33 -3.71 10.81
CA PHE A 184 -27.13 -2.27 10.90
C PHE A 184 -28.08 -1.50 10.00
N LEU A 185 -28.86 -2.18 9.16
CA LEU A 185 -29.93 -1.53 8.42
C LEU A 185 -31.14 -1.26 9.31
N LYS A 186 -31.34 -2.09 10.33
CA LYS A 186 -32.51 -1.93 11.20
C LYS A 186 -32.58 -0.58 11.90
N PRO A 187 -31.48 -0.02 12.46
CA PRO A 187 -31.60 1.32 13.07
C PRO A 187 -32.10 2.38 12.10
N LEU A 188 -31.38 2.58 11.00
CA LEU A 188 -31.79 3.54 9.98
C LEU A 188 -32.53 2.83 8.84
N LYS A 189 -33.67 2.23 9.20
CA LYS A 189 -34.51 1.55 8.24
C LYS A 189 -35.43 2.50 7.49
N LYS A 190 -35.55 3.75 7.92
CA LYS A 190 -36.35 4.73 7.20
C LYS A 190 -35.64 5.27 5.97
N THR A 191 -34.31 5.15 5.91
CA THR A 191 -33.57 5.59 4.73
C THR A 191 -33.74 4.61 3.57
N VAL A 192 -33.78 3.31 3.88
CA VAL A 192 -33.98 2.30 2.83
C VAL A 192 -35.33 2.47 2.17
N LEU A 193 -36.38 2.69 2.98
CA LEU A 193 -37.71 2.88 2.42
C LEU A 193 -37.80 4.14 1.57
N ALA A 194 -37.18 5.23 2.04
CA ALA A 194 -37.16 6.46 1.27
C ALA A 194 -36.43 6.27 -0.05
N ILE A 195 -35.30 5.55 -0.03
CA ILE A 195 -34.56 5.28 -1.25
C ILE A 195 -35.40 4.44 -2.21
N PHE A 196 -36.11 3.44 -1.68
CA PHE A 196 -36.96 2.60 -2.51
C PHE A 196 -38.08 3.41 -3.16
N LEU A 197 -38.72 4.30 -2.40
CA LEU A 197 -39.78 5.13 -2.95
C LEU A 197 -39.22 6.10 -4.00
N ALA A 198 -38.06 6.69 -3.73
CA ALA A 198 -37.44 7.58 -4.71
C ALA A 198 -37.09 6.83 -5.99
N SER A 199 -36.60 5.60 -5.86
CA SER A 199 -36.29 4.79 -7.03
C SER A 199 -37.55 4.48 -7.83
N LEU A 200 -38.64 4.13 -7.15
CA LEU A 200 -39.88 3.86 -7.85
C LEU A 200 -40.39 5.08 -8.59
N LEU A 201 -40.35 6.26 -7.95
CA LEU A 201 -40.79 7.47 -8.60
C LEU A 201 -39.89 7.83 -9.77
N TYR A 202 -38.57 7.65 -9.60
CA TYR A 202 -37.62 7.89 -10.69
C TYR A 202 -37.90 7.00 -11.88
N THR A 203 -38.13 5.71 -11.64
CA THR A 203 -38.43 4.77 -12.72
C THR A 203 -39.73 5.14 -13.41
N ALA A 204 -40.76 5.50 -12.64
CA ALA A 204 -42.03 5.88 -13.24
C ALA A 204 -41.89 7.14 -14.11
N LEU A 205 -41.17 8.14 -13.61
CA LEU A 205 -40.99 9.36 -14.39
C LEU A 205 -40.17 9.11 -15.66
N GLY A 206 -39.14 8.27 -15.55
CA GLY A 206 -38.36 7.93 -16.74
C GLY A 206 -39.18 7.18 -17.77
N ILE A 207 -40.01 6.24 -17.32
CA ILE A 207 -40.88 5.51 -18.24
C ILE A 207 -41.88 6.45 -18.89
N ALA A 208 -42.43 7.37 -18.11
CA ALA A 208 -43.37 8.33 -18.68
C ALA A 208 -42.70 9.21 -19.73
N GLY A 209 -41.47 9.65 -19.46
CA GLY A 209 -40.75 10.47 -20.41
C GLY A 209 -40.17 9.72 -21.60
N SER A 210 -40.10 8.39 -21.51
CA SER A 210 -39.62 7.59 -22.63
C SER A 210 -40.55 7.63 -23.84
N PHE A 211 -41.82 7.98 -23.64
CA PHE A 211 -42.80 8.01 -24.72
C PHE A 211 -42.85 9.36 -25.44
N TYR A 212 -41.77 10.14 -25.38
CA TYR A 212 -41.73 11.42 -26.08
C TYR A 212 -41.82 11.22 -27.59
N ILE A 213 -41.03 10.29 -28.12
CA ILE A 213 -40.93 10.14 -29.57
C ILE A 213 -42.23 9.59 -30.15
N LYS A 214 -42.90 8.70 -29.42
CA LYS A 214 -44.14 8.13 -29.92
C LYS A 214 -45.19 9.22 -30.17
N PHE A 215 -45.29 10.19 -29.26
CA PHE A 215 -46.16 11.34 -29.52
C PHE A 215 -45.55 12.26 -30.56
N LEU A 216 -44.21 12.28 -30.67
CA LEU A 216 -43.56 13.16 -31.63
C LEU A 216 -43.77 12.68 -33.06
N PHE A 217 -43.63 11.37 -33.30
CA PHE A 217 -43.60 10.83 -34.65
C PHE A 217 -44.91 10.19 -35.08
N ASP A 218 -45.99 10.38 -34.32
CA ASP A 218 -47.29 9.85 -34.70
C ASP A 218 -48.37 10.91 -34.77
N ASP A 219 -48.34 11.91 -33.90
CA ASP A 219 -49.34 12.96 -33.86
C ASP A 219 -48.73 14.34 -34.08
N LEU A 220 -47.61 14.62 -33.42
CA LEU A 220 -47.01 15.95 -33.45
C LEU A 220 -46.33 16.28 -34.77
N ILE A 221 -46.05 15.27 -35.61
CA ILE A 221 -45.40 15.48 -36.89
C ILE A 221 -46.30 15.05 -38.05
N LYS A 222 -46.96 13.90 -37.93
CA LYS A 222 -47.83 13.42 -39.00
C LYS A 222 -49.01 14.35 -39.26
N PHE A 223 -49.40 15.16 -38.27
CA PHE A 223 -50.53 16.06 -38.41
C PHE A 223 -50.14 17.53 -38.31
N GLU A 224 -48.87 17.83 -38.10
CA GLU A 224 -48.36 19.21 -38.01
C GLU A 224 -49.08 20.00 -36.92
N LYS A 225 -48.94 19.52 -35.68
CA LYS A 225 -49.51 20.19 -34.51
C LYS A 225 -48.41 21.05 -33.88
N LEU A 226 -48.26 22.27 -34.38
CA LEU A 226 -47.22 23.16 -33.88
C LEU A 226 -47.54 23.64 -32.47
N ASN A 227 -48.81 23.91 -32.18
CA ASN A 227 -49.18 24.43 -30.87
C ASN A 227 -48.97 23.38 -29.78
N ASP A 228 -49.45 22.15 -30.00
CA ASP A 228 -49.30 21.09 -29.01
C ASP A 228 -47.86 20.65 -28.84
N LEU A 229 -47.02 20.86 -29.85
CA LEU A 229 -45.63 20.44 -29.77
C LEU A 229 -44.91 21.11 -28.60
N HIS A 230 -45.08 22.43 -28.48
CA HIS A 230 -44.43 23.16 -27.40
C HIS A 230 -44.93 22.71 -26.04
N ILE A 231 -46.24 22.52 -25.90
CA ILE A 231 -46.81 22.11 -24.62
C ILE A 231 -46.27 20.76 -24.20
N ILE A 232 -46.27 19.79 -25.13
CA ILE A 232 -45.82 18.44 -24.78
C ILE A 232 -44.33 18.43 -24.51
N SER A 233 -43.54 19.20 -25.26
CA SER A 233 -42.12 19.27 -25.01
C SER A 233 -41.82 19.87 -23.64
N ALA A 234 -42.54 20.93 -23.27
CA ALA A 234 -42.35 21.53 -21.95
C ALA A 234 -42.75 20.57 -20.84
N GLY A 235 -43.84 19.82 -21.04
CA GLY A 235 -44.24 18.83 -20.05
C GLY A 235 -43.19 17.76 -19.86
N PHE A 236 -42.62 17.26 -20.95
CA PHE A 236 -41.59 16.23 -20.83
C PHE A 236 -40.30 16.79 -20.22
N ALA A 237 -39.98 18.06 -20.52
CA ALA A 237 -38.83 18.68 -19.88
C ALA A 237 -39.01 18.80 -18.37
N VAL A 238 -40.22 19.19 -17.94
CA VAL A 238 -40.51 19.26 -16.51
C VAL A 238 -40.42 17.88 -15.87
N ILE A 239 -40.93 16.85 -16.56
CA ILE A 239 -40.84 15.49 -16.06
C ILE A 239 -39.37 15.09 -15.88
N PHE A 240 -38.53 15.41 -16.86
CA PHE A 240 -37.12 15.06 -16.76
C PHE A 240 -36.44 15.81 -15.62
N LEU A 241 -36.80 17.08 -15.40
CA LEU A 241 -36.22 17.83 -14.30
C LEU A 241 -36.60 17.22 -12.96
N LEU A 242 -37.87 16.82 -12.80
CA LEU A 242 -38.28 16.13 -11.58
C LEU A 242 -37.52 14.82 -11.41
N GLN A 243 -37.29 14.11 -12.51
CA GLN A 243 -36.54 12.86 -12.46
C GLN A 243 -35.11 13.10 -11.99
N ILE A 244 -34.48 14.18 -12.48
CA ILE A 244 -33.11 14.51 -12.08
C ILE A 244 -33.07 14.85 -10.59
N PHE A 245 -34.05 15.62 -10.11
CA PHE A 245 -34.09 15.94 -8.68
C PHE A 245 -34.25 14.68 -7.83
N LEU A 246 -35.09 13.76 -8.28
CA LEU A 246 -35.25 12.49 -7.56
C LEU A 246 -33.94 11.72 -7.52
N ASN A 247 -33.22 11.69 -8.64
CA ASN A 247 -31.93 11.00 -8.68
C ASN A 247 -30.93 11.64 -7.71
N TYR A 248 -30.92 12.97 -7.65
CA TYR A 248 -30.04 13.68 -6.72
C TYR A 248 -30.33 13.28 -5.28
N TYR A 249 -31.61 13.32 -4.90
CA TYR A 249 -31.98 12.96 -3.53
C TYR A 249 -31.62 11.52 -3.20
N ARG A 250 -31.90 10.61 -4.15
CA ARG A 250 -31.58 9.20 -3.92
C ARG A 250 -30.08 8.98 -3.77
N SER A 251 -29.27 9.68 -4.58
CA SER A 251 -27.82 9.55 -4.46
C SER A 251 -27.34 10.03 -3.10
N ILE A 252 -27.87 11.16 -2.63
CA ILE A 252 -27.49 11.66 -1.30
C ILE A 252 -27.79 10.61 -0.24
N LEU A 253 -29.01 10.05 -0.28
CA LEU A 253 -29.40 9.09 0.75
C LEU A 253 -28.56 7.82 0.68
N VAL A 254 -28.26 7.34 -0.52
CA VAL A 254 -27.46 6.13 -0.67
C VAL A 254 -26.05 6.35 -0.13
N THR A 255 -25.46 7.50 -0.44
CA THR A 255 -24.13 7.80 0.08
C THR A 255 -24.13 7.82 1.60
N LYS A 256 -25.13 8.47 2.20
CA LYS A 256 -25.17 8.55 3.66
C LYS A 256 -25.35 7.16 4.28
N LEU A 257 -26.20 6.32 3.69
CA LEU A 257 -26.40 4.97 4.21
C LEU A 257 -25.11 4.16 4.15
N GLY A 258 -24.41 4.23 3.01
CA GLY A 258 -23.15 3.50 2.89
C GLY A 258 -22.12 3.97 3.90
N MET A 259 -22.01 5.28 4.09
CA MET A 259 -21.08 5.82 5.08
C MET A 259 -21.40 5.31 6.48
N SER A 260 -22.68 5.35 6.86
CA SER A 260 -23.06 4.90 8.21
C SER A 260 -22.74 3.44 8.41
N ILE A 261 -23.05 2.59 7.42
CA ILE A 261 -22.76 1.17 7.56
C ILE A 261 -21.26 0.93 7.66
N ASP A 262 -20.47 1.63 6.83
CA ASP A 262 -19.02 1.50 6.89
C ASP A 262 -18.50 1.84 8.28
N LYS A 263 -18.91 2.99 8.81
CA LYS A 263 -18.40 3.41 10.11
C LYS A 263 -18.79 2.42 11.20
N SER A 264 -20.04 1.95 11.18
CA SER A 264 -20.50 1.02 12.21
C SER A 264 -19.69 -0.28 12.17
N ILE A 265 -19.54 -0.87 10.99
CA ILE A 265 -18.80 -2.12 10.90
C ILE A 265 -17.35 -1.93 11.31
N MET A 266 -16.71 -0.85 10.85
CA MET A 266 -15.31 -0.61 11.18
C MET A 266 -15.13 -0.48 12.69
N MET A 267 -15.97 0.34 13.34
CA MET A 267 -15.81 0.54 14.78
C MET A 267 -16.09 -0.73 15.56
N GLU A 268 -17.11 -1.51 15.16
CA GLU A 268 -17.39 -2.75 15.87
C GLU A 268 -16.20 -3.70 15.78
N TYR A 269 -15.66 -3.87 14.57
CA TYR A 269 -14.52 -4.76 14.40
C TYR A 269 -13.30 -4.28 15.19
N TYR A 270 -13.03 -2.97 15.16
CA TYR A 270 -11.87 -2.45 15.87
C TYR A 270 -12.02 -2.62 17.37
N SER A 271 -13.22 -2.36 17.91
CA SER A 271 -13.42 -2.55 19.35
C SER A 271 -13.24 -4.00 19.75
N HIS A 272 -13.81 -4.92 18.98
CA HIS A 272 -13.66 -6.34 19.32
C HIS A 272 -12.22 -6.80 19.22
N VAL A 273 -11.46 -6.26 18.25
CA VAL A 273 -10.04 -6.59 18.17
C VAL A 273 -9.30 -6.04 19.38
N LEU A 274 -9.60 -4.79 19.78
CA LEU A 274 -8.92 -4.21 20.93
C LEU A 274 -9.25 -4.95 22.22
N LYS A 275 -10.39 -5.63 22.27
CA LYS A 275 -10.73 -6.43 23.43
C LYS A 275 -10.19 -7.86 23.38
N LEU A 276 -9.53 -8.24 22.28
CA LEU A 276 -9.05 -9.60 22.12
C LEU A 276 -7.79 -9.86 22.94
N PRO A 277 -7.52 -11.13 23.28
CA PRO A 277 -6.31 -11.45 24.05
C PRO A 277 -5.03 -11.28 23.24
N MET A 278 -3.89 -11.63 23.85
CA MET A 278 -2.59 -11.41 23.21
C MET A 278 -2.20 -12.56 22.29
N ASN A 279 -2.78 -13.75 22.46
CA ASN A 279 -2.50 -14.85 21.54
C ASN A 279 -2.96 -14.51 20.13
N PHE A 280 -4.10 -13.83 19.99
CA PHE A 280 -4.53 -13.33 18.69
C PHE A 280 -3.54 -12.32 18.13
N PHE A 281 -3.02 -11.44 18.99
CA PHE A 281 -2.21 -10.33 18.50
C PHE A 281 -0.82 -10.78 18.06
N ASN A 282 -0.21 -11.72 18.80
CA ASN A 282 1.15 -12.12 18.48
C ASN A 282 1.22 -13.20 17.40
N SER A 283 0.09 -13.73 16.96
CA SER A 283 0.06 -14.74 15.91
C SER A 283 -0.31 -14.16 14.56
N ARG A 284 -0.35 -12.84 14.42
CA ARG A 284 -0.69 -12.18 13.17
C ARG A 284 0.20 -10.96 12.97
N LYS A 285 0.34 -10.56 11.72
CA LYS A 285 1.08 -9.35 11.40
C LYS A 285 0.18 -8.13 11.54
N VAL A 286 0.81 -6.95 11.63
CA VAL A 286 0.05 -5.71 11.72
C VAL A 286 -0.78 -5.50 10.46
N GLY A 287 -0.17 -5.72 9.30
CA GLY A 287 -0.92 -5.60 8.05
C GLY A 287 -2.05 -6.61 7.95
N GLU A 288 -1.82 -7.83 8.44
CA GLU A 288 -2.85 -8.86 8.42
C GLU A 288 -4.06 -8.45 9.23
N ILE A 289 -3.84 -7.87 10.41
CA ILE A 289 -4.95 -7.43 11.26
C ILE A 289 -5.65 -6.22 10.64
N ILE A 290 -4.87 -5.27 10.12
CA ILE A 290 -5.45 -4.03 9.63
C ILE A 290 -6.19 -4.24 8.31
N SER A 291 -5.82 -5.26 7.53
CA SER A 291 -6.43 -5.46 6.22
C SER A 291 -7.92 -5.76 6.32
N ARG A 292 -8.41 -6.19 7.48
CA ARG A 292 -9.85 -6.40 7.63
C ARG A 292 -10.63 -5.10 7.62
N PHE A 293 -9.96 -3.96 7.79
CA PHE A 293 -10.64 -2.67 7.66
C PHE A 293 -11.12 -2.46 6.23
N MET A 294 -10.33 -2.89 5.26
CA MET A 294 -10.74 -2.80 3.86
C MET A 294 -11.86 -3.78 3.54
N ASP A 295 -12.08 -4.79 4.39
CA ASP A 295 -13.18 -5.72 4.20
C ASP A 295 -14.51 -5.16 4.67
N ALA A 296 -14.51 -4.04 5.38
CA ALA A 296 -15.74 -3.42 5.83
C ALA A 296 -16.45 -2.65 4.72
N SER A 297 -15.79 -2.44 3.58
CA SER A 297 -16.44 -1.76 2.47
C SER A 297 -17.16 -2.76 1.56
N LYS A 298 -16.59 -3.95 1.40
CA LYS A 298 -17.25 -4.99 0.60
C LYS A 298 -18.54 -5.46 1.26
N ILE A 299 -18.52 -5.65 2.58
CA ILE A 299 -19.74 -6.00 3.29
C ILE A 299 -20.77 -4.90 3.17
N ARG A 300 -20.32 -3.64 3.30
CA ARG A 300 -21.23 -2.51 3.11
C ARG A 300 -21.84 -2.54 1.72
N GLN A 301 -21.04 -2.87 0.71
CA GLN A 301 -21.56 -2.96 -0.66
C GLN A 301 -22.65 -4.01 -0.74
N ALA A 302 -22.36 -5.23 -0.28
CA ALA A 302 -23.35 -6.31 -0.37
C ALA A 302 -24.59 -6.02 0.46
N ILE A 303 -24.48 -5.22 1.52
CA ILE A 303 -25.61 -4.95 2.39
C ILE A 303 -26.49 -3.84 1.83
N SER A 304 -25.90 -2.72 1.43
CA SER A 304 -26.69 -1.62 0.90
C SER A 304 -26.94 -1.77 -0.60
N GLY A 305 -25.88 -1.74 -1.39
CA GLY A 305 -26.05 -1.63 -2.83
C GLY A 305 -26.69 -2.86 -3.46
N ALA A 306 -26.27 -4.06 -3.04
CA ALA A 306 -26.84 -5.27 -3.62
C ALA A 306 -28.33 -5.39 -3.30
N THR A 307 -28.71 -5.14 -2.05
CA THR A 307 -30.10 -5.24 -1.67
C THR A 307 -30.95 -4.19 -2.39
N LEU A 308 -30.46 -2.95 -2.44
CA LEU A 308 -31.19 -1.89 -3.13
C LEU A 308 -31.36 -2.22 -4.61
N THR A 309 -30.26 -2.66 -5.25
CA THR A 309 -30.31 -2.98 -6.67
C THR A 309 -31.28 -4.13 -6.93
N ILE A 310 -31.23 -5.18 -6.12
CA ILE A 310 -32.14 -6.30 -6.32
C ILE A 310 -33.58 -5.84 -6.20
N MET A 311 -33.94 -5.24 -5.06
CA MET A 311 -35.34 -4.96 -4.81
C MET A 311 -35.89 -3.79 -5.63
N ILE A 312 -35.03 -2.99 -6.25
CA ILE A 312 -35.51 -1.95 -7.15
C ILE A 312 -35.55 -2.44 -8.59
N ASP A 313 -34.45 -3.02 -9.06
CA ASP A 313 -34.35 -3.44 -10.44
C ASP A 313 -35.21 -4.65 -10.76
N THR A 314 -35.61 -5.45 -9.77
CA THR A 314 -36.57 -6.52 -10.06
C THR A 314 -37.89 -5.93 -10.54
N ILE A 315 -38.44 -4.98 -9.78
CA ILE A 315 -39.69 -4.33 -10.18
C ILE A 315 -39.48 -3.52 -11.44
N MET A 316 -38.33 -2.86 -11.57
CA MET A 316 -38.04 -2.08 -12.77
C MET A 316 -38.04 -2.95 -14.01
N ALA A 317 -37.39 -4.11 -13.94
CA ALA A 317 -37.36 -5.04 -15.07
C ALA A 317 -38.73 -5.63 -15.35
N VAL A 318 -39.50 -5.92 -14.30
CA VAL A 318 -40.85 -6.45 -14.52
C VAL A 318 -41.70 -5.44 -15.29
N ILE A 319 -41.68 -4.18 -14.85
CA ILE A 319 -42.46 -3.15 -15.53
C ILE A 319 -41.97 -2.94 -16.95
N GLY A 320 -40.65 -2.91 -17.14
CA GLY A 320 -40.10 -2.73 -18.47
C GLY A 320 -40.47 -3.87 -19.41
N GLY A 321 -40.40 -5.10 -18.92
CA GLY A 321 -40.79 -6.24 -19.75
C GLY A 321 -42.27 -6.22 -20.09
N ILE A 322 -43.11 -5.86 -19.12
CA ILE A 322 -44.54 -5.76 -19.40
C ILE A 322 -44.80 -4.72 -20.48
N LEU A 323 -44.15 -3.55 -20.37
CA LEU A 323 -44.35 -2.51 -21.37
C LEU A 323 -43.82 -2.92 -22.75
N LEU A 324 -42.66 -3.59 -22.78
CA LEU A 324 -42.12 -4.05 -24.06
C LEU A 324 -43.04 -5.07 -24.71
N TYR A 325 -43.59 -6.00 -23.92
CA TYR A 325 -44.53 -6.96 -24.47
C TYR A 325 -45.82 -6.28 -24.93
N ILE A 326 -46.21 -5.20 -24.27
CA ILE A 326 -47.37 -4.43 -24.71
C ILE A 326 -47.08 -3.79 -26.07
N GLN A 327 -45.89 -3.22 -26.24
CA GLN A 327 -45.55 -2.57 -27.51
C GLN A 327 -45.50 -3.58 -28.65
N ASN A 328 -44.74 -4.66 -28.49
CA ASN A 328 -44.64 -5.69 -29.51
C ASN A 328 -44.01 -6.93 -28.90
N SER A 329 -44.60 -8.10 -29.18
CA SER A 329 -44.12 -9.34 -28.59
C SER A 329 -42.80 -9.78 -29.20
N SER A 330 -42.68 -9.70 -30.52
CA SER A 330 -41.48 -10.21 -31.19
C SER A 330 -40.24 -9.41 -30.80
N LEU A 331 -40.35 -8.08 -30.75
CA LEU A 331 -39.21 -7.27 -30.34
C LEU A 331 -38.85 -7.51 -28.88
N PHE A 332 -39.84 -7.76 -28.02
CA PHE A 332 -39.56 -8.10 -26.63
C PHE A 332 -38.81 -9.43 -26.54
N PHE A 333 -39.21 -10.41 -27.35
CA PHE A 333 -38.51 -11.69 -27.38
C PHE A 333 -37.08 -11.51 -27.86
N ILE A 334 -36.87 -10.67 -28.87
CA ILE A 334 -35.52 -10.40 -29.36
C ILE A 334 -34.67 -9.77 -28.26
N SER A 335 -35.23 -8.79 -27.53
CA SER A 335 -34.49 -8.16 -26.44
C SER A 335 -34.18 -9.15 -25.33
N PHE A 336 -35.12 -10.03 -25.02
CA PHE A 336 -34.87 -11.07 -24.02
C PHE A 336 -33.74 -11.99 -24.45
N ILE A 337 -33.71 -12.36 -25.74
CA ILE A 337 -32.62 -13.19 -26.24
C ILE A 337 -31.29 -12.44 -26.14
N ILE A 338 -31.30 -11.14 -26.44
CA ILE A 338 -30.08 -10.34 -26.36
C ILE A 338 -29.55 -10.34 -24.93
N ILE A 339 -30.42 -10.10 -23.95
CA ILE A 339 -29.97 -10.02 -22.57
C ILE A 339 -29.55 -11.38 -22.06
N LEU A 340 -30.20 -12.46 -22.52
CA LEU A 340 -29.77 -13.80 -22.17
C LEU A 340 -28.37 -14.09 -22.70
N LEU A 341 -28.10 -13.71 -23.94
CA LEU A 341 -26.77 -13.91 -24.51
C LEU A 341 -25.72 -13.11 -23.75
N TYR A 342 -26.03 -11.85 -23.40
CA TYR A 342 -25.08 -11.05 -22.64
C TYR A 342 -24.80 -11.68 -21.28
N GLY A 343 -25.85 -12.14 -20.59
CA GLY A 343 -25.65 -12.79 -19.31
C GLY A 343 -24.82 -14.05 -19.42
N ILE A 344 -25.07 -14.85 -20.46
CA ILE A 344 -24.30 -16.07 -20.66
C ILE A 344 -22.82 -15.74 -20.87
N ILE A 345 -22.54 -14.74 -21.71
CA ILE A 345 -21.15 -14.37 -21.98
C ILE A 345 -20.46 -13.91 -20.71
N VAL A 346 -21.14 -13.04 -19.94
CA VAL A 346 -20.54 -12.52 -18.71
C VAL A 346 -20.30 -13.65 -17.71
N THR A 347 -21.27 -14.54 -17.54
CA THR A 347 -21.11 -15.64 -16.60
C THR A 347 -19.97 -16.57 -17.01
N VAL A 348 -19.84 -16.84 -18.31
CA VAL A 348 -18.75 -17.69 -18.78
C VAL A 348 -17.40 -17.01 -18.55
N PHE A 349 -17.31 -15.71 -18.80
CA PHE A 349 -16.02 -15.02 -18.68
C PHE A 349 -15.70 -14.59 -17.24
N ASN A 350 -16.61 -14.79 -16.29
CA ASN A 350 -16.35 -14.37 -14.91
C ASN A 350 -15.12 -15.05 -14.32
N LYS A 351 -15.06 -16.37 -14.39
CA LYS A 351 -13.98 -17.10 -13.72
C LYS A 351 -12.59 -16.81 -14.28
N PRO A 352 -12.36 -16.85 -15.60
CA PRO A 352 -11.01 -16.53 -16.10
C PRO A 352 -10.54 -15.14 -15.73
N ILE A 353 -11.45 -14.17 -15.64
CA ILE A 353 -11.07 -12.82 -15.23
C ILE A 353 -10.52 -12.83 -13.81
N GLN A 354 -11.20 -13.54 -12.90
CA GLN A 354 -10.73 -13.65 -11.53
C GLN A 354 -9.38 -14.36 -11.47
N ASN A 355 -9.24 -15.45 -12.23
CA ASN A 355 -7.97 -16.18 -12.23
C ASN A 355 -6.82 -15.32 -12.75
N ALA A 356 -7.07 -14.52 -13.79
CA ALA A 356 -6.03 -13.66 -14.34
C ALA A 356 -5.70 -12.51 -13.39
N ASN A 357 -6.71 -11.99 -12.69
CA ASN A 357 -6.46 -10.89 -11.75
C ASN A 357 -5.81 -11.37 -10.47
N ARG A 358 -5.91 -12.66 -10.15
CA ARG A 358 -5.17 -13.18 -9.01
C ARG A 358 -3.68 -13.32 -9.33
N GLN A 359 -3.35 -13.79 -10.53
CA GLN A 359 -1.95 -14.03 -10.89
C GLN A 359 -1.17 -12.73 -11.01
N ILE A 360 -1.81 -11.66 -11.51
CA ILE A 360 -1.11 -10.39 -11.65
C ILE A 360 -0.74 -9.82 -10.29
N MET A 361 -1.57 -10.05 -9.26
CA MET A 361 -1.24 -9.57 -7.93
C MET A 361 -0.01 -10.28 -7.37
N GLU A 362 0.10 -11.59 -7.61
CA GLU A 362 1.26 -12.34 -7.13
C GLU A 362 2.54 -11.86 -7.80
N ASP A 363 2.50 -11.66 -9.13
CA ASP A 363 3.69 -11.19 -9.84
C ASP A 363 4.06 -9.78 -9.42
N ASN A 364 3.07 -8.91 -9.22
CA ASN A 364 3.35 -7.56 -8.76
C ASN A 364 3.96 -7.57 -7.37
N ALA A 365 3.44 -8.43 -6.48
CA ALA A 365 4.00 -8.53 -5.14
C ALA A 365 5.44 -9.04 -5.18
N LYS A 366 5.72 -10.04 -6.01
CA LYS A 366 7.09 -10.52 -6.15
C LYS A 366 8.00 -9.43 -6.69
N LEU A 367 7.53 -8.68 -7.69
CA LEU A 367 8.34 -7.61 -8.27
C LEU A 367 8.65 -6.52 -7.24
N THR A 368 7.65 -6.11 -6.46
CA THR A 368 7.88 -5.05 -5.48
C THR A 368 8.74 -5.56 -4.32
N SER A 369 8.62 -6.84 -3.96
CA SER A 369 9.51 -7.39 -2.94
C SER A 369 10.95 -7.41 -3.43
N ALA A 370 11.17 -7.81 -4.69
CA ALA A 370 12.52 -7.76 -5.25
C ALA A 370 13.04 -6.33 -5.28
N LEU A 371 12.20 -5.38 -5.66
CA LEU A 371 12.61 -3.98 -5.73
C LEU A 371 13.01 -3.45 -4.36
N VAL A 372 12.20 -3.76 -3.34
CA VAL A 372 12.49 -3.24 -2.00
C VAL A 372 13.73 -3.91 -1.43
N GLU A 373 13.92 -5.20 -1.69
CA GLU A 373 15.11 -5.87 -1.18
C GLU A 373 16.37 -5.44 -1.93
N SER A 374 16.22 -4.99 -3.17
CA SER A 374 17.37 -4.45 -3.89
C SER A 374 17.71 -3.03 -3.44
N VAL A 375 16.69 -2.21 -3.19
CA VAL A 375 16.95 -0.83 -2.77
C VAL A 375 17.50 -0.79 -1.35
N LYS A 376 16.97 -1.63 -0.46
CA LYS A 376 17.46 -1.63 0.92
C LYS A 376 18.91 -2.08 0.99
N GLY A 377 19.26 -3.13 0.24
CA GLY A 377 20.63 -3.64 0.25
C GLY A 377 21.51 -3.08 -0.84
N ILE A 378 21.48 -1.75 -1.02
CA ILE A 378 22.30 -1.14 -2.06
C ILE A 378 23.78 -1.24 -1.72
N GLU A 379 24.13 -1.26 -0.43
CA GLU A 379 25.53 -1.29 -0.03
C GLU A 379 26.21 -2.57 -0.50
N THR A 380 25.56 -3.72 -0.29
CA THR A 380 26.13 -4.99 -0.70
C THR A 380 26.26 -5.07 -2.22
N ILE A 381 25.25 -4.58 -2.94
CA ILE A 381 25.29 -4.62 -4.41
C ILE A 381 26.44 -3.76 -4.92
N LYS A 382 26.60 -2.56 -4.35
CA LYS A 382 27.67 -1.67 -4.80
C LYS A 382 29.05 -2.25 -4.45
N SER A 383 29.16 -2.89 -3.28
CA SER A 383 30.45 -3.43 -2.86
C SER A 383 30.92 -4.53 -3.79
N PHE A 384 30.02 -5.39 -4.26
CA PHE A 384 30.36 -6.51 -5.11
C PHE A 384 30.15 -6.23 -6.59
N GLY A 385 29.72 -5.03 -6.95
CA GLY A 385 29.53 -4.68 -8.35
C GLY A 385 28.49 -5.52 -9.06
N ALA A 386 27.35 -5.76 -8.40
CA ALA A 386 26.28 -6.59 -8.96
C ALA A 386 25.11 -5.75 -9.46
N GLU A 387 25.38 -4.59 -10.05
CA GLU A 387 24.32 -3.78 -10.62
C GLU A 387 23.66 -4.48 -11.80
N GLU A 388 24.46 -5.08 -12.68
CA GLU A 388 23.92 -5.68 -13.90
C GLU A 388 23.06 -6.90 -13.60
N GLN A 389 23.50 -7.74 -12.65
CA GLN A 389 22.73 -8.93 -12.30
C GLN A 389 21.37 -8.56 -11.70
N THR A 390 21.37 -7.59 -10.79
CA THR A 390 20.11 -7.14 -10.19
C THR A 390 19.23 -6.49 -11.25
N GLU A 391 19.82 -5.73 -12.16
CA GLU A 391 19.05 -5.12 -13.25
C GLU A 391 18.40 -6.18 -14.11
N LYS A 392 19.12 -7.25 -14.44
CA LYS A 392 18.56 -8.33 -15.25
C LYS A 392 17.45 -9.05 -14.51
N SER A 393 17.63 -9.30 -13.21
CA SER A 393 16.58 -9.96 -12.44
C SER A 393 15.32 -9.10 -12.37
N THR A 394 15.48 -7.79 -12.17
CA THR A 394 14.33 -6.89 -12.15
C THR A 394 13.66 -6.83 -13.52
N ARG A 395 14.45 -6.87 -14.59
CA ARG A 395 13.88 -6.90 -15.93
C ARG A 395 13.05 -8.16 -16.15
N ASP A 396 13.54 -9.30 -15.66
CA ASP A 396 12.77 -10.54 -15.77
C ASP A 396 11.46 -10.44 -14.99
N LYS A 397 11.52 -9.89 -13.77
CA LYS A 397 10.31 -9.73 -12.98
C LYS A 397 9.30 -8.83 -13.68
N ILE A 398 9.77 -7.71 -14.23
CA ILE A 398 8.89 -6.78 -14.93
C ILE A 398 8.29 -7.44 -16.16
N GLU A 399 9.08 -8.23 -16.88
CA GLU A 399 8.56 -8.91 -18.07
C GLU A 399 7.48 -9.91 -17.71
N THR A 400 7.66 -10.65 -16.61
CA THR A 400 6.62 -11.58 -16.17
C THR A 400 5.35 -10.82 -15.78
N VAL A 401 5.50 -9.71 -15.07
CA VAL A 401 4.34 -8.90 -14.69
C VAL A 401 3.61 -8.41 -15.94
N MET A 402 4.36 -7.94 -16.94
CA MET A 402 3.74 -7.46 -18.17
C MET A 402 3.03 -8.58 -18.91
N LYS A 403 3.59 -9.79 -18.90
CA LYS A 403 2.92 -10.91 -19.53
C LYS A 403 1.59 -11.22 -18.86
N SER A 404 1.57 -11.23 -17.52
CA SER A 404 0.33 -11.47 -16.81
C SER A 404 -0.70 -10.36 -17.09
N SER A 405 -0.24 -9.11 -17.11
CA SER A 405 -1.13 -7.99 -17.40
C SER A 405 -1.70 -8.09 -18.81
N PHE A 406 -0.88 -8.52 -19.77
CA PHE A 406 -1.36 -8.68 -21.13
C PHE A 406 -2.38 -9.81 -21.23
N LYS A 407 -2.18 -10.89 -20.48
CA LYS A 407 -3.19 -11.95 -20.45
C LYS A 407 -4.52 -11.42 -19.93
N GLU A 408 -4.48 -10.67 -18.82
CA GLU A 408 -5.71 -10.10 -18.27
C GLU A 408 -6.37 -9.15 -19.26
N GLY A 409 -5.56 -8.31 -19.92
CA GLY A 409 -6.10 -7.41 -20.91
C GLY A 409 -6.72 -8.13 -22.09
N MET A 410 -6.14 -9.26 -22.49
CA MET A 410 -6.69 -10.03 -23.60
C MET A 410 -8.03 -10.67 -23.22
N LEU A 411 -8.15 -11.16 -22.00
CA LEU A 411 -9.46 -11.65 -21.54
C LEU A 411 -10.49 -10.51 -21.55
N TYR A 412 -10.10 -9.33 -21.05
CA TYR A 412 -11.01 -8.19 -21.09
C TYR A 412 -11.40 -7.84 -22.51
N ILE A 413 -10.44 -7.87 -23.44
CA ILE A 413 -10.72 -7.51 -24.83
C ILE A 413 -11.68 -8.50 -25.46
N ASN A 414 -11.46 -9.80 -25.22
CA ASN A 414 -12.36 -10.81 -25.77
C ASN A 414 -13.77 -10.64 -25.24
N LEU A 415 -13.90 -10.43 -23.92
CA LEU A 415 -15.23 -10.24 -23.34
C LEU A 415 -15.91 -9.01 -23.90
N SER A 416 -15.16 -7.90 -24.03
CA SER A 416 -15.74 -6.67 -24.55
C SER A 416 -16.15 -6.82 -26.00
N SER A 417 -15.34 -7.53 -26.80
CA SER A 417 -15.69 -7.74 -28.20
C SER A 417 -16.95 -8.59 -28.34
N LEU A 418 -17.07 -9.65 -27.54
CA LEU A 418 -18.27 -10.48 -27.59
C LEU A 418 -19.50 -9.69 -27.17
N THR A 419 -19.39 -8.91 -26.09
CA THR A 419 -20.50 -8.08 -25.66
C THR A 419 -20.88 -7.05 -26.73
N GLY A 420 -19.87 -6.47 -27.38
CA GLY A 420 -20.14 -5.49 -28.42
C GLY A 420 -20.85 -6.08 -29.61
N ILE A 421 -20.40 -7.24 -30.10
CA ILE A 421 -21.08 -7.86 -31.23
C ILE A 421 -22.51 -8.23 -30.84
N VAL A 422 -22.70 -8.75 -29.63
CA VAL A 422 -24.04 -9.14 -29.20
C VAL A 422 -24.96 -7.92 -29.19
N ALA A 423 -24.51 -6.83 -28.56
CA ALA A 423 -25.35 -5.64 -28.43
C ALA A 423 -25.65 -5.02 -29.79
N GLY A 424 -24.63 -4.89 -30.64
CA GLY A 424 -24.83 -4.28 -31.94
C GLY A 424 -25.74 -5.09 -32.84
N LEU A 425 -25.52 -6.41 -32.90
CA LEU A 425 -26.38 -7.27 -33.70
C LEU A 425 -27.81 -7.24 -33.16
N GLY A 426 -27.96 -7.21 -31.83
CA GLY A 426 -29.28 -7.14 -31.26
C GLY A 426 -30.01 -5.85 -31.62
N GLY A 427 -29.31 -4.71 -31.53
CA GLY A 427 -29.93 -3.46 -31.91
C GLY A 427 -30.31 -3.41 -33.38
N ILE A 428 -29.42 -3.90 -34.25
CA ILE A 428 -29.70 -3.89 -35.68
C ILE A 428 -30.87 -4.80 -36.01
N VAL A 429 -30.93 -5.99 -35.39
CA VAL A 429 -32.02 -6.91 -35.62
C VAL A 429 -33.33 -6.34 -35.07
N ILE A 430 -33.28 -5.64 -33.95
CA ILE A 430 -34.48 -5.00 -33.41
C ILE A 430 -35.01 -3.97 -34.39
N LEU A 431 -34.13 -3.13 -34.93
CA LEU A 431 -34.57 -2.14 -35.91
C LEU A 431 -35.12 -2.80 -37.16
N TRP A 432 -34.47 -3.87 -37.62
CA TRP A 432 -34.90 -4.57 -38.82
C TRP A 432 -36.30 -5.17 -38.63
N ALA A 433 -36.50 -5.90 -37.54
CA ALA A 433 -37.79 -6.52 -37.28
C ALA A 433 -38.87 -5.48 -37.01
N GLY A 434 -38.52 -4.37 -36.36
CA GLY A 434 -39.49 -3.31 -36.16
C GLY A 434 -39.93 -2.68 -37.47
N ALA A 435 -38.99 -2.45 -38.38
CA ALA A 435 -39.34 -1.93 -39.69
C ALA A 435 -40.20 -2.92 -40.47
N TYR A 436 -39.89 -4.21 -40.36
CA TYR A 436 -40.72 -5.23 -41.01
C TYR A 436 -42.14 -5.22 -40.45
N ASN A 437 -42.28 -5.11 -39.13
CA ASN A 437 -43.60 -5.07 -38.52
C ASN A 437 -44.37 -3.83 -38.93
N VAL A 438 -43.69 -2.68 -38.97
CA VAL A 438 -44.35 -1.44 -39.38
C VAL A 438 -44.81 -1.54 -40.83
N ILE A 439 -43.98 -2.11 -41.70
CA ILE A 439 -44.37 -2.31 -43.10
C ILE A 439 -45.58 -3.24 -43.18
N LYS A 440 -45.59 -4.31 -42.39
CA LYS A 440 -46.72 -5.22 -42.38
C LYS A 440 -47.96 -4.61 -41.72
N GLY A 441 -47.82 -3.47 -41.06
CA GLY A 441 -48.95 -2.80 -40.44
C GLY A 441 -49.30 -3.26 -39.04
N ASN A 442 -48.47 -4.10 -38.42
CA ASN A 442 -48.73 -4.62 -37.09
C ASN A 442 -48.20 -3.72 -35.98
N MET A 443 -47.58 -2.59 -36.31
CA MET A 443 -46.95 -1.76 -35.30
C MET A 443 -46.72 -0.37 -35.89
N SER A 444 -46.94 0.66 -35.08
CA SER A 444 -46.88 2.03 -35.56
C SER A 444 -45.43 2.47 -35.78
N GLY A 445 -45.29 3.57 -36.53
CA GLY A 445 -43.95 4.08 -36.83
C GLY A 445 -43.23 4.61 -35.60
N GLY A 446 -43.93 5.39 -34.77
CA GLY A 446 -43.32 5.91 -33.56
C GLY A 446 -43.21 4.89 -32.45
N GLN A 447 -43.98 3.81 -32.52
CA GLN A 447 -43.87 2.76 -31.52
C GLN A 447 -42.51 2.08 -31.57
N LEU A 448 -41.88 2.03 -32.74
CA LEU A 448 -40.53 1.46 -32.84
C LEU A 448 -39.54 2.26 -32.01
N LEU A 449 -39.57 3.58 -32.14
CA LEU A 449 -38.66 4.41 -31.35
C LEU A 449 -39.08 4.43 -29.88
N ALA A 450 -40.37 4.31 -29.59
CA ALA A 450 -40.79 4.18 -28.20
C ALA A 450 -40.23 2.90 -27.58
N PHE A 451 -40.24 1.80 -28.32
CA PHE A 451 -39.63 0.56 -27.85
C PHE A 451 -38.12 0.72 -27.69
N ASN A 452 -37.48 1.41 -28.63
CA ASN A 452 -36.04 1.64 -28.52
C ASN A 452 -35.70 2.43 -27.26
N ALA A 453 -36.50 3.46 -26.96
CA ALA A 453 -36.26 4.26 -25.76
C ALA A 453 -36.58 3.48 -24.49
N LEU A 454 -37.61 2.63 -24.53
CA LEU A 454 -37.96 1.80 -23.38
C LEU A 454 -36.98 0.66 -23.17
N LEU A 455 -36.15 0.35 -24.18
CA LEU A 455 -35.15 -0.70 -24.02
C LEU A 455 -34.20 -0.41 -22.87
N ALA A 456 -33.96 0.87 -22.57
CA ALA A 456 -33.05 1.24 -21.50
C ALA A 456 -33.60 0.92 -20.12
N TYR A 457 -34.89 0.57 -20.01
CA TYR A 457 -35.50 0.25 -18.72
C TYR A 457 -35.78 -1.24 -18.57
N PHE A 458 -35.25 -2.07 -19.48
CA PHE A 458 -35.37 -3.52 -19.35
C PHE A 458 -34.02 -4.17 -19.50
N LEU A 459 -33.11 -3.51 -20.23
CA LEU A 459 -31.76 -4.04 -20.40
C LEU A 459 -30.86 -3.65 -19.23
N THR A 460 -30.90 -2.38 -18.82
CA THR A 460 -30.09 -1.93 -17.69
C THR A 460 -30.45 -2.63 -16.38
N PRO A 461 -31.73 -2.80 -16.01
CA PRO A 461 -32.01 -3.53 -14.76
C PRO A 461 -31.47 -4.95 -14.75
N VAL A 462 -31.70 -5.71 -15.82
CA VAL A 462 -31.23 -7.09 -15.85
C VAL A 462 -29.71 -7.14 -15.90
N LYS A 463 -29.09 -6.18 -16.60
CA LYS A 463 -27.63 -6.13 -16.63
C LYS A 463 -27.07 -5.85 -15.24
N ASN A 464 -27.68 -4.93 -14.49
CA ASN A 464 -27.24 -4.65 -13.13
C ASN A 464 -27.44 -5.85 -12.22
N LEU A 465 -28.55 -6.58 -12.40
CA LEU A 465 -28.78 -7.78 -11.60
C LEU A 465 -27.74 -8.85 -11.91
N ILE A 466 -27.39 -9.00 -13.19
CA ILE A 466 -26.38 -9.98 -13.58
C ILE A 466 -25.01 -9.59 -13.04
N ASP A 467 -24.71 -8.29 -13.01
CA ASP A 467 -23.41 -7.80 -12.56
C ASP A 467 -23.23 -7.88 -11.05
N LEU A 468 -24.11 -8.53 -10.30
CA LEU A 468 -23.97 -8.63 -8.85
C LEU A 468 -23.19 -9.86 -8.40
N GLN A 469 -22.86 -10.78 -9.32
CA GLN A 469 -22.10 -11.96 -8.93
C GLN A 469 -20.73 -11.63 -8.35
N PRO A 470 -19.89 -10.81 -8.99
CA PRO A 470 -18.60 -10.47 -8.36
C PRO A 470 -18.76 -9.77 -7.03
N LEU A 471 -19.67 -8.80 -6.95
CA LEU A 471 -19.90 -8.09 -5.69
C LEU A 471 -20.33 -9.06 -4.60
N ILE A 472 -21.31 -9.91 -4.88
CA ILE A 472 -21.83 -10.82 -3.87
C ILE A 472 -20.76 -11.81 -3.43
N GLN A 473 -20.02 -12.39 -4.38
CA GLN A 473 -19.01 -13.37 -4.03
C GLN A 473 -17.88 -12.75 -3.21
N THR A 474 -17.30 -11.65 -3.70
CA THR A 474 -16.22 -11.00 -2.99
C THR A 474 -16.67 -10.52 -1.61
N ALA A 475 -17.89 -10.02 -1.51
CA ALA A 475 -18.37 -9.52 -0.24
C ALA A 475 -18.73 -10.62 0.74
N VAL A 476 -19.17 -11.79 0.25
CA VAL A 476 -19.35 -12.93 1.16
C VAL A 476 -18.01 -13.37 1.70
N VAL A 477 -16.99 -13.42 0.84
CA VAL A 477 -15.65 -13.77 1.31
C VAL A 477 -15.17 -12.76 2.35
N ALA A 478 -15.36 -11.47 2.07
CA ALA A 478 -14.94 -10.43 3.02
C ALA A 478 -15.73 -10.50 4.32
N SER A 479 -17.02 -10.81 4.24
CA SER A 479 -17.83 -10.92 5.45
C SER A 479 -17.35 -12.06 6.32
N ASN A 480 -17.08 -13.22 5.73
CA ASN A 480 -16.52 -14.32 6.51
C ASN A 480 -15.18 -13.92 7.13
N ARG A 481 -14.31 -13.30 6.32
CA ARG A 481 -12.98 -12.93 6.79
C ARG A 481 -13.05 -11.96 7.96
N LEU A 482 -13.93 -10.96 7.87
CA LEU A 482 -14.01 -9.94 8.91
C LEU A 482 -14.72 -10.47 10.15
N GLY A 483 -15.75 -11.30 9.96
CA GLY A 483 -16.58 -11.71 11.08
C GLY A 483 -16.11 -12.92 11.83
N GLU A 484 -15.24 -13.74 11.24
CA GLU A 484 -14.70 -14.87 11.99
C GLU A 484 -13.88 -14.42 13.18
N ILE A 485 -13.34 -13.19 13.14
CA ILE A 485 -12.68 -12.62 14.30
C ILE A 485 -13.68 -12.29 15.40
N LEU A 486 -14.85 -11.76 15.01
CA LEU A 486 -15.85 -11.34 15.99
C LEU A 486 -16.41 -12.50 16.80
N GLU A 487 -16.26 -13.74 16.33
CA GLU A 487 -16.68 -14.90 17.11
C GLU A 487 -15.65 -15.32 18.14
N LEU A 488 -14.44 -14.78 18.09
CA LEU A 488 -13.40 -15.16 19.03
C LEU A 488 -13.71 -14.64 20.43
N ALA A 489 -13.43 -15.46 21.43
CA ALA A 489 -13.59 -15.04 22.81
C ALA A 489 -12.55 -13.99 23.16
N THR A 490 -12.96 -12.96 23.89
CA THR A 490 -12.06 -11.91 24.30
C THR A 490 -11.34 -12.31 25.59
N GLU A 491 -10.55 -11.39 26.13
CA GLU A 491 -9.77 -11.69 27.33
C GLU A 491 -10.65 -11.75 28.57
N LYS A 492 -11.73 -10.98 28.60
CA LYS A 492 -12.52 -10.86 29.82
C LYS A 492 -13.25 -12.15 30.16
N GLU A 493 -13.93 -12.76 29.18
CA GLU A 493 -14.76 -13.92 29.45
C GLU A 493 -13.97 -15.23 29.48
N LEU A 494 -12.68 -15.21 29.17
CA LEU A 494 -11.86 -16.41 29.27
C LEU A 494 -11.42 -16.71 30.69
N ARG A 495 -11.70 -15.82 31.64
CA ARG A 495 -11.25 -15.99 33.01
C ARG A 495 -12.17 -16.94 33.79
N GLU A 496 -11.65 -17.44 34.89
CA GLU A 496 -12.40 -18.22 35.85
C GLU A 496 -13.00 -17.26 36.89
N ASP A 497 -13.49 -17.80 38.00
CA ASP A 497 -14.00 -16.96 39.07
C ASP A 497 -12.89 -16.03 39.60
N SER A 498 -13.32 -14.98 40.30
CA SER A 498 -12.40 -13.93 40.70
C SER A 498 -12.86 -13.38 42.05
N ASP A 499 -12.36 -12.21 42.41
CA ASP A 499 -12.64 -11.54 43.69
C ASP A 499 -12.07 -12.34 44.84
N ASP A 500 -12.59 -12.12 46.05
CA ASP A 500 -12.11 -12.66 47.32
C ASP A 500 -10.73 -12.14 47.69
N PHE A 501 -10.14 -11.25 46.87
CA PHE A 501 -8.85 -10.65 47.18
C PHE A 501 -8.88 -9.23 46.58
N VAL A 502 -9.28 -8.27 47.40
CA VAL A 502 -9.50 -6.90 46.93
C VAL A 502 -8.27 -6.03 47.12
N ILE A 503 -7.56 -6.22 48.24
CA ILE A 503 -6.35 -5.44 48.48
C ILE A 503 -5.33 -5.74 47.40
N SER A 504 -4.64 -4.71 46.94
CA SER A 504 -3.64 -4.86 45.89
C SER A 504 -2.55 -5.84 46.34
N LEU A 505 -2.17 -6.74 45.45
CA LEU A 505 -1.24 -7.80 45.82
C LEU A 505 0.14 -7.23 46.09
N LYS A 506 0.72 -7.61 47.23
CA LYS A 506 2.04 -7.15 47.62
C LYS A 506 2.87 -8.21 48.32
N GLY A 507 2.37 -9.43 48.44
CA GLY A 507 3.01 -10.47 49.23
C GLY A 507 4.04 -11.28 48.47
N ASP A 508 4.37 -12.44 49.05
CA ASP A 508 5.37 -13.32 48.48
C ASP A 508 4.91 -13.87 47.12
N ILE A 509 5.85 -13.99 46.20
CA ILE A 509 5.59 -14.51 44.85
C ILE A 509 6.12 -15.94 44.78
N GLU A 510 5.32 -16.84 44.23
CA GLU A 510 5.72 -18.24 44.09
C GLU A 510 5.41 -18.73 42.69
N PHE A 511 6.29 -19.58 42.18
CA PHE A 511 6.08 -20.27 40.91
C PHE A 511 5.99 -21.77 41.17
N ARG A 512 4.93 -22.39 40.65
CA ARG A 512 4.66 -23.81 40.87
C ARG A 512 4.83 -24.54 39.54
N ASN A 513 6.05 -25.05 39.32
CA ASN A 513 6.42 -25.93 38.19
C ASN A 513 5.67 -25.57 36.91
N VAL A 514 5.66 -24.29 36.59
CA VAL A 514 4.91 -23.78 35.45
C VAL A 514 5.68 -24.04 34.16
N ASP A 515 4.94 -24.34 33.09
CA ASP A 515 5.51 -24.51 31.76
C ASP A 515 4.75 -23.64 30.78
N PHE A 516 5.46 -23.13 29.78
CA PHE A 516 4.88 -22.28 28.75
C PHE A 516 5.42 -22.71 27.38
N ARG A 517 4.53 -22.78 26.40
CA ARG A 517 4.89 -23.22 25.06
C ARG A 517 5.05 -22.08 24.07
N TYR A 518 4.38 -20.94 24.31
CA TYR A 518 4.40 -19.80 23.39
C TYR A 518 3.85 -20.21 22.02
N GLY A 519 2.60 -20.67 22.03
CA GLY A 519 1.98 -21.21 20.83
C GLY A 519 2.03 -22.71 20.80
N LEU A 520 2.35 -23.28 19.63
CA LEU A 520 2.56 -24.71 19.50
C LEU A 520 3.99 -25.05 19.09
N ARG A 521 4.93 -24.13 19.33
CA ARG A 521 6.34 -24.36 19.01
C ARG A 521 6.98 -25.20 20.11
N LYS A 522 8.30 -25.33 20.07
CA LYS A 522 9.00 -26.09 21.09
C LYS A 522 8.93 -25.37 22.43
N PRO A 523 8.75 -26.10 23.53
CA PRO A 523 8.71 -25.45 24.84
C PRO A 523 10.01 -24.73 25.16
N VAL A 524 9.90 -23.57 25.79
CA VAL A 524 11.05 -22.77 26.17
C VAL A 524 10.92 -22.36 27.64
N LEU A 525 9.92 -22.93 28.32
CA LEU A 525 9.72 -22.66 29.74
C LEU A 525 9.61 -23.95 30.53
N LYS A 526 10.57 -24.87 30.35
CA LYS A 526 10.60 -26.12 31.10
C LYS A 526 10.57 -25.84 32.60
N ASN A 527 10.25 -26.87 33.39
CA ASN A 527 9.86 -26.75 34.79
C ASN A 527 10.67 -25.70 35.55
N ILE A 528 9.96 -24.74 36.14
CA ILE A 528 10.58 -23.67 36.92
C ILE A 528 9.84 -23.55 38.25
N ASN A 529 10.59 -23.56 39.36
CA ASN A 529 10.04 -23.31 40.68
C ASN A 529 10.93 -22.30 41.38
N LEU A 530 10.32 -21.22 41.88
CA LEU A 530 11.07 -20.17 42.55
C LEU A 530 10.15 -19.42 43.49
N THR A 531 10.76 -18.63 44.38
CA THR A 531 10.02 -17.88 45.39
C THR A 531 10.72 -16.56 45.65
N ILE A 532 9.98 -15.47 45.50
CA ILE A 532 10.47 -14.12 45.77
C ILE A 532 9.74 -13.58 46.99
N PRO A 533 10.39 -13.52 48.16
CA PRO A 533 9.75 -13.00 49.38
C PRO A 533 9.93 -11.48 49.54
N LYS A 534 9.12 -10.74 48.77
CA LYS A 534 9.16 -9.27 48.74
C LYS A 534 10.57 -8.87 48.32
N GLY A 535 11.32 -8.12 49.13
CA GLY A 535 12.67 -7.77 48.79
C GLY A 535 12.72 -6.68 47.72
N LYS A 536 13.92 -6.53 47.14
CA LYS A 536 14.16 -5.51 46.13
C LYS A 536 14.89 -6.03 44.90
N THR A 537 15.64 -7.13 44.99
CA THR A 537 16.46 -7.61 43.89
C THR A 537 16.21 -9.09 43.68
N VAL A 538 16.00 -9.47 42.41
CA VAL A 538 15.84 -10.86 42.01
C VAL A 538 16.70 -11.11 40.79
N ALA A 539 16.54 -12.28 40.17
CA ALA A 539 17.32 -12.70 39.01
C ALA A 539 17.60 -11.55 38.04
N ILE A 540 18.86 -11.37 37.71
CA ILE A 540 19.30 -10.33 36.79
C ILE A 540 19.53 -10.89 35.39
N VAL A 541 20.26 -12.00 35.29
CA VAL A 541 20.59 -12.63 34.02
C VAL A 541 20.42 -14.14 34.15
N GLY A 542 19.89 -14.77 33.09
CA GLY A 542 19.88 -16.21 33.03
C GLY A 542 20.71 -16.73 31.87
N GLU A 543 20.70 -15.98 30.77
CA GLU A 543 21.50 -16.23 29.56
C GLU A 543 21.17 -15.11 28.58
N SER A 544 22.02 -14.97 27.57
CA SER A 544 21.82 -13.95 26.54
C SER A 544 20.83 -14.45 25.50
N GLY A 545 19.56 -14.47 25.91
CA GLY A 545 18.49 -14.92 25.02
C GLY A 545 17.76 -16.15 25.52
N SER A 546 17.74 -16.35 26.83
CA SER A 546 17.09 -17.53 27.42
C SER A 546 15.60 -17.36 27.60
N GLY A 547 15.06 -16.15 27.43
CA GLY A 547 13.64 -15.93 27.66
C GLY A 547 13.35 -15.35 29.03
N LYS A 548 14.08 -14.29 29.40
CA LYS A 548 13.81 -13.62 30.68
C LYS A 548 12.57 -12.72 30.61
N THR A 549 12.23 -12.22 29.42
CA THR A 549 11.04 -11.38 29.30
C THR A 549 9.75 -12.20 29.26
N THR A 550 9.80 -13.42 28.74
CA THR A 550 8.57 -14.19 28.55
C THR A 550 7.91 -14.56 29.87
N LEU A 551 8.69 -14.96 30.87
CA LEU A 551 8.08 -15.25 32.17
C LEU A 551 7.71 -13.97 32.91
N ALA A 552 8.34 -12.84 32.57
CA ALA A 552 7.89 -11.56 33.09
C ALA A 552 6.50 -11.22 32.57
N LYS A 553 6.26 -11.44 31.27
CA LYS A 553 4.92 -11.27 30.73
C LYS A 553 3.94 -12.27 31.32
N LEU A 554 4.39 -13.52 31.49
CA LEU A 554 3.54 -14.54 32.10
C LEU A 554 3.13 -14.15 33.51
N LEU A 555 4.04 -13.52 34.26
CA LEU A 555 3.69 -13.02 35.58
C LEU A 555 2.66 -11.90 35.51
N MET A 556 2.74 -11.05 34.48
CA MET A 556 1.77 -9.98 34.26
C MET A 556 0.45 -10.51 33.72
N ASN A 557 0.35 -11.82 33.53
CA ASN A 557 -0.86 -12.52 33.09
C ASN A 557 -1.20 -12.17 31.63
N PHE A 558 -0.19 -11.85 30.81
CA PHE A 558 -0.43 -11.77 29.38
C PHE A 558 -0.73 -13.14 28.80
N TYR A 559 -0.02 -14.16 29.26
CA TYR A 559 -0.20 -15.52 28.79
C TYR A 559 -0.49 -16.44 29.97
N SER A 560 -1.33 -17.43 29.73
CA SER A 560 -1.70 -18.37 30.79
C SER A 560 -0.74 -19.55 30.80
N PRO A 561 -0.05 -19.80 31.91
CA PRO A 561 0.86 -20.95 31.96
C PRO A 561 0.11 -22.27 31.90
N GLU A 562 0.78 -23.28 31.36
CA GLU A 562 0.23 -24.62 31.23
C GLU A 562 0.95 -25.57 32.16
N LYS A 563 0.19 -26.46 32.80
CA LYS A 563 0.72 -27.43 33.76
C LYS A 563 1.49 -26.72 34.88
N GLY A 564 0.77 -25.88 35.60
CA GLY A 564 1.36 -25.14 36.71
C GLY A 564 0.52 -23.92 37.04
N ASP A 565 0.86 -23.33 38.19
CA ASP A 565 0.14 -22.18 38.72
C ASP A 565 1.13 -21.11 39.17
N ILE A 566 0.73 -19.85 39.03
CA ILE A 566 1.50 -18.71 39.50
C ILE A 566 0.86 -18.20 40.77
N LEU A 567 1.65 -18.12 41.84
CA LEU A 567 1.17 -17.69 43.15
C LEU A 567 1.90 -16.44 43.60
N ILE A 568 1.15 -15.38 43.89
CA ILE A 568 1.65 -14.19 44.55
C ILE A 568 0.91 -14.09 45.87
N ASN A 569 0.63 -15.25 46.47
CA ASN A 569 -0.18 -15.53 47.65
C ASN A 569 -1.54 -14.86 47.58
N GLY A 570 -2.00 -14.53 46.38
CA GLY A 570 -3.34 -14.04 46.14
C GLY A 570 -4.26 -15.18 45.73
N HIS A 571 -3.87 -16.41 46.08
CA HIS A 571 -4.69 -17.60 45.82
C HIS A 571 -4.95 -17.78 44.32
N SER A 572 -3.88 -18.17 43.62
CA SER A 572 -3.98 -18.50 42.20
C SER A 572 -4.39 -17.31 41.36
N ILE A 573 -3.46 -16.38 41.14
CA ILE A 573 -3.67 -15.08 40.50
C ILE A 573 -4.62 -15.17 39.30
N LYS A 574 -4.64 -16.30 38.61
CA LYS A 574 -5.62 -16.53 37.55
C LYS A 574 -7.05 -16.38 38.07
N ASN A 575 -7.21 -16.30 39.39
CA ASN A 575 -8.49 -16.00 40.02
C ASN A 575 -8.57 -14.55 40.51
N ILE A 576 -7.84 -13.66 39.84
CA ILE A 576 -7.87 -12.23 40.17
C ILE A 576 -8.18 -11.44 38.91
N SER A 577 -8.97 -10.39 39.07
CA SER A 577 -9.41 -9.58 37.95
C SER A 577 -8.23 -8.89 37.26
N LEU A 578 -8.28 -8.82 35.93
CA LEU A 578 -7.24 -8.16 35.17
C LEU A 578 -7.21 -6.66 35.44
N GLU A 579 -8.33 -6.07 35.86
CA GLU A 579 -8.38 -4.64 36.13
C GLU A 579 -7.47 -4.24 37.28
N LEU A 580 -7.05 -5.20 38.10
CA LEU A 580 -6.08 -4.94 39.17
C LEU A 580 -4.70 -5.51 38.85
N ILE A 581 -4.62 -6.66 38.19
CA ILE A 581 -3.34 -7.26 37.85
C ILE A 581 -2.56 -6.34 36.92
N ARG A 582 -3.20 -5.84 35.88
CA ARG A 582 -2.56 -4.90 34.98
C ARG A 582 -2.40 -3.52 35.59
N LYS A 583 -3.06 -3.25 36.71
CA LYS A 583 -3.03 -1.94 37.35
C LYS A 583 -1.84 -1.78 38.29
N LYS A 584 -1.41 -2.85 38.94
CA LYS A 584 -0.38 -2.78 39.96
C LYS A 584 0.89 -3.53 39.57
N ILE A 585 1.14 -3.68 38.27
CA ILE A 585 2.36 -4.32 37.77
C ILE A 585 2.91 -3.47 36.63
N ALA A 586 4.20 -3.18 36.69
CA ALA A 586 4.88 -2.34 35.70
C ALA A 586 5.86 -3.17 34.88
N PHE A 587 6.34 -2.56 33.79
CA PHE A 587 7.29 -3.22 32.91
C PHE A 587 7.96 -2.17 32.02
N VAL A 588 9.28 -2.18 32.00
CA VAL A 588 10.08 -1.34 31.11
C VAL A 588 11.13 -2.21 30.44
N SER A 589 11.20 -2.16 29.11
CA SER A 589 12.13 -2.99 28.36
C SER A 589 12.91 -2.16 27.33
N GLN A 590 13.67 -2.83 26.46
CA GLN A 590 14.40 -2.13 25.42
C GLN A 590 13.45 -1.55 24.38
N ASP A 591 12.51 -2.37 23.90
CA ASP A 591 11.60 -1.95 22.83
C ASP A 591 10.39 -1.23 23.43
N VAL A 592 10.66 -0.04 23.94
CA VAL A 592 9.61 0.80 24.51
C VAL A 592 8.89 1.51 23.38
N PHE A 593 7.55 1.36 23.35
CA PHE A 593 6.74 1.99 22.33
C PHE A 593 6.17 3.30 22.85
N ILE A 594 6.40 4.37 22.09
CA ILE A 594 5.88 5.69 22.42
C ILE A 594 4.86 6.08 21.37
N PHE A 595 3.68 6.48 21.82
CA PHE A 595 2.59 6.81 20.92
C PHE A 595 2.67 8.26 20.45
N SER A 596 2.21 8.49 19.22
CA SER A 596 2.24 9.83 18.65
C SER A 596 1.28 10.74 19.40
N GLY A 597 1.84 11.76 20.06
CA GLY A 597 1.03 12.66 20.86
C GLY A 597 1.91 13.47 21.78
N THR A 598 1.27 14.38 22.51
CA THR A 598 1.97 15.19 23.48
C THR A 598 2.55 14.31 24.59
N VAL A 599 3.71 14.72 25.11
CA VAL A 599 4.37 13.92 26.14
C VAL A 599 3.53 13.83 27.41
N LYS A 600 2.69 14.84 27.65
CA LYS A 600 1.84 14.81 28.84
C LYS A 600 0.88 13.63 28.81
N GLU A 601 0.26 13.37 27.66
CA GLU A 601 -0.66 12.25 27.54
C GLU A 601 0.09 10.92 27.46
N ASN A 602 1.20 10.89 26.70
CA ASN A 602 1.93 9.65 26.52
C ASN A 602 2.53 9.15 27.83
N LEU A 603 3.10 10.05 28.64
CA LEU A 603 3.70 9.65 29.90
C LEU A 603 2.66 9.17 30.89
N ALA A 604 1.41 9.60 30.73
CA ALA A 604 0.32 9.28 31.64
C ALA A 604 -0.86 8.68 30.89
N LEU A 605 -0.58 7.69 30.04
CA LEU A 605 -1.61 7.05 29.25
C LEU A 605 -2.68 6.43 30.16
N GLY A 606 -3.94 6.69 29.83
CA GLY A 606 -5.05 6.14 30.58
C GLY A 606 -5.10 6.59 32.03
N ASN A 607 -4.94 7.89 32.27
CA ASN A 607 -4.89 8.41 33.64
C ASN A 607 -6.28 8.82 34.14
N GLU A 608 -6.90 9.79 33.48
CA GLU A 608 -8.21 10.37 33.76
C GLU A 608 -8.36 10.85 35.20
N ASN A 609 -7.28 10.85 35.99
CA ASN A 609 -7.30 11.40 37.33
C ASN A 609 -5.99 12.08 37.71
N VAL A 610 -5.09 12.33 36.77
CA VAL A 610 -3.75 12.78 37.05
C VAL A 610 -3.58 14.21 36.53
N ASP A 611 -3.09 15.10 37.38
CA ASP A 611 -2.84 16.48 37.00
C ASP A 611 -1.39 16.65 36.54
N MET A 612 -1.03 17.89 36.21
CA MET A 612 0.33 18.18 35.75
C MET A 612 1.35 17.99 36.86
N ASP A 613 0.99 18.29 38.10
CA ASP A 613 1.94 18.17 39.21
C ASP A 613 2.37 16.72 39.42
N GLU A 614 1.44 15.78 39.29
CA GLU A 614 1.79 14.36 39.46
C GLU A 614 2.75 13.91 38.36
N ILE A 615 2.50 14.35 37.12
CA ILE A 615 3.41 14.00 36.02
C ILE A 615 4.79 14.61 36.25
N ILE A 616 4.84 15.86 36.71
CA ILE A 616 6.12 16.50 36.98
C ILE A 616 6.87 15.75 38.07
N LYS A 617 6.18 15.36 39.14
CA LYS A 617 6.82 14.60 40.20
C LYS A 617 7.34 13.26 39.69
N ALA A 618 6.52 12.56 38.91
CA ALA A 618 6.94 11.26 38.38
C ALA A 618 8.16 11.40 37.49
N ALA A 619 8.22 12.45 36.68
CA ALA A 619 9.44 12.72 35.91
C ALA A 619 10.62 13.05 36.82
N LYS A 620 10.36 13.74 37.93
CA LYS A 620 11.43 14.11 38.84
C LYS A 620 12.07 12.89 39.48
N MET A 621 11.26 11.95 39.99
CA MET A 621 11.85 10.72 40.51
C MET A 621 12.38 9.81 39.40
N ALA A 622 12.03 10.06 38.15
CA ALA A 622 12.58 9.29 37.03
C ALA A 622 13.81 9.94 36.42
N ASN A 623 14.24 11.09 36.95
CA ASN A 623 15.40 11.82 36.42
C ASN A 623 15.24 12.11 34.93
N ALA A 624 14.02 12.48 34.52
CA ALA A 624 13.72 12.79 33.15
C ALA A 624 13.10 14.17 32.95
N HIS A 625 12.95 14.95 34.02
CA HIS A 625 12.35 16.27 33.88
C HIS A 625 13.23 17.19 33.04
N ASP A 626 14.55 17.05 33.13
CA ASP A 626 15.45 17.84 32.31
C ASP A 626 15.24 17.55 30.83
N PHE A 627 15.07 16.28 30.47
CA PHE A 627 14.82 15.93 29.08
C PHE A 627 13.50 16.50 28.59
N ILE A 628 12.47 16.48 29.43
CA ILE A 628 11.18 17.06 29.06
C ILE A 628 11.30 18.56 28.84
N GLU A 629 12.00 19.25 29.75
CA GLU A 629 12.21 20.68 29.59
C GLU A 629 13.12 21.01 28.42
N LYS A 630 13.92 20.04 27.95
CA LYS A 630 14.78 20.28 26.80
C LYS A 630 13.98 20.55 25.53
N LEU A 631 12.79 19.96 25.43
CA LEU A 631 11.95 20.17 24.26
C LEU A 631 11.45 21.62 24.22
N PRO A 632 11.20 22.16 23.02
CA PRO A 632 10.75 23.56 22.92
C PRO A 632 9.46 23.83 23.68
N LEU A 633 8.39 23.09 23.38
CA LEU A 633 7.13 23.27 24.07
C LEU A 633 7.09 22.59 25.43
N LYS A 634 8.14 21.83 25.78
CA LYS A 634 8.29 21.17 27.09
C LYS A 634 7.17 20.15 27.23
N TYR A 635 6.30 20.25 28.24
CA TYR A 635 5.29 19.22 28.50
C TYR A 635 4.20 19.20 27.44
N ASP A 636 4.11 20.21 26.57
CA ASP A 636 3.13 20.24 25.50
C ASP A 636 3.74 19.88 24.14
N THR A 637 4.99 19.42 24.13
CA THR A 637 5.66 19.10 22.87
C THR A 637 5.07 17.84 22.26
N PHE A 638 4.75 17.90 20.97
CA PHE A 638 4.32 16.71 20.26
C PHE A 638 5.49 15.76 20.04
N LEU A 639 5.21 14.46 20.09
CA LEU A 639 6.22 13.43 19.98
C LEU A 639 6.01 12.64 18.70
N ASN A 640 7.05 12.56 17.88
CA ASN A 640 6.98 11.95 16.55
C ASN A 640 7.41 10.49 16.54
N GLU A 641 7.22 9.77 17.64
CA GLU A 641 7.59 8.36 17.79
C GLU A 641 9.10 8.14 17.70
N SER A 642 9.89 9.20 17.57
CA SER A 642 11.34 9.08 17.48
C SER A 642 11.96 10.39 17.91
N GLY A 643 13.25 10.33 18.25
CA GLY A 643 13.97 11.52 18.67
C GLY A 643 15.48 11.29 18.78
N GLN A 650 16.14 10.78 26.58
CA GLN A 650 16.15 9.41 26.09
C GLN A 650 14.76 8.79 26.19
N LYS A 651 14.34 8.08 25.14
CA LYS A 651 13.00 7.50 25.11
C LYS A 651 12.85 6.39 26.14
N GLN A 652 13.96 5.76 26.55
CA GLN A 652 13.89 4.69 27.54
C GLN A 652 13.41 5.22 28.88
N ARG A 653 13.83 6.43 29.25
CA ARG A 653 13.44 7.00 30.54
C ARG A 653 11.95 7.30 30.60
N LEU A 654 11.32 7.53 29.45
CA LEU A 654 9.89 7.86 29.43
C LEU A 654 9.05 6.72 30.00
N ALA A 655 9.37 5.48 29.61
CA ALA A 655 8.65 4.33 30.16
C ALA A 655 8.89 4.18 31.65
N ILE A 656 10.09 4.55 32.13
CA ILE A 656 10.36 4.52 33.57
C ILE A 656 9.42 5.48 34.29
N ALA A 657 9.28 6.70 33.75
CA ALA A 657 8.38 7.67 34.36
C ALA A 657 6.94 7.19 34.32
N ARG A 658 6.52 6.60 33.20
CA ARG A 658 5.15 6.10 33.11
C ARG A 658 4.90 4.98 34.13
N ALA A 659 5.84 4.06 34.26
CA ALA A 659 5.69 2.96 35.21
C ALA A 659 5.65 3.49 36.66
N LEU A 660 6.51 4.46 36.98
CA LEU A 660 6.50 5.03 38.32
C LEU A 660 5.19 5.77 38.58
N LEU A 661 4.67 6.46 37.56
CA LEU A 661 3.39 7.14 37.70
C LEU A 661 2.24 6.14 37.89
N LYS A 662 2.37 4.94 37.33
CA LYS A 662 1.37 3.91 37.55
C LYS A 662 1.25 3.54 39.03
N LYS A 663 2.30 3.78 39.82
CA LYS A 663 2.35 3.47 41.24
C LYS A 663 2.08 1.98 41.48
N PRO A 664 2.97 1.09 41.04
CA PRO A 664 2.73 -0.34 41.17
C PRO A 664 3.33 -0.92 42.45
N ASP A 665 2.85 -2.11 42.80
CA ASP A 665 3.45 -2.89 43.88
C ASP A 665 4.58 -3.77 43.38
N ILE A 666 4.48 -4.25 42.14
CA ILE A 666 5.56 -4.99 41.49
C ILE A 666 6.01 -4.17 40.29
N LEU A 667 7.30 -3.84 40.25
CA LEU A 667 7.86 -2.96 39.23
C LEU A 667 8.96 -3.74 38.52
N ILE A 668 8.62 -4.33 37.37
CA ILE A 668 9.55 -5.17 36.62
C ILE A 668 10.41 -4.27 35.73
N LEU A 669 11.73 -4.47 35.79
CA LEU A 669 12.67 -3.71 34.98
C LEU A 669 13.49 -4.66 34.12
N ASP A 670 13.57 -4.36 32.83
CA ASP A 670 14.54 -5.00 31.96
C ASP A 670 15.79 -4.12 31.92
N GLU A 671 16.71 -4.40 31.00
CA GLU A 671 17.93 -3.60 30.89
C GLU A 671 17.59 -2.14 30.59
N ALA A 672 18.21 -1.24 31.34
CA ALA A 672 17.97 0.19 31.18
C ALA A 672 19.20 1.00 31.54
N TYR A 689 14.33 6.02 41.62
CA TYR A 689 13.93 5.42 42.89
C TYR A 689 12.44 5.72 43.11
N GLY A 690 12.14 6.50 44.15
CA GLY A 690 10.76 6.88 44.44
C GLY A 690 9.85 5.69 44.66
N LEU A 691 10.33 4.68 45.39
CA LEU A 691 9.60 3.45 45.57
C LEU A 691 9.55 3.08 47.06
N GLU A 692 8.46 2.42 47.44
CA GLU A 692 8.27 2.01 48.83
C GLU A 692 9.17 0.81 49.15
N ASP A 693 9.35 0.57 50.46
CA ASP A 693 10.18 -0.55 50.89
C ASP A 693 9.59 -1.88 50.46
N ASP A 694 8.28 -2.05 50.57
CA ASP A 694 7.61 -3.29 50.21
C ASP A 694 7.12 -3.25 48.77
N VAL A 695 8.07 -3.06 47.85
CA VAL A 695 7.81 -3.04 46.41
C VAL A 695 8.84 -3.95 45.75
N THR A 696 8.36 -4.94 44.99
CA THR A 696 9.24 -5.89 44.34
C THR A 696 9.79 -5.32 43.04
N VAL A 697 11.10 -5.44 42.85
CA VAL A 697 11.78 -5.00 41.64
C VAL A 697 12.51 -6.20 41.05
N ILE A 698 12.45 -6.33 39.71
CA ILE A 698 12.92 -7.54 39.05
C ILE A 698 14.32 -7.32 38.46
N ILE A 699 14.56 -6.12 37.94
CA ILE A 699 15.82 -5.70 37.32
C ILE A 699 16.47 -6.82 36.52
N ILE A 700 15.81 -7.26 35.45
CA ILE A 700 16.38 -8.26 34.55
C ILE A 700 17.37 -7.57 33.62
N ALA A 701 18.53 -8.21 33.41
CA ALA A 701 19.52 -7.67 32.48
C ALA A 701 20.04 -8.76 31.56
N HIS A 702 21.07 -8.46 30.77
CA HIS A 702 21.68 -9.41 29.86
C HIS A 702 23.17 -9.63 30.12
N ARG A 703 23.77 -8.89 31.05
CA ARG A 703 25.19 -8.98 31.33
C ARG A 703 25.40 -9.49 32.75
N LEU A 704 26.32 -10.45 32.89
CA LEU A 704 26.66 -11.00 34.21
C LEU A 704 27.48 -9.99 35.00
N SER A 705 26.83 -8.93 35.48
CA SER A 705 27.49 -7.84 36.17
C SER A 705 27.30 -7.86 37.68
N THR A 706 26.13 -8.28 38.15
CA THR A 706 25.78 -8.25 39.58
C THR A 706 25.96 -6.85 40.14
N ILE A 707 25.12 -5.94 39.66
CA ILE A 707 25.32 -4.51 39.90
C ILE A 707 25.27 -4.19 41.39
N VAL A 708 24.26 -4.71 42.09
CA VAL A 708 24.04 -4.32 43.47
C VAL A 708 24.23 -5.50 44.41
N ASN A 709 23.94 -6.71 43.94
CA ASN A 709 23.99 -7.92 44.76
C ASN A 709 23.16 -7.76 46.03
N ALA A 710 21.99 -7.13 45.89
CA ALA A 710 21.19 -6.79 47.06
C ALA A 710 20.50 -8.01 47.65
N ASP A 711 19.98 -8.90 46.82
CA ASP A 711 19.19 -10.01 47.31
C ASP A 711 19.46 -11.23 46.41
N LYS A 712 18.64 -12.27 46.57
CA LYS A 712 18.86 -13.54 45.88
C LYS A 712 18.72 -13.38 44.38
N ILE A 713 19.59 -14.07 43.63
CA ILE A 713 19.64 -14.03 42.17
C ILE A 713 19.31 -15.41 41.64
N TYR A 714 18.42 -15.47 40.65
CA TYR A 714 18.08 -16.69 39.95
C TYR A 714 18.67 -16.68 38.55
N LEU A 715 18.53 -17.81 37.86
CA LEU A 715 18.87 -17.94 36.45
C LEU A 715 18.32 -19.27 35.95
N LEU A 716 17.80 -19.28 34.72
CA LEU A 716 17.16 -20.47 34.18
C LEU A 716 17.97 -21.15 33.08
N LYS A 717 18.80 -20.42 32.34
CA LYS A 717 19.61 -20.97 31.27
C LYS A 717 18.75 -21.66 30.22
N ASP A 718 18.60 -22.97 30.34
CA ASP A 718 17.82 -23.76 29.40
C ASP A 718 16.60 -24.42 30.03
N GLY A 719 16.73 -25.00 31.22
CA GLY A 719 15.63 -25.67 31.86
C GLY A 719 15.24 -25.07 33.20
N GLU A 720 15.40 -25.85 34.27
CA GLU A 720 15.05 -25.38 35.60
C GLU A 720 16.01 -24.29 36.06
N ILE A 721 15.65 -23.63 37.16
CA ILE A 721 16.51 -22.60 37.73
C ILE A 721 17.83 -23.22 38.19
N VAL A 722 17.75 -24.36 38.89
CA VAL A 722 18.87 -25.11 39.45
C VAL A 722 20.04 -24.20 39.87
N GLU A 723 19.72 -23.07 40.50
CA GLU A 723 20.75 -22.14 40.94
C GLU A 723 20.16 -21.29 42.07
N SER A 724 20.63 -21.53 43.29
CA SER A 724 20.18 -20.72 44.43
C SER A 724 20.59 -19.26 44.24
N GLY A 725 21.90 -19.00 44.21
CA GLY A 725 22.40 -17.67 43.98
C GLY A 725 22.10 -16.65 45.06
N SER A 726 21.66 -17.08 46.23
CA SER A 726 21.33 -16.16 47.31
C SER A 726 22.60 -15.59 47.96
N LYS B 31 6.33 38.41 -11.48
CA LYS B 31 5.38 39.04 -10.55
C LYS B 31 4.40 38.01 -10.00
N LYS B 32 4.23 36.92 -10.72
CA LYS B 32 3.33 35.86 -10.28
C LYS B 32 3.89 35.15 -9.06
N TYR B 33 3.03 34.86 -8.09
CA TYR B 33 3.42 34.14 -6.89
C TYR B 33 3.69 32.69 -7.24
N VAL B 34 4.96 32.33 -7.35
CA VAL B 34 5.35 30.99 -7.79
C VAL B 34 5.17 30.02 -6.63
N SER B 35 4.42 28.93 -6.87
CA SER B 35 4.23 27.86 -5.91
C SER B 35 4.68 26.55 -6.55
N VAL B 36 5.57 25.84 -5.87
CA VAL B 36 6.13 24.59 -6.37
C VAL B 36 5.61 23.45 -5.51
N ARG B 37 4.90 22.52 -6.14
CA ARG B 37 4.45 21.31 -5.45
C ARG B 37 5.65 20.47 -5.03
N GLN B 38 5.55 19.84 -3.87
CA GLN B 38 6.60 18.96 -3.39
C GLN B 38 6.32 17.53 -3.85
N TYR B 39 7.32 16.92 -4.49
CA TYR B 39 7.13 15.61 -5.08
C TYR B 39 7.11 14.50 -4.03
N ASP B 40 7.80 14.68 -2.91
CA ASP B 40 7.85 13.69 -1.86
C ASP B 40 7.27 14.27 -0.57
N LEU B 41 7.36 13.50 0.51
CA LEU B 41 6.84 13.92 1.80
C LEU B 41 7.81 14.79 2.58
N THR B 42 9.02 15.03 2.07
CA THR B 42 10.04 15.75 2.82
C THR B 42 10.78 16.76 1.94
N ASP B 43 10.13 17.26 0.89
CA ASP B 43 10.74 18.22 -0.02
C ASP B 43 10.37 19.66 0.30
N SER B 44 9.93 19.93 1.54
CA SER B 44 9.39 21.25 1.87
C SER B 44 10.42 22.34 1.67
N GLY B 45 11.61 22.19 2.27
CA GLY B 45 12.64 23.20 2.10
C GLY B 45 13.12 23.31 0.66
N ALA B 46 13.29 22.16 0.00
CA ALA B 46 13.67 22.18 -1.42
C ALA B 46 12.59 22.85 -2.25
N ALA B 47 11.33 22.56 -1.98
CA ALA B 47 10.25 23.16 -2.74
C ALA B 47 10.20 24.68 -2.56
N VAL B 48 10.34 25.15 -1.32
CA VAL B 48 10.26 26.59 -1.10
C VAL B 48 11.48 27.29 -1.69
N LEU B 49 12.65 26.66 -1.62
CA LEU B 49 13.84 27.28 -2.22
C LEU B 49 13.73 27.31 -3.74
N SER B 50 13.17 26.25 -4.34
CA SER B 50 12.94 26.26 -5.78
C SER B 50 11.93 27.33 -6.16
N SER B 51 10.90 27.51 -5.34
CA SER B 51 9.93 28.57 -5.59
C SER B 51 10.58 29.94 -5.55
N ILE B 52 11.47 30.17 -4.58
CA ILE B 52 12.16 31.44 -4.49
C ILE B 52 13.06 31.65 -5.70
N ALA B 53 13.77 30.60 -6.11
CA ALA B 53 14.65 30.70 -7.27
C ALA B 53 13.85 31.01 -8.54
N GLN B 54 12.70 30.36 -8.71
CA GLN B 54 11.85 30.62 -9.87
C GLN B 54 11.27 32.03 -9.81
N TYR B 55 11.04 32.56 -8.60
CA TYR B 55 10.51 33.91 -8.48
C TYR B 55 11.47 34.94 -9.07
N TYR B 56 12.77 34.74 -8.87
CA TYR B 56 13.78 35.68 -9.34
C TYR B 56 14.32 35.33 -10.73
N GLY B 57 13.78 34.31 -11.38
CA GLY B 57 14.16 33.98 -12.73
C GLY B 57 15.21 32.90 -12.88
N LEU B 58 15.37 32.03 -11.90
CA LEU B 58 16.34 30.93 -11.95
C LEU B 58 15.60 29.63 -11.70
N LYS B 59 15.36 28.85 -12.75
CA LYS B 59 14.65 27.59 -12.64
C LYS B 59 15.64 26.44 -12.69
N MET B 60 15.58 25.58 -11.67
CA MET B 60 16.45 24.42 -11.58
C MET B 60 15.63 23.18 -11.25
N SER B 61 16.18 22.02 -11.61
CA SER B 61 15.56 20.76 -11.26
C SER B 61 15.53 20.57 -9.75
N LEU B 62 14.40 20.07 -9.24
CA LEU B 62 14.21 19.98 -7.80
C LEU B 62 15.17 18.98 -7.16
N ALA B 63 15.40 17.83 -7.81
CA ALA B 63 16.31 16.85 -7.26
C ALA B 63 17.75 17.34 -7.22
N LYS B 64 18.10 18.32 -8.05
CA LYS B 64 19.40 18.95 -7.97
C LYS B 64 19.46 20.01 -6.88
N ILE B 65 18.33 20.35 -6.27
CA ILE B 65 18.28 21.29 -5.16
C ILE B 65 18.29 20.55 -3.82
N ARG B 66 17.50 19.48 -3.70
CA ARG B 66 17.52 18.71 -2.47
C ARG B 66 18.68 17.72 -2.48
N GLU B 67 19.85 18.21 -2.88
CA GLU B 67 21.14 17.63 -2.54
C GLU B 67 22.14 18.69 -2.13
N MET B 68 21.98 19.93 -2.61
CA MET B 68 22.70 21.07 -2.06
C MET B 68 22.10 21.53 -0.75
N THR B 69 20.77 21.38 -0.58
CA THR B 69 20.16 21.63 0.71
C THR B 69 20.47 20.54 1.73
N GLY B 70 20.97 19.40 1.30
CA GLY B 70 21.21 18.29 2.21
C GLY B 70 19.97 17.73 2.83
N THR B 71 18.90 17.58 2.04
CA THR B 71 17.66 17.02 2.56
C THR B 71 17.85 15.55 2.89
N ASP B 72 17.39 15.15 4.07
CA ASP B 72 17.52 13.79 4.55
C ASP B 72 16.12 13.19 4.78
N THR B 73 16.09 11.99 5.36
CA THR B 73 14.81 11.34 5.64
C THR B 73 14.01 12.11 6.68
N GLN B 74 14.67 12.85 7.56
CA GLN B 74 14.03 13.63 8.60
C GLN B 74 13.72 15.07 8.17
N GLY B 75 14.09 15.45 6.95
CA GLY B 75 13.85 16.79 6.46
C GLY B 75 15.11 17.63 6.47
N THR B 76 14.93 18.88 6.03
CA THR B 76 16.03 19.83 5.95
C THR B 76 15.91 20.86 7.07
N ASN B 77 17.06 21.39 7.48
CA ASN B 77 17.13 22.42 8.50
C ASN B 77 17.39 23.78 7.84
N ALA B 78 17.38 24.82 8.68
CA ALA B 78 17.65 26.16 8.16
C ALA B 78 19.07 26.29 7.64
N TYR B 79 20.02 25.56 8.23
CA TYR B 79 21.40 25.61 7.76
C TYR B 79 21.51 25.11 6.33
N GLY B 80 20.79 24.03 6.00
CA GLY B 80 20.80 23.54 4.63
C GLY B 80 20.26 24.55 3.64
N LEU B 81 19.15 25.22 3.99
CA LEU B 81 18.59 26.23 3.12
C LEU B 81 19.54 27.40 2.94
N ILE B 82 20.18 27.85 4.02
CA ILE B 82 21.13 28.95 3.92
C ILE B 82 22.31 28.56 3.03
N HIS B 83 22.85 27.36 3.22
CA HIS B 83 23.99 26.92 2.43
C HIS B 83 23.63 26.80 0.96
N ALA B 84 22.46 26.22 0.65
CA ALA B 84 22.05 26.08 -0.73
C ALA B 84 21.79 27.43 -1.37
N ALA B 85 21.20 28.37 -0.64
CA ALA B 85 20.99 29.72 -1.17
C ALA B 85 22.33 30.40 -1.45
N LYS B 86 23.30 30.24 -0.55
CA LYS B 86 24.61 30.83 -0.78
C LYS B 86 25.27 30.22 -2.01
N GLN B 87 25.13 28.90 -2.20
CA GLN B 87 25.70 28.25 -3.38
C GLN B 87 25.00 28.71 -4.66
N LEU B 88 23.69 28.96 -4.59
CA LEU B 88 22.93 29.45 -5.73
C LEU B 88 23.23 30.91 -6.06
N GLY B 89 23.96 31.62 -5.20
CA GLY B 89 24.22 33.03 -5.36
C GLY B 89 23.38 33.92 -4.47
N PHE B 90 22.34 33.39 -3.84
CA PHE B 90 21.51 34.17 -2.94
C PHE B 90 22.29 34.50 -1.67
N SER B 91 22.27 35.76 -1.27
CA SER B 91 22.77 36.15 0.04
C SER B 91 21.71 35.81 1.07
N ALA B 92 22.00 34.84 1.93
CA ALA B 92 21.01 34.29 2.85
C ALA B 92 21.41 34.58 4.29
N LYS B 93 20.39 34.78 5.13
CA LYS B 93 20.59 35.04 6.55
C LYS B 93 19.46 34.43 7.33
N GLY B 94 19.71 34.17 8.62
CA GLY B 94 18.71 33.64 9.51
C GLY B 94 18.45 34.60 10.65
N VAL B 95 17.23 34.59 11.15
CA VAL B 95 16.83 35.46 12.26
C VAL B 95 15.63 34.86 12.98
N LYS B 96 15.62 34.99 14.31
CA LYS B 96 14.49 34.55 15.12
C LYS B 96 13.58 35.77 15.33
N ALA B 97 12.74 36.02 14.34
CA ALA B 97 11.88 37.20 14.35
C ALA B 97 10.86 37.10 15.48
N SER B 98 10.60 38.24 16.13
CA SER B 98 9.65 38.30 17.23
C SER B 98 8.23 38.43 16.69
N LYS B 99 7.26 38.60 17.58
CA LYS B 99 5.86 38.69 17.20
C LYS B 99 5.42 40.13 16.93
N GLU B 100 6.33 41.10 17.05
CA GLU B 100 5.99 42.49 16.81
C GLU B 100 6.76 43.13 15.66
N ASP B 101 7.76 42.47 15.09
CA ASP B 101 8.54 43.02 14.00
C ASP B 101 8.00 42.64 12.62
N LEU B 102 6.88 41.90 12.57
CA LEU B 102 6.33 41.52 11.28
C LEU B 102 5.64 42.69 10.58
N LEU B 103 5.38 43.77 11.32
CA LEU B 103 4.74 44.96 10.75
C LEU B 103 5.75 45.87 10.06
N LYS B 104 6.56 45.30 9.19
CA LYS B 104 7.57 46.05 8.45
C LYS B 104 7.85 45.30 7.15
N ASP B 105 8.86 45.74 6.41
CA ASP B 105 9.24 45.11 5.15
C ASP B 105 10.66 44.55 5.29
N PHE B 106 10.75 43.33 5.83
CA PHE B 106 11.99 42.58 5.82
C PHE B 106 12.40 42.24 4.39
N ARG B 107 11.58 41.42 3.73
CA ARG B 107 11.72 41.13 2.30
C ARG B 107 10.41 40.52 1.82
N LEU B 108 10.15 40.59 0.52
CA LEU B 108 8.88 40.08 0.03
C LEU B 108 8.81 38.56 -0.01
N PRO B 109 9.77 37.85 -0.64
CA PRO B 109 9.57 36.40 -0.83
C PRO B 109 10.01 35.55 0.36
N ALA B 110 10.20 36.16 1.54
CA ALA B 110 10.79 35.48 2.69
C ALA B 110 10.20 34.09 2.96
N ILE B 111 11.02 33.19 3.47
CA ILE B 111 10.61 31.83 3.81
C ILE B 111 10.40 31.75 5.31
N ALA B 112 9.34 31.05 5.72
CA ALA B 112 8.97 30.96 7.13
C ALA B 112 8.77 29.50 7.52
N ASN B 113 8.92 29.23 8.80
CA ASN B 113 8.70 27.91 9.37
C ASN B 113 7.40 27.93 10.16
N VAL B 114 6.48 27.03 9.82
CA VAL B 114 5.18 26.97 10.48
C VAL B 114 4.92 25.54 10.94
N ILE B 115 4.21 25.40 12.05
CA ILE B 115 3.82 24.11 12.58
C ILE B 115 2.46 23.76 12.01
N VAL B 116 2.42 22.87 11.03
CA VAL B 116 1.15 22.46 10.44
C VAL B 116 0.36 21.65 11.47
N ASP B 117 -0.92 21.99 11.63
CA ASP B 117 -1.77 21.43 12.67
C ASP B 117 -1.09 21.67 14.01
N ASN B 118 -0.79 20.65 14.81
CA ASN B 118 -0.02 20.83 16.03
C ASN B 118 0.96 19.67 16.23
N ARG B 119 1.41 19.06 15.14
CA ARG B 119 2.21 17.84 15.24
C ARG B 119 3.51 17.90 14.46
N LEU B 120 3.53 18.56 13.30
CA LEU B 120 4.68 18.53 12.40
C LEU B 120 5.11 19.94 12.05
N ALA B 121 6.40 20.08 11.72
CA ALA B 121 6.94 21.32 11.20
C ALA B 121 6.84 21.35 9.68
N HIS B 122 6.99 22.53 9.11
CA HIS B 122 6.85 22.70 7.68
C HIS B 122 7.47 24.03 7.27
N PHE B 123 7.85 24.11 6.00
CA PHE B 123 8.41 25.34 5.43
C PHE B 123 7.43 25.91 4.42
N VAL B 124 7.18 27.21 4.50
CA VAL B 124 6.29 27.92 3.59
C VAL B 124 6.99 29.18 3.12
N VAL B 125 6.39 29.82 2.12
CA VAL B 125 6.88 31.10 1.61
C VAL B 125 5.82 32.15 1.91
N ILE B 126 6.18 33.17 2.67
CA ILE B 126 5.28 34.29 2.91
C ILE B 126 5.57 35.37 1.87
N TYR B 127 4.59 35.64 1.02
CA TYR B 127 4.81 36.50 -0.14
C TYR B 127 4.45 37.96 0.13
N SER B 128 3.23 38.21 0.59
CA SER B 128 2.77 39.57 0.84
C SER B 128 2.22 39.67 2.26
N ILE B 129 2.57 40.76 2.94
CA ILE B 129 2.11 41.03 4.29
C ILE B 129 1.10 42.16 4.21
N LYS B 130 -0.15 41.85 4.54
CA LYS B 130 -1.24 42.83 4.52
C LYS B 130 -2.06 42.68 5.78
N ASN B 131 -2.87 43.70 6.06
CA ASN B 131 -3.68 43.72 7.26
C ASN B 131 -4.68 42.56 7.25
N ARG B 132 -4.53 41.65 8.20
CA ARG B 132 -5.43 40.51 8.42
C ARG B 132 -5.50 39.58 7.22
N ILE B 133 -4.51 39.62 6.34
CA ILE B 133 -4.42 38.68 5.22
C ILE B 133 -2.96 38.52 4.84
N ILE B 134 -2.49 37.27 4.79
CA ILE B 134 -1.11 36.96 4.43
C ILE B 134 -1.13 35.87 3.36
N THR B 135 -0.42 36.10 2.26
CA THR B 135 -0.33 35.15 1.17
C THR B 135 0.78 34.16 1.46
N VAL B 136 0.44 32.87 1.50
CA VAL B 136 1.37 31.82 1.87
C VAL B 136 1.40 30.77 0.76
N ALA B 137 2.59 30.55 0.21
CA ALA B 137 2.82 29.43 -0.69
C ALA B 137 3.30 28.26 0.16
N ASP B 138 2.39 27.32 0.41
CA ASP B 138 2.72 26.10 1.14
C ASP B 138 2.88 24.96 0.14
N PRO B 139 4.02 24.29 0.10
CA PRO B 139 4.20 23.22 -0.89
C PRO B 139 3.14 22.14 -0.82
N GLY B 140 2.66 21.78 0.37
CA GLY B 140 1.66 20.74 0.47
C GLY B 140 0.32 21.14 -0.12
N LYS B 141 -0.15 22.36 0.17
CA LYS B 141 -1.48 22.81 -0.21
C LYS B 141 -1.47 23.57 -1.53
N GLY B 142 -0.77 24.68 -1.58
CA GLY B 142 -0.75 25.56 -2.73
C GLY B 142 -0.62 27.01 -2.27
N ILE B 143 -1.26 27.91 -3.01
CA ILE B 143 -1.33 29.31 -2.61
C ILE B 143 -2.57 29.49 -1.74
N VAL B 144 -2.36 29.93 -0.50
CA VAL B 144 -3.44 30.07 0.47
C VAL B 144 -3.38 31.45 1.10
N ARG B 145 -4.50 31.86 1.68
CA ARG B 145 -4.62 33.14 2.34
C ARG B 145 -4.82 32.90 3.83
N TYR B 146 -3.94 33.46 4.65
CA TYR B 146 -3.99 33.34 6.09
C TYR B 146 -4.14 34.72 6.71
N SER B 147 -5.09 34.87 7.64
CA SER B 147 -5.20 36.10 8.39
C SER B 147 -3.96 36.29 9.26
N MET B 148 -3.57 37.55 9.44
CA MET B 148 -2.35 37.84 10.18
C MET B 148 -2.40 37.26 11.58
N ASP B 149 -3.50 37.53 12.31
CA ASP B 149 -3.66 36.93 13.62
C ASP B 149 -3.78 35.41 13.53
N ASP B 150 -4.45 34.91 12.50
CA ASP B 150 -4.54 33.47 12.28
C ASP B 150 -3.18 32.89 11.92
N PHE B 151 -2.38 33.63 11.16
CA PHE B 151 -1.03 33.16 10.81
C PHE B 151 -0.13 33.12 12.03
N PHE B 152 -0.29 34.07 12.96
CA PHE B 152 0.54 34.13 14.16
C PHE B 152 0.38 32.89 15.05
N SER B 153 -0.68 32.10 14.87
CA SER B 153 -0.92 30.93 15.72
C SER B 153 -0.09 29.72 15.32
N ILE B 154 0.57 29.74 14.16
CA ILE B 154 1.40 28.63 13.72
C ILE B 154 2.83 29.01 13.41
N TRP B 155 3.13 30.29 13.25
CA TRP B 155 4.48 30.75 12.89
C TRP B 155 5.36 30.73 14.13
N THR B 156 6.22 29.71 14.23
CA THR B 156 7.18 29.61 15.32
C THR B 156 8.56 30.08 14.90
N GLY B 157 8.65 31.37 14.55
CA GLY B 157 9.93 32.01 14.30
C GLY B 157 10.76 31.47 13.15
N GLY B 158 10.33 31.74 11.91
CA GLY B 158 11.11 31.38 10.74
C GLY B 158 11.90 32.54 10.17
N LEU B 159 11.44 33.07 9.03
CA LEU B 159 12.02 34.24 8.38
C LEU B 159 13.50 34.04 8.05
N VAL B 160 13.73 33.11 7.12
CA VAL B 160 15.00 33.03 6.42
C VAL B 160 15.02 34.09 5.33
N LEU B 161 15.95 35.03 5.43
CA LEU B 161 15.99 36.18 4.54
C LEU B 161 16.91 35.91 3.37
N LEU B 162 16.41 36.16 2.16
CA LEU B 162 17.16 35.93 0.93
C LEU B 162 17.22 37.22 0.12
N GLU B 163 18.40 37.51 -0.42
CA GLU B 163 18.63 38.72 -1.20
C GLU B 163 19.40 38.35 -2.46
N PRO B 164 19.17 39.04 -3.58
CA PRO B 164 19.95 38.74 -4.78
C PRO B 164 21.41 39.14 -4.59
N GLY B 165 22.30 38.16 -4.78
CA GLY B 165 23.72 38.39 -4.60
C GLY B 165 24.35 39.13 -5.77
N GLU B 166 25.62 39.47 -5.58
CA GLU B 166 26.35 40.17 -6.63
C GLU B 166 26.54 39.32 -7.88
N ALA B 167 26.52 38.00 -7.75
CA ALA B 167 26.66 37.08 -8.88
C ALA B 167 25.49 36.11 -8.82
N PHE B 168 24.36 36.50 -9.42
CA PHE B 168 23.15 35.68 -9.50
C PHE B 168 22.73 35.63 -10.96
N GLN B 169 23.24 34.65 -11.69
CA GLN B 169 22.99 34.52 -13.11
C GLN B 169 21.70 33.74 -13.34
N LYS B 170 20.71 34.40 -13.93
CA LYS B 170 19.43 33.76 -14.22
C LYS B 170 19.58 32.77 -15.37
N GLY B 171 18.55 31.97 -15.57
CA GLY B 171 18.52 31.01 -16.66
C GLY B 171 17.68 29.80 -16.30
N ASP B 172 17.07 29.22 -17.32
CA ASP B 172 16.26 28.01 -17.18
C ASP B 172 17.20 26.82 -17.31
N TYR B 173 17.54 26.19 -16.18
CA TYR B 173 18.49 25.10 -16.15
C TYR B 173 17.83 23.72 -16.23
N THR B 174 16.51 23.66 -16.36
CA THR B 174 15.81 22.41 -16.56
C THR B 174 15.40 22.26 -18.02
N GLN B 175 14.92 21.06 -18.35
CA GLN B 175 14.52 20.74 -19.71
C GLN B 175 13.14 20.09 -19.70
N ASN B 176 12.43 20.24 -20.81
CA ASN B 176 11.14 19.59 -20.95
C ASN B 176 11.30 18.07 -20.92
N MET B 177 10.47 17.42 -20.13
CA MET B 177 10.57 15.99 -19.93
C MET B 177 9.55 15.17 -20.71
N MET B 178 8.39 15.76 -21.02
CA MET B 178 7.41 15.06 -21.83
C MET B 178 7.96 14.75 -23.22
N VAL B 179 8.75 15.67 -23.79
CA VAL B 179 9.43 15.38 -25.04
C VAL B 179 10.43 14.24 -24.87
N LYS B 180 11.15 14.24 -23.75
CA LYS B 180 12.14 13.20 -23.49
C LYS B 180 11.49 11.81 -23.44
N PHE B 181 10.35 11.70 -22.77
CA PHE B 181 9.66 10.42 -22.70
C PHE B 181 8.83 10.12 -23.95
N ALA B 182 8.49 11.13 -24.75
CA ALA B 182 7.84 10.89 -26.03
C ALA B 182 8.86 10.40 -27.06
N GLY B 183 10.14 10.66 -26.81
CA GLY B 183 11.20 10.14 -27.64
C GLY B 183 11.27 8.62 -27.63
N PHE B 184 10.51 8.00 -26.73
CA PHE B 184 10.37 6.55 -26.66
C PHE B 184 9.40 6.02 -27.70
N LEU B 185 8.73 6.90 -28.44
CA LEU B 185 7.78 6.50 -29.47
C LEU B 185 8.43 6.31 -30.83
N LYS B 186 9.59 6.91 -31.06
CA LYS B 186 10.33 6.78 -32.31
C LYS B 186 10.64 5.33 -32.67
N PRO B 187 11.05 4.47 -31.71
CA PRO B 187 11.24 3.05 -32.06
C PRO B 187 9.97 2.37 -32.57
N LEU B 188 8.81 2.89 -32.20
CA LEU B 188 7.53 2.31 -32.58
C LEU B 188 6.77 3.32 -33.44
N LYS B 189 7.06 3.30 -34.74
CA LYS B 189 6.42 4.20 -35.71
C LYS B 189 5.55 3.42 -36.69
N LYS B 190 5.51 2.10 -36.56
CA LYS B 190 4.61 1.29 -37.38
C LYS B 190 3.53 0.62 -36.53
N THR B 191 3.47 0.93 -35.24
CA THR B 191 2.35 0.54 -34.40
C THR B 191 1.40 1.70 -34.12
N VAL B 192 1.92 2.93 -34.03
CA VAL B 192 1.06 4.11 -33.94
C VAL B 192 0.35 4.38 -35.25
N LEU B 193 1.04 4.21 -36.38
CA LEU B 193 0.42 4.41 -37.69
C LEU B 193 -0.70 3.41 -37.93
N ALA B 194 -0.48 2.14 -37.56
CA ALA B 194 -1.52 1.14 -37.71
C ALA B 194 -2.73 1.46 -36.85
N ILE B 195 -2.50 1.92 -35.62
CA ILE B 195 -3.60 2.31 -34.75
C ILE B 195 -4.36 3.49 -35.35
N PHE B 196 -3.63 4.46 -35.91
CA PHE B 196 -4.26 5.62 -36.51
C PHE B 196 -5.14 5.22 -37.69
N LEU B 197 -4.62 4.37 -38.57
CA LEU B 197 -5.39 3.93 -39.73
C LEU B 197 -6.61 3.11 -39.30
N ALA B 198 -6.43 2.21 -38.33
CA ALA B 198 -7.57 1.42 -37.85
C ALA B 198 -8.64 2.30 -37.23
N SER B 199 -8.23 3.31 -36.45
CA SER B 199 -9.20 4.22 -35.87
C SER B 199 -9.91 5.03 -36.94
N LEU B 200 -9.19 5.49 -37.96
CA LEU B 200 -9.82 6.25 -39.04
C LEU B 200 -10.86 5.41 -39.77
N LEU B 201 -10.51 4.16 -40.09
CA LEU B 201 -11.46 3.32 -40.82
C LEU B 201 -12.63 2.90 -39.92
N TYR B 202 -12.37 2.72 -38.62
CA TYR B 202 -13.44 2.43 -37.68
C TYR B 202 -14.43 3.60 -37.59
N THR B 203 -13.89 4.82 -37.52
CA THR B 203 -14.75 6.00 -37.50
C THR B 203 -15.55 6.12 -38.78
N ALA B 204 -14.92 5.87 -39.93
CA ALA B 204 -15.62 5.96 -41.21
C ALA B 204 -16.74 4.92 -41.28
N LEU B 205 -16.47 3.69 -40.84
CA LEU B 205 -17.49 2.65 -40.85
C LEU B 205 -18.65 3.00 -39.94
N GLY B 206 -18.35 3.52 -38.74
CA GLY B 206 -19.42 3.91 -37.83
C GLY B 206 -20.26 5.05 -38.37
N ILE B 207 -19.62 6.06 -38.97
CA ILE B 207 -20.35 7.18 -39.55
C ILE B 207 -21.23 6.70 -40.69
N ALA B 208 -20.71 5.81 -41.54
CA ALA B 208 -21.52 5.27 -42.63
C ALA B 208 -22.69 4.46 -42.10
N GLY B 209 -22.47 3.67 -41.04
CA GLY B 209 -23.53 2.86 -40.48
C GLY B 209 -24.55 3.60 -39.64
N SER B 210 -24.26 4.84 -39.26
CA SER B 210 -25.22 5.62 -38.49
C SER B 210 -26.40 6.12 -39.33
N PHE B 211 -26.34 5.99 -40.64
CA PHE B 211 -27.43 6.41 -41.53
C PHE B 211 -28.45 5.30 -41.75
N TYR B 212 -28.30 4.17 -41.06
CA TYR B 212 -29.25 3.07 -41.18
C TYR B 212 -30.66 3.51 -40.78
N ILE B 213 -30.77 4.28 -39.69
CA ILE B 213 -32.09 4.71 -39.22
C ILE B 213 -32.70 5.70 -40.21
N LYS B 214 -31.89 6.57 -40.82
CA LYS B 214 -32.40 7.49 -41.82
C LYS B 214 -32.96 6.73 -43.02
N PHE B 215 -32.17 5.77 -43.52
CA PHE B 215 -32.67 4.95 -44.64
C PHE B 215 -33.90 4.16 -44.23
N LEU B 216 -33.96 3.73 -42.97
CA LEU B 216 -35.07 2.90 -42.51
C LEU B 216 -36.37 3.69 -42.47
N PHE B 217 -36.32 4.90 -41.90
CA PHE B 217 -37.53 5.68 -41.68
C PHE B 217 -37.77 6.75 -42.73
N ASP B 218 -36.97 6.80 -43.79
CA ASP B 218 -37.17 7.80 -44.84
C ASP B 218 -37.31 7.24 -46.24
N ASP B 219 -36.87 6.00 -46.51
CA ASP B 219 -36.86 5.50 -47.87
C ASP B 219 -37.51 4.12 -47.98
N LEU B 220 -37.55 3.37 -46.89
CA LEU B 220 -37.98 1.97 -46.93
C LEU B 220 -39.30 1.73 -46.23
N ILE B 221 -39.47 2.21 -44.99
CA ILE B 221 -40.75 2.04 -44.30
C ILE B 221 -41.85 2.80 -45.01
N LYS B 222 -41.55 4.02 -45.47
CA LYS B 222 -42.56 4.86 -46.09
C LYS B 222 -43.10 4.24 -47.38
N PHE B 223 -42.22 3.69 -48.20
CA PHE B 223 -42.60 3.12 -49.49
C PHE B 223 -42.82 1.62 -49.45
N GLU B 224 -42.60 0.98 -48.29
CA GLU B 224 -42.88 -0.45 -48.10
C GLU B 224 -42.09 -1.31 -49.09
N LYS B 225 -40.76 -1.27 -48.94
CA LYS B 225 -39.84 -2.07 -49.76
C LYS B 225 -39.27 -3.17 -48.88
N LEU B 226 -39.84 -4.38 -48.99
CA LEU B 226 -39.46 -5.48 -48.11
C LEU B 226 -38.10 -6.08 -48.49
N ASN B 227 -37.84 -6.28 -49.77
CA ASN B 227 -36.59 -6.90 -50.18
C ASN B 227 -35.40 -5.98 -49.92
N ASP B 228 -35.55 -4.70 -50.28
CA ASP B 228 -34.51 -3.72 -49.98
C ASP B 228 -34.26 -3.62 -48.48
N LEU B 229 -35.31 -3.83 -47.67
CA LEU B 229 -35.14 -3.86 -46.22
C LEU B 229 -34.14 -4.93 -45.81
N HIS B 230 -34.33 -6.17 -46.29
CA HIS B 230 -33.42 -7.24 -45.94
C HIS B 230 -32.02 -6.98 -46.47
N ILE B 231 -31.92 -6.51 -47.71
CA ILE B 231 -30.60 -6.27 -48.31
C ILE B 231 -29.83 -5.22 -47.51
N ILE B 232 -30.49 -4.09 -47.22
CA ILE B 232 -29.82 -3.00 -46.51
C ILE B 232 -29.49 -3.40 -45.08
N SER B 233 -30.37 -4.16 -44.43
CA SER B 233 -30.08 -4.62 -43.08
C SER B 233 -28.87 -5.54 -43.06
N ALA B 234 -28.79 -6.47 -44.01
CA ALA B 234 -27.62 -7.35 -44.08
C ALA B 234 -26.35 -6.56 -44.35
N GLY B 235 -26.42 -5.58 -45.25
CA GLY B 235 -25.25 -4.75 -45.52
C GLY B 235 -24.78 -3.99 -44.30
N PHE B 236 -25.71 -3.41 -43.54
CA PHE B 236 -25.31 -2.66 -42.35
C PHE B 236 -24.82 -3.59 -41.25
N ALA B 237 -25.37 -4.80 -41.17
CA ALA B 237 -24.83 -5.78 -40.23
C ALA B 237 -23.39 -6.14 -40.57
N VAL B 238 -23.11 -6.33 -41.86
CA VAL B 238 -21.74 -6.61 -42.29
C VAL B 238 -20.83 -5.43 -41.96
N ILE B 239 -21.32 -4.20 -42.17
CA ILE B 239 -20.53 -3.02 -41.85
C ILE B 239 -20.20 -2.97 -40.37
N PHE B 240 -21.18 -3.26 -39.51
CA PHE B 240 -20.94 -3.24 -38.08
C PHE B 240 -19.97 -4.35 -37.67
N LEU B 241 -20.08 -5.53 -38.28
CA LEU B 241 -19.16 -6.61 -37.98
C LEU B 241 -17.74 -6.23 -38.34
N LEU B 242 -17.55 -5.57 -39.49
CA LEU B 242 -16.23 -5.07 -39.86
C LEU B 242 -15.75 -4.02 -38.87
N GLN B 243 -16.64 -3.15 -38.41
CA GLN B 243 -16.27 -2.15 -37.43
C GLN B 243 -15.76 -2.79 -36.15
N ILE B 244 -16.46 -3.82 -35.66
CA ILE B 244 -16.02 -4.49 -34.43
C ILE B 244 -14.71 -5.23 -34.65
N PHE B 245 -14.55 -5.86 -35.82
CA PHE B 245 -13.29 -6.54 -36.10
C PHE B 245 -12.12 -5.56 -36.09
N LEU B 246 -12.31 -4.38 -36.68
CA LEU B 246 -11.28 -3.34 -36.57
C LEU B 246 -11.10 -2.83 -35.15
N ASN B 247 -12.14 -2.92 -34.32
CA ASN B 247 -11.96 -2.56 -32.91
C ASN B 247 -11.21 -3.62 -32.13
N TYR B 248 -11.28 -4.88 -32.54
CA TYR B 248 -10.55 -5.93 -31.85
C TYR B 248 -9.05 -5.89 -32.17
N TYR B 249 -8.70 -5.61 -33.42
CA TYR B 249 -7.30 -5.57 -33.82
C TYR B 249 -6.61 -4.30 -33.31
N ARG B 250 -7.35 -3.20 -33.20
CA ARG B 250 -6.75 -1.95 -32.74
C ARG B 250 -6.51 -1.95 -31.23
N SER B 251 -7.37 -2.60 -30.45
CA SER B 251 -7.23 -2.58 -29.01
C SER B 251 -6.02 -3.38 -28.54
N ILE B 252 -5.59 -4.38 -29.33
CA ILE B 252 -4.40 -5.13 -28.98
C ILE B 252 -3.15 -4.27 -29.15
N LEU B 253 -3.08 -3.50 -30.25
CA LEU B 253 -1.91 -2.69 -30.51
C LEU B 253 -1.73 -1.61 -29.46
N VAL B 254 -2.83 -1.02 -28.98
CA VAL B 254 -2.74 -0.01 -27.93
C VAL B 254 -2.16 -0.63 -26.66
N THR B 255 -2.63 -1.82 -26.30
CA THR B 255 -2.10 -2.49 -25.11
C THR B 255 -0.63 -2.79 -25.27
N LYS B 256 -0.22 -3.29 -26.44
CA LYS B 256 1.19 -3.60 -26.66
C LYS B 256 2.05 -2.35 -26.58
N LEU B 257 1.59 -1.25 -27.17
CA LEU B 257 2.32 0.01 -27.09
C LEU B 257 2.45 0.48 -25.65
N GLY B 258 1.37 0.38 -24.88
CA GLY B 258 1.43 0.80 -23.49
C GLY B 258 2.41 -0.03 -22.68
N MET B 259 2.37 -1.35 -22.84
CA MET B 259 3.31 -2.20 -22.12
C MET B 259 4.75 -1.93 -22.53
N SER B 260 5.00 -1.74 -23.83
CA SER B 260 6.35 -1.45 -24.28
C SER B 260 6.88 -0.16 -23.68
N ILE B 261 6.08 0.91 -23.71
CA ILE B 261 6.51 2.18 -23.17
C ILE B 261 6.74 2.07 -21.66
N ASP B 262 5.81 1.41 -20.96
CA ASP B 262 5.95 1.26 -19.51
C ASP B 262 7.22 0.49 -19.16
N LYS B 263 7.46 -0.64 -19.83
CA LYS B 263 8.64 -1.44 -19.53
C LYS B 263 9.92 -0.66 -19.82
N SER B 264 9.96 0.06 -20.95
CA SER B 264 11.14 0.84 -21.27
C SER B 264 11.42 1.89 -20.22
N ILE B 265 10.37 2.63 -19.79
CA ILE B 265 10.57 3.70 -18.83
C ILE B 265 11.02 3.12 -17.48
N MET B 266 10.35 2.08 -17.00
CA MET B 266 10.72 1.49 -15.72
C MET B 266 12.15 0.95 -15.75
N MET B 267 12.51 0.25 -16.83
CA MET B 267 13.85 -0.32 -16.90
C MET B 267 14.92 0.76 -16.97
N GLU B 268 14.68 1.82 -17.74
CA GLU B 268 15.65 2.90 -17.81
C GLU B 268 15.80 3.58 -16.46
N TYR B 269 14.69 3.86 -15.78
CA TYR B 269 14.75 4.52 -14.49
C TYR B 269 15.50 3.66 -13.48
N TYR B 270 15.18 2.37 -13.41
CA TYR B 270 15.82 1.49 -12.44
C TYR B 270 17.32 1.34 -12.74
N SER B 271 17.66 1.16 -14.02
CA SER B 271 19.07 1.01 -14.38
C SER B 271 19.87 2.27 -14.06
N HIS B 272 19.24 3.44 -14.18
CA HIS B 272 19.95 4.67 -13.81
C HIS B 272 20.06 4.81 -12.30
N VAL B 273 19.03 4.40 -11.56
CA VAL B 273 19.06 4.49 -10.10
C VAL B 273 20.15 3.60 -9.53
N LEU B 274 20.30 2.38 -10.06
CA LEU B 274 21.29 1.45 -9.52
C LEU B 274 22.72 1.96 -9.71
N LYS B 275 22.89 3.08 -10.40
CA LYS B 275 24.21 3.67 -10.63
C LYS B 275 24.43 4.95 -9.85
N LEU B 276 23.40 5.51 -9.21
CA LEU B 276 23.55 6.74 -8.46
C LEU B 276 24.41 6.51 -7.21
N PRO B 277 25.09 7.56 -6.73
CA PRO B 277 25.96 7.39 -5.55
C PRO B 277 25.18 7.05 -4.29
N MET B 278 25.90 6.79 -3.19
CA MET B 278 25.26 6.34 -1.96
C MET B 278 24.55 7.47 -1.24
N ASN B 279 24.86 8.73 -1.54
CA ASN B 279 24.12 9.84 -0.97
C ASN B 279 22.65 9.79 -1.34
N PHE B 280 22.36 9.41 -2.60
CA PHE B 280 20.98 9.31 -3.04
C PHE B 280 20.19 8.28 -2.24
N PHE B 281 20.82 7.13 -1.96
CA PHE B 281 20.09 6.04 -1.33
C PHE B 281 19.82 6.28 0.16
N ASN B 282 20.75 6.93 0.86
CA ASN B 282 20.52 7.22 2.28
C ASN B 282 19.93 8.60 2.52
N SER B 283 19.77 9.42 1.48
CA SER B 283 19.08 10.70 1.60
C SER B 283 17.60 10.59 1.28
N ARG B 284 17.11 9.39 0.96
CA ARG B 284 15.72 9.17 0.62
C ARG B 284 15.24 7.87 1.26
N LYS B 285 13.95 7.79 1.53
CA LYS B 285 13.37 6.55 2.01
C LYS B 285 13.22 5.56 0.86
N VAL B 286 13.07 4.29 1.22
CA VAL B 286 12.88 3.25 0.19
C VAL B 286 11.57 3.47 -0.54
N GLY B 287 10.52 3.91 0.17
CA GLY B 287 9.26 4.20 -0.49
C GLY B 287 9.38 5.32 -1.51
N GLU B 288 10.15 6.36 -1.18
CA GLU B 288 10.34 7.47 -2.11
C GLU B 288 11.03 7.04 -3.39
N ILE B 289 11.76 5.94 -3.38
CA ILE B 289 12.40 5.42 -4.58
C ILE B 289 11.49 4.45 -5.31
N ILE B 290 10.78 3.59 -4.56
CA ILE B 290 9.92 2.60 -5.20
C ILE B 290 8.72 3.26 -5.86
N SER B 291 8.17 4.31 -5.24
CA SER B 291 6.95 4.94 -5.76
C SER B 291 7.15 5.56 -7.12
N ARG B 292 8.39 5.84 -7.53
CA ARG B 292 8.62 6.39 -8.86
C ARG B 292 8.27 5.41 -9.97
N PHE B 293 8.12 4.12 -9.65
CA PHE B 293 7.69 3.16 -10.65
C PHE B 293 6.24 3.41 -11.07
N MET B 294 5.39 3.85 -10.14
CA MET B 294 3.99 4.06 -10.45
C MET B 294 3.77 5.27 -11.34
N ASP B 295 4.74 6.17 -11.43
CA ASP B 295 4.63 7.34 -12.32
C ASP B 295 4.89 6.98 -13.78
N ALA B 296 5.59 5.87 -14.03
CA ALA B 296 5.78 5.41 -15.40
C ALA B 296 4.45 5.10 -16.05
N SER B 297 3.49 4.58 -15.28
CA SER B 297 2.16 4.31 -15.82
C SER B 297 1.49 5.60 -16.27
N LYS B 298 1.59 6.66 -15.47
CA LYS B 298 1.00 7.94 -15.85
C LYS B 298 1.67 8.50 -17.10
N ILE B 299 3.01 8.42 -17.15
CA ILE B 299 3.73 8.93 -18.31
C ILE B 299 3.33 8.17 -19.57
N ARG B 300 3.22 6.84 -19.48
CA ARG B 300 2.74 6.06 -20.61
C ARG B 300 1.31 6.44 -20.99
N GLN B 301 0.46 6.69 -19.99
CA GLN B 301 -0.93 7.00 -20.27
C GLN B 301 -1.06 8.30 -21.05
N ALA B 302 -0.26 9.30 -20.72
CA ALA B 302 -0.33 10.55 -21.47
C ALA B 302 0.68 10.66 -22.61
N ILE B 303 1.46 9.62 -22.85
CA ILE B 303 2.31 9.54 -24.04
C ILE B 303 1.66 8.71 -25.14
N SER B 304 1.08 7.57 -24.78
CA SER B 304 0.37 6.74 -25.74
C SER B 304 -1.10 7.14 -25.85
N GLY B 305 -1.82 7.11 -24.73
CA GLY B 305 -3.25 7.38 -24.78
C GLY B 305 -3.58 8.79 -25.19
N ALA B 306 -2.90 9.77 -24.60
CA ALA B 306 -3.23 11.17 -24.86
C ALA B 306 -2.89 11.57 -26.30
N THR B 307 -1.71 11.18 -26.78
CA THR B 307 -1.32 11.52 -28.14
C THR B 307 -2.23 10.85 -29.17
N LEU B 308 -2.54 9.58 -28.96
CA LEU B 308 -3.45 8.88 -29.86
C LEU B 308 -4.83 9.51 -29.86
N THR B 309 -5.35 9.86 -28.68
CA THR B 309 -6.65 10.50 -28.62
C THR B 309 -6.64 11.86 -29.30
N ILE B 310 -5.57 12.64 -29.10
CA ILE B 310 -5.47 13.95 -29.74
C ILE B 310 -5.46 13.80 -31.26
N MET B 311 -4.69 12.83 -31.76
CA MET B 311 -4.63 12.65 -33.21
C MET B 311 -5.96 12.17 -33.78
N ILE B 312 -6.63 11.23 -33.11
CA ILE B 312 -7.81 10.60 -33.68
C ILE B 312 -9.05 11.48 -33.49
N ASP B 313 -9.36 11.82 -32.24
CA ASP B 313 -10.63 12.46 -31.92
C ASP B 313 -10.74 13.87 -32.50
N THR B 314 -9.62 14.55 -32.75
CA THR B 314 -9.71 15.87 -33.38
C THR B 314 -10.30 15.77 -34.78
N ILE B 315 -9.74 14.90 -35.61
CA ILE B 315 -10.27 14.69 -36.95
C ILE B 315 -11.67 14.11 -36.89
N MET B 316 -11.89 13.19 -35.95
CA MET B 316 -13.22 12.57 -35.82
C MET B 316 -14.28 13.61 -35.49
N ALA B 317 -13.97 14.52 -34.57
CA ALA B 317 -14.91 15.58 -34.20
C ALA B 317 -15.10 16.57 -35.34
N VAL B 318 -14.03 16.88 -36.08
CA VAL B 318 -14.17 17.79 -37.21
C VAL B 318 -15.12 17.22 -38.25
N ILE B 319 -14.93 15.93 -38.58
CA ILE B 319 -15.81 15.28 -39.56
C ILE B 319 -17.24 15.21 -39.04
N GLY B 320 -17.40 14.83 -37.77
CA GLY B 320 -18.75 14.75 -37.21
C GLY B 320 -19.47 16.08 -37.22
N GLY B 321 -18.77 17.16 -36.86
CA GLY B 321 -19.37 18.47 -36.91
C GLY B 321 -19.70 18.91 -38.31
N ILE B 322 -18.83 18.57 -39.28
CA ILE B 322 -19.13 18.88 -40.68
C ILE B 322 -20.42 18.21 -41.11
N LEU B 323 -20.57 16.91 -40.80
CA LEU B 323 -21.79 16.21 -41.18
C LEU B 323 -23.01 16.75 -40.44
N LEU B 324 -22.85 17.09 -39.15
CA LEU B 324 -23.98 17.65 -38.41
C LEU B 324 -24.43 18.98 -39.00
N TYR B 325 -23.49 19.82 -39.42
CA TYR B 325 -23.87 21.06 -40.07
C TYR B 325 -24.49 20.80 -41.45
N ILE B 326 -24.04 19.75 -42.13
CA ILE B 326 -24.65 19.37 -43.40
C ILE B 326 -26.12 19.00 -43.20
N GLN B 327 -26.41 18.23 -42.14
CA GLN B 327 -27.79 17.85 -41.86
C GLN B 327 -28.65 19.07 -41.57
N ASN B 328 -28.34 19.80 -40.50
CA ASN B 328 -29.07 21.02 -40.16
C ASN B 328 -28.17 21.94 -39.34
N SER B 329 -28.24 23.23 -39.64
CA SER B 329 -27.38 24.20 -38.96
C SER B 329 -27.82 24.44 -37.52
N SER B 330 -29.13 24.60 -37.30
CA SER B 330 -29.63 24.92 -35.97
C SER B 330 -29.37 23.79 -34.98
N LEU B 331 -29.59 22.55 -35.39
CA LEU B 331 -29.31 21.42 -34.51
C LEU B 331 -27.83 21.30 -34.21
N PHE B 332 -26.98 21.59 -35.20
CA PHE B 332 -25.54 21.59 -34.96
C PHE B 332 -25.16 22.68 -33.95
N PHE B 333 -25.77 23.86 -34.07
CA PHE B 333 -25.51 24.92 -33.10
C PHE B 333 -25.96 24.54 -31.70
N ILE B 334 -27.11 23.87 -31.60
CA ILE B 334 -27.60 23.42 -30.30
C ILE B 334 -26.65 22.40 -29.70
N SER B 335 -26.16 21.47 -30.52
CA SER B 335 -25.20 20.47 -30.03
C SER B 335 -23.90 21.13 -29.60
N PHE B 336 -23.45 22.14 -30.34
CA PHE B 336 -22.24 22.86 -29.94
C PHE B 336 -22.44 23.57 -28.61
N ILE B 337 -23.63 24.16 -28.41
CA ILE B 337 -23.93 24.79 -27.13
C ILE B 337 -23.92 23.75 -26.01
N ILE B 338 -24.49 22.57 -26.28
CA ILE B 338 -24.53 21.51 -25.28
C ILE B 338 -23.10 21.12 -24.88
N ILE B 339 -22.25 20.88 -25.88
CA ILE B 339 -20.89 20.42 -25.58
C ILE B 339 -20.08 21.54 -24.93
N LEU B 340 -20.33 22.80 -25.27
CA LEU B 340 -19.66 23.91 -24.60
C LEU B 340 -20.06 24.00 -23.13
N LEU B 341 -21.35 23.84 -22.84
CA LEU B 341 -21.81 23.84 -21.45
C LEU B 341 -21.21 22.67 -20.69
N TYR B 342 -21.16 21.50 -21.31
CA TYR B 342 -20.53 20.35 -20.65
C TYR B 342 -19.05 20.61 -20.38
N GLY B 343 -18.36 21.23 -21.34
CA GLY B 343 -16.96 21.53 -21.13
C GLY B 343 -16.73 22.52 -20.01
N ILE B 344 -17.57 23.56 -19.93
CA ILE B 344 -17.45 24.53 -18.86
C ILE B 344 -17.71 23.86 -17.51
N ILE B 345 -18.74 23.03 -17.44
CA ILE B 345 -19.07 22.37 -16.17
C ILE B 345 -17.96 21.43 -15.74
N VAL B 346 -17.37 20.69 -16.69
CA VAL B 346 -16.27 19.80 -16.34
C VAL B 346 -15.05 20.60 -15.91
N THR B 347 -14.66 21.62 -16.67
CA THR B 347 -13.55 22.47 -16.27
C THR B 347 -14.01 23.68 -15.48
N VAL B 348 -14.90 23.45 -14.52
CA VAL B 348 -15.04 24.31 -13.35
C VAL B 348 -15.02 23.54 -12.05
N PHE B 349 -15.34 22.24 -12.06
CA PHE B 349 -15.19 21.35 -10.92
C PHE B 349 -13.84 20.65 -10.88
N ASN B 350 -12.82 21.23 -11.52
CA ASN B 350 -11.53 20.54 -11.66
C ASN B 350 -10.71 20.63 -10.38
N LYS B 351 -10.47 21.84 -9.91
CA LYS B 351 -9.70 22.03 -8.68
C LYS B 351 -10.38 21.43 -7.45
N PRO B 352 -11.68 21.66 -7.19
CA PRO B 352 -12.27 21.13 -5.95
C PRO B 352 -12.16 19.61 -5.81
N ILE B 353 -12.31 18.87 -6.91
CA ILE B 353 -12.21 17.41 -6.83
C ILE B 353 -10.80 16.98 -6.44
N GLN B 354 -9.79 17.62 -7.04
CA GLN B 354 -8.40 17.30 -6.71
C GLN B 354 -8.10 17.59 -5.25
N ASN B 355 -8.54 18.76 -4.75
CA ASN B 355 -8.29 19.10 -3.36
C ASN B 355 -9.01 18.15 -2.41
N ALA B 356 -10.25 17.78 -2.74
CA ALA B 356 -10.97 16.83 -1.90
C ALA B 356 -10.28 15.48 -1.87
N ASN B 357 -9.81 15.00 -3.03
CA ASN B 357 -9.11 13.73 -3.08
C ASN B 357 -7.81 13.78 -2.28
N ARG B 358 -7.08 14.89 -2.38
CA ARG B 358 -5.85 15.05 -1.60
C ARG B 358 -6.13 15.03 -0.11
N GLN B 359 -7.18 15.73 0.32
CA GLN B 359 -7.54 15.73 1.74
C GLN B 359 -7.95 14.35 2.21
N ILE B 360 -8.69 13.61 1.38
CA ILE B 360 -9.08 12.25 1.72
C ILE B 360 -7.85 11.36 1.85
N MET B 361 -6.89 11.51 0.94
CA MET B 361 -5.66 10.73 1.02
C MET B 361 -4.89 11.03 2.30
N GLU B 362 -4.81 12.32 2.66
CA GLU B 362 -4.12 12.69 3.89
C GLU B 362 -4.81 12.11 5.12
N ASP B 363 -6.15 12.19 5.17
CA ASP B 363 -6.87 11.67 6.32
C ASP B 363 -6.77 10.16 6.40
N ASN B 364 -6.82 9.48 5.26
CA ASN B 364 -6.66 8.03 5.24
C ASN B 364 -5.26 7.62 5.69
N ALA B 365 -4.24 8.37 5.27
CA ALA B 365 -2.88 8.08 5.73
C ALA B 365 -2.77 8.27 7.24
N LYS B 366 -3.36 9.34 7.78
CA LYS B 366 -3.34 9.55 9.22
C LYS B 366 -4.04 8.42 9.97
N LEU B 367 -5.22 8.01 9.48
CA LEU B 367 -5.95 6.93 10.14
C LEU B 367 -5.17 5.62 10.07
N THR B 368 -4.56 5.33 8.93
CA THR B 368 -3.77 4.11 8.80
C THR B 368 -2.57 4.13 9.74
N SER B 369 -1.89 5.28 9.85
CA SER B 369 -0.75 5.37 10.76
C SER B 369 -1.20 5.18 12.21
N ALA B 370 -2.34 5.77 12.57
CA ALA B 370 -2.86 5.58 13.92
C ALA B 370 -3.19 4.12 14.19
N LEU B 371 -3.80 3.44 13.21
CA LEU B 371 -4.12 2.03 13.37
C LEU B 371 -2.86 1.19 13.52
N VAL B 372 -1.82 1.49 12.72
CA VAL B 372 -0.56 0.75 12.82
C VAL B 372 0.05 0.94 14.20
N GLU B 373 0.06 2.19 14.69
CA GLU B 373 0.63 2.45 16.01
C GLU B 373 -0.16 1.74 17.10
N SER B 374 -1.49 1.75 16.99
CA SER B 374 -2.32 1.10 18.01
C SER B 374 -2.12 -0.41 18.01
N VAL B 375 -2.04 -1.03 16.84
CA VAL B 375 -1.87 -2.47 16.77
C VAL B 375 -0.47 -2.87 17.23
N LYS B 376 0.56 -2.13 16.79
CA LYS B 376 1.92 -2.47 17.17
C LYS B 376 2.15 -2.35 18.67
N GLY B 377 1.67 -1.26 19.26
CA GLY B 377 1.84 -1.04 20.69
C GLY B 377 0.68 -1.56 21.51
N ILE B 378 0.25 -2.78 21.22
CA ILE B 378 -0.89 -3.35 21.94
C ILE B 378 -0.53 -3.67 23.38
N GLU B 379 0.73 -4.05 23.64
CA GLU B 379 1.13 -4.41 24.99
C GLU B 379 1.04 -3.23 25.95
N THR B 380 1.46 -2.05 25.51
CA THR B 380 1.36 -0.86 26.36
C THR B 380 -0.09 -0.48 26.61
N ILE B 381 -0.95 -0.60 25.59
CA ILE B 381 -2.36 -0.26 25.75
C ILE B 381 -3.02 -1.22 26.74
N LYS B 382 -2.74 -2.52 26.61
CA LYS B 382 -3.36 -3.50 27.49
C LYS B 382 -2.82 -3.40 28.91
N SER B 383 -1.53 -3.09 29.05
CA SER B 383 -0.94 -2.97 30.39
C SER B 383 -1.55 -1.81 31.16
N PHE B 384 -1.77 -0.68 30.49
CA PHE B 384 -2.22 0.54 31.15
C PHE B 384 -3.72 0.76 31.02
N GLY B 385 -4.45 -0.20 30.48
CA GLY B 385 -5.90 -0.09 30.40
C GLY B 385 -6.39 1.04 29.53
N ALA B 386 -5.81 1.22 28.35
CA ALA B 386 -6.20 2.27 27.42
C ALA B 386 -7.02 1.75 26.26
N GLU B 387 -7.75 0.64 26.45
CA GLU B 387 -8.57 0.10 25.36
C GLU B 387 -9.68 1.07 24.98
N GLU B 388 -10.36 1.63 25.97
CA GLU B 388 -11.49 2.52 25.69
C GLU B 388 -11.02 3.89 25.20
N GLN B 389 -9.89 4.37 25.72
CA GLN B 389 -9.37 5.67 25.28
C GLN B 389 -8.90 5.61 23.84
N THR B 390 -8.15 4.56 23.48
CA THR B 390 -7.68 4.44 22.11
C THR B 390 -8.81 4.14 21.14
N GLU B 391 -9.82 3.39 21.59
CA GLU B 391 -10.99 3.16 20.77
C GLU B 391 -11.70 4.47 20.44
N LYS B 392 -11.88 5.33 21.45
CA LYS B 392 -12.50 6.63 21.22
C LYS B 392 -11.63 7.50 20.32
N SER B 393 -10.31 7.45 20.51
CA SER B 393 -9.41 8.26 19.67
C SER B 393 -9.46 7.82 18.22
N THR B 394 -9.54 6.51 17.97
CA THR B 394 -9.63 6.01 16.61
C THR B 394 -11.01 6.30 16.02
N ARG B 395 -12.06 6.28 16.84
CA ARG B 395 -13.40 6.61 16.36
C ARG B 395 -13.45 8.05 15.85
N ASP B 396 -12.80 8.97 16.56
CA ASP B 396 -12.74 10.36 16.12
C ASP B 396 -11.90 10.55 14.86
N LYS B 397 -11.11 9.56 14.47
CA LYS B 397 -10.31 9.64 13.26
C LYS B 397 -11.02 9.06 12.04
N ILE B 398 -11.86 8.05 12.25
CA ILE B 398 -12.68 7.53 11.16
C ILE B 398 -13.70 8.57 10.72
N GLU B 399 -14.25 9.33 11.68
CA GLU B 399 -15.23 10.36 11.35
C GLU B 399 -14.62 11.43 10.46
N THR B 400 -13.35 11.78 10.69
CA THR B 400 -12.71 12.80 9.86
C THR B 400 -12.49 12.32 8.44
N VAL B 401 -12.23 11.03 8.26
CA VAL B 401 -12.15 10.46 6.91
C VAL B 401 -13.52 10.53 6.23
N MET B 402 -14.58 10.19 6.97
CA MET B 402 -15.92 10.22 6.41
C MET B 402 -16.33 11.63 6.00
N LYS B 403 -15.90 12.66 6.73
CA LYS B 403 -16.26 14.02 6.34
C LYS B 403 -15.74 14.37 4.96
N SER B 404 -14.45 14.10 4.71
CA SER B 404 -13.88 14.41 3.40
C SER B 404 -14.41 13.46 2.33
N SER B 405 -14.71 12.21 2.68
CA SER B 405 -15.34 11.31 1.72
C SER B 405 -16.69 11.84 1.29
N PHE B 406 -17.49 12.35 2.24
CA PHE B 406 -18.75 12.96 1.88
C PHE B 406 -18.55 14.26 1.11
N LYS B 407 -17.45 14.97 1.35
CA LYS B 407 -17.14 16.14 0.54
C LYS B 407 -16.94 15.75 -0.93
N GLU B 408 -16.14 14.72 -1.19
CA GLU B 408 -15.96 14.31 -2.58
C GLU B 408 -17.24 13.72 -3.15
N GLY B 409 -18.04 13.05 -2.32
CA GLY B 409 -19.32 12.56 -2.79
C GLY B 409 -20.25 13.68 -3.19
N MET B 410 -20.29 14.76 -2.40
CA MET B 410 -21.09 15.92 -2.75
C MET B 410 -20.61 16.55 -4.05
N LEU B 411 -19.29 16.68 -4.23
CA LEU B 411 -18.76 17.25 -5.46
C LEU B 411 -19.11 16.38 -6.66
N TYR B 412 -18.95 15.07 -6.53
CA TYR B 412 -19.25 14.15 -7.63
C TYR B 412 -20.74 14.18 -7.96
N ILE B 413 -21.60 14.23 -6.94
CA ILE B 413 -23.03 14.22 -7.18
C ILE B 413 -23.47 15.52 -7.83
N ASN B 414 -22.91 16.66 -7.39
CA ASN B 414 -23.24 17.92 -8.05
C ASN B 414 -22.80 17.91 -9.51
N LEU B 415 -21.59 17.40 -9.77
CA LEU B 415 -21.09 17.33 -11.14
C LEU B 415 -21.99 16.44 -12.00
N SER B 416 -22.36 15.26 -11.47
CA SER B 416 -23.20 14.35 -12.22
C SER B 416 -24.59 14.94 -12.47
N SER B 417 -25.15 15.61 -11.47
CA SER B 417 -26.47 16.22 -11.65
C SER B 417 -26.44 17.32 -12.70
N LEU B 418 -25.42 18.17 -12.66
CA LEU B 418 -25.32 19.23 -13.67
C LEU B 418 -25.12 18.65 -15.06
N THR B 419 -24.25 17.65 -15.19
CA THR B 419 -24.01 17.03 -16.50
C THR B 419 -25.26 16.34 -17.02
N GLY B 420 -25.98 15.64 -16.14
CA GLY B 420 -27.20 14.98 -16.57
C GLY B 420 -28.28 15.98 -16.98
N ILE B 421 -28.42 17.07 -16.22
CA ILE B 421 -29.36 18.13 -16.60
C ILE B 421 -29.01 18.64 -17.99
N VAL B 422 -27.75 18.98 -18.22
CA VAL B 422 -27.34 19.53 -19.51
C VAL B 422 -27.61 18.55 -20.63
N ALA B 423 -27.21 17.29 -20.44
CA ALA B 423 -27.36 16.28 -21.49
C ALA B 423 -28.82 16.02 -21.81
N GLY B 424 -29.65 15.80 -20.78
CA GLY B 424 -31.05 15.51 -21.02
C GLY B 424 -31.81 16.67 -21.62
N LEU B 425 -31.58 17.89 -21.09
CA LEU B 425 -32.26 19.05 -21.64
C LEU B 425 -31.80 19.32 -23.06
N GLY B 426 -30.52 19.08 -23.36
CA GLY B 426 -30.04 19.25 -24.72
C GLY B 426 -30.66 18.25 -25.68
N GLY B 427 -30.78 16.99 -25.24
CA GLY B 427 -31.44 16.00 -26.08
C GLY B 427 -32.89 16.33 -26.34
N ILE B 428 -33.60 16.78 -25.30
CA ILE B 428 -35.01 17.15 -25.46
C ILE B 428 -35.14 18.35 -26.39
N VAL B 429 -34.26 19.35 -26.24
CA VAL B 429 -34.31 20.52 -27.10
C VAL B 429 -33.97 20.15 -28.54
N ILE B 430 -33.03 19.23 -28.73
CA ILE B 430 -32.69 18.77 -30.07
C ILE B 430 -33.88 18.09 -30.72
N LEU B 431 -34.56 17.21 -29.98
CA LEU B 431 -35.73 16.54 -30.53
C LEU B 431 -36.84 17.55 -30.84
N TRP B 432 -37.05 18.52 -29.95
CA TRP B 432 -38.06 19.55 -30.15
C TRP B 432 -37.79 20.36 -31.41
N ALA B 433 -36.56 20.87 -31.55
CA ALA B 433 -36.21 21.67 -32.71
C ALA B 433 -36.22 20.85 -33.99
N GLY B 434 -35.82 19.58 -33.92
CA GLY B 434 -35.88 18.72 -35.09
C GLY B 434 -37.30 18.49 -35.55
N ALA B 435 -38.22 18.23 -34.61
CA ALA B 435 -39.62 18.07 -34.97
C ALA B 435 -40.18 19.37 -35.56
N TYR B 436 -39.82 20.51 -34.95
CA TYR B 436 -40.29 21.80 -35.47
C TYR B 436 -39.80 22.02 -36.91
N ASN B 437 -38.54 21.67 -37.19
CA ASN B 437 -38.04 21.76 -38.55
C ASN B 437 -38.76 20.81 -39.49
N VAL B 438 -39.04 19.59 -39.01
CA VAL B 438 -39.75 18.62 -39.85
C VAL B 438 -41.13 19.14 -40.22
N ILE B 439 -41.79 19.85 -39.31
CA ILE B 439 -43.06 20.49 -39.66
C ILE B 439 -42.87 21.46 -40.81
N LYS B 440 -41.80 22.25 -40.78
CA LYS B 440 -41.49 23.15 -41.88
C LYS B 440 -40.95 22.35 -43.06
N GLY B 441 -40.70 23.05 -44.17
CA GLY B 441 -40.24 22.39 -45.37
C GLY B 441 -38.87 21.75 -45.22
N ASN B 442 -37.95 22.44 -44.54
CA ASN B 442 -36.58 21.96 -44.41
C ASN B 442 -36.52 20.70 -43.54
N MET B 443 -35.58 19.83 -43.86
CA MET B 443 -35.22 18.67 -43.05
C MET B 443 -36.35 17.65 -43.03
N SER B 444 -36.07 16.43 -42.55
CA SER B 444 -37.08 15.38 -42.51
C SER B 444 -36.86 14.53 -41.26
N GLY B 445 -37.86 13.70 -40.96
CA GLY B 445 -37.76 12.84 -39.79
C GLY B 445 -36.61 11.85 -39.87
N GLY B 446 -36.39 11.27 -41.06
CA GLY B 446 -35.24 10.41 -41.24
C GLY B 446 -33.94 11.16 -41.01
N GLN B 447 -33.86 12.41 -41.48
CA GLN B 447 -32.69 13.22 -41.19
C GLN B 447 -32.55 13.50 -39.70
N LEU B 448 -33.67 13.65 -39.00
CA LEU B 448 -33.62 13.85 -37.56
C LEU B 448 -33.05 12.63 -36.85
N LEU B 449 -33.48 11.43 -37.25
CA LEU B 449 -32.94 10.22 -36.64
C LEU B 449 -31.47 10.03 -37.01
N ALA B 450 -31.10 10.39 -38.24
CA ALA B 450 -29.70 10.34 -38.64
C ALA B 450 -28.85 11.30 -37.80
N PHE B 451 -29.38 12.49 -37.51
CA PHE B 451 -28.67 13.44 -36.66
C PHE B 451 -28.54 12.88 -35.24
N ASN B 452 -29.58 12.24 -34.73
CA ASN B 452 -29.51 11.63 -33.41
C ASN B 452 -28.46 10.54 -33.37
N ALA B 453 -28.34 9.76 -34.44
CA ALA B 453 -27.29 8.74 -34.50
C ALA B 453 -25.91 9.37 -34.61
N LEU B 454 -25.78 10.43 -35.40
CA LEU B 454 -24.50 11.10 -35.60
C LEU B 454 -24.04 11.89 -34.38
N LEU B 455 -24.95 12.19 -33.45
CA LEU B 455 -24.58 13.00 -32.29
C LEU B 455 -23.56 12.29 -31.42
N ALA B 456 -23.45 10.97 -31.51
CA ALA B 456 -22.46 10.23 -30.74
C ALA B 456 -21.07 10.29 -31.34
N TYR B 457 -20.93 10.78 -32.56
CA TYR B 457 -19.62 10.91 -33.21
C TYR B 457 -19.11 12.34 -33.21
N PHE B 458 -19.76 13.24 -32.49
CA PHE B 458 -19.27 14.61 -32.37
C PHE B 458 -19.19 15.02 -30.91
N LEU B 459 -20.06 14.45 -30.07
CA LEU B 459 -20.05 14.77 -28.65
C LEU B 459 -18.98 13.99 -27.90
N THR B 460 -18.84 12.70 -28.21
CA THR B 460 -17.82 11.89 -27.56
C THR B 460 -16.40 12.35 -27.86
N PRO B 461 -16.01 12.71 -29.09
CA PRO B 461 -14.63 13.20 -29.29
C PRO B 461 -14.29 14.43 -28.48
N VAL B 462 -15.17 15.44 -28.47
CA VAL B 462 -14.92 16.64 -27.68
C VAL B 462 -14.95 16.32 -26.20
N LYS B 463 -15.82 15.39 -25.77
CA LYS B 463 -15.84 14.97 -24.38
C LYS B 463 -14.50 14.37 -23.97
N ASN B 464 -13.93 13.53 -24.83
CA ASN B 464 -12.62 12.94 -24.53
C ASN B 464 -11.53 14.00 -24.53
N LEU B 465 -11.56 14.92 -25.50
CA LEU B 465 -10.55 15.98 -25.56
C LEU B 465 -10.64 16.90 -24.35
N ILE B 466 -11.81 17.01 -23.73
CA ILE B 466 -11.95 17.81 -22.53
C ILE B 466 -11.52 17.00 -21.30
N ASP B 467 -11.82 15.70 -21.29
CA ASP B 467 -11.45 14.83 -20.18
C ASP B 467 -9.97 14.52 -20.13
N LEU B 468 -9.22 14.80 -21.20
CA LEU B 468 -7.78 14.52 -21.20
C LEU B 468 -6.99 15.40 -20.23
N GLN B 469 -7.58 16.47 -19.68
CA GLN B 469 -6.81 17.40 -18.86
C GLN B 469 -6.23 16.78 -17.60
N PRO B 470 -6.98 16.06 -16.76
CA PRO B 470 -6.34 15.46 -15.57
C PRO B 470 -5.21 14.51 -15.90
N LEU B 471 -5.37 13.72 -16.96
CA LEU B 471 -4.29 12.82 -17.36
C LEU B 471 -3.04 13.59 -17.72
N ILE B 472 -3.20 14.68 -18.49
CA ILE B 472 -2.05 15.48 -18.90
C ILE B 472 -1.37 16.10 -17.68
N GLN B 473 -2.15 16.64 -16.75
CA GLN B 473 -1.56 17.27 -15.58
C GLN B 473 -0.81 16.25 -14.72
N THR B 474 -1.48 15.13 -14.41
CA THR B 474 -0.85 14.12 -13.57
C THR B 474 0.40 13.56 -14.21
N ALA B 475 0.38 13.34 -15.52
CA ALA B 475 1.56 12.79 -16.18
C ALA B 475 2.65 13.82 -16.36
N VAL B 476 2.33 15.11 -16.45
CA VAL B 476 3.38 16.13 -16.41
C VAL B 476 4.08 16.09 -15.07
N VAL B 477 3.31 15.97 -13.99
CA VAL B 477 3.91 15.85 -12.66
C VAL B 477 4.78 14.59 -12.57
N ALA B 478 4.26 13.47 -13.10
CA ALA B 478 5.00 12.21 -13.05
C ALA B 478 6.28 12.27 -13.88
N SER B 479 6.21 12.87 -15.07
CA SER B 479 7.39 13.00 -15.92
C SER B 479 8.43 13.89 -15.27
N ASN B 480 7.99 14.97 -14.61
CA ASN B 480 8.94 15.77 -13.84
C ASN B 480 9.58 14.94 -12.73
N ARG B 481 8.77 14.14 -12.03
CA ARG B 481 9.29 13.33 -10.93
C ARG B 481 10.38 12.38 -11.41
N LEU B 482 10.14 11.70 -12.52
CA LEU B 482 11.14 10.75 -13.02
C LEU B 482 12.33 11.46 -13.63
N GLY B 483 12.12 12.56 -14.35
CA GLY B 483 13.22 13.27 -14.96
C GLY B 483 14.16 13.89 -13.95
N GLU B 484 13.65 14.29 -12.78
CA GLU B 484 14.52 14.83 -11.75
C GLU B 484 15.59 13.81 -11.35
N ILE B 485 15.17 12.55 -11.15
CA ILE B 485 16.13 11.49 -10.83
C ILE B 485 17.00 11.15 -12.03
N LEU B 486 16.38 11.05 -13.22
CA LEU B 486 17.12 10.64 -14.40
C LEU B 486 18.16 11.67 -14.84
N GLU B 487 18.02 12.92 -14.42
CA GLU B 487 19.00 13.95 -14.76
C GLU B 487 20.15 14.02 -13.75
N LEU B 488 20.12 13.21 -12.71
CA LEU B 488 21.18 13.23 -11.71
C LEU B 488 22.42 12.50 -12.19
N ALA B 489 23.58 13.11 -11.98
CA ALA B 489 24.84 12.50 -12.38
C ALA B 489 25.13 11.27 -11.53
N THR B 490 25.64 10.23 -12.18
CA THR B 490 25.87 8.94 -11.51
C THR B 490 27.16 8.97 -10.71
N GLU B 491 27.47 7.83 -10.07
CA GLU B 491 28.69 7.72 -9.29
C GLU B 491 29.93 7.82 -10.15
N LYS B 492 29.94 7.11 -11.29
CA LYS B 492 31.12 7.13 -12.16
C LYS B 492 31.32 8.50 -12.80
N GLU B 493 30.25 9.28 -12.96
CA GLU B 493 30.36 10.60 -13.58
C GLU B 493 31.18 11.55 -12.71
N LEU B 494 30.96 11.52 -11.40
CA LEU B 494 31.72 12.37 -10.48
C LEU B 494 33.11 11.82 -10.18
N ARG B 495 33.42 10.61 -10.61
CA ARG B 495 34.71 10.01 -10.31
C ARG B 495 35.82 10.78 -11.00
N GLU B 496 36.93 10.98 -10.28
CA GLU B 496 38.07 11.67 -10.84
C GLU B 496 38.82 10.76 -11.79
N ASP B 497 39.78 11.34 -12.51
CA ASP B 497 40.56 10.58 -13.47
C ASP B 497 41.40 9.52 -12.76
N SER B 498 41.47 8.33 -13.36
CA SER B 498 42.24 7.23 -12.79
C SER B 498 43.72 7.41 -13.12
N ASP B 499 44.52 6.44 -12.70
CA ASP B 499 45.97 6.49 -12.88
C ASP B 499 46.48 5.07 -13.12
N ASP B 500 47.78 4.89 -12.96
CA ASP B 500 48.45 3.61 -13.19
C ASP B 500 48.71 2.87 -11.89
N PHE B 501 47.80 2.97 -10.93
CA PHE B 501 47.92 2.32 -9.63
C PHE B 501 47.17 0.99 -9.59
N VAL B 502 47.25 0.22 -10.68
CA VAL B 502 46.64 -1.11 -10.73
C VAL B 502 47.16 -2.03 -9.63
N ILE B 503 48.30 -1.68 -9.01
CA ILE B 503 48.81 -2.45 -7.88
C ILE B 503 47.75 -2.50 -6.79
N SER B 504 47.60 -3.68 -6.18
CA SER B 504 46.58 -3.87 -5.16
C SER B 504 46.84 -2.97 -3.95
N LEU B 505 45.75 -2.52 -3.33
CA LEU B 505 45.85 -1.60 -2.19
C LEU B 505 46.38 -2.35 -0.98
N LYS B 506 47.60 -2.04 -0.57
CA LYS B 506 48.20 -2.68 0.60
C LYS B 506 49.32 -1.79 1.13
N GLY B 507 49.18 -1.34 2.38
CA GLY B 507 50.27 -0.65 3.03
C GLY B 507 50.02 0.78 3.46
N ASP B 508 50.01 1.02 4.77
CA ASP B 508 50.03 2.35 5.37
C ASP B 508 48.87 3.21 4.88
N ILE B 509 47.67 2.76 5.24
CA ILE B 509 46.45 3.52 4.95
C ILE B 509 46.50 4.83 5.72
N GLU B 510 46.65 5.94 5.01
CA GLU B 510 46.93 7.25 5.61
C GLU B 510 45.70 8.14 5.54
N PHE B 511 45.34 8.74 6.67
CA PHE B 511 44.31 9.76 6.74
C PHE B 511 44.96 11.09 7.08
N ARG B 512 44.61 12.13 6.32
CA ARG B 512 45.21 13.46 6.47
C ARG B 512 44.11 14.48 6.74
N ASN B 513 43.93 14.82 8.01
CA ASN B 513 42.98 15.86 8.44
C ASN B 513 41.58 15.59 7.91
N VAL B 514 41.17 14.32 7.95
CA VAL B 514 39.88 13.93 7.39
C VAL B 514 38.77 14.36 8.34
N ASP B 515 37.75 15.00 7.78
CA ASP B 515 36.51 15.30 8.49
C ASP B 515 35.34 14.95 7.57
N PHE B 516 34.29 14.38 8.14
CA PHE B 516 33.18 13.88 7.37
C PHE B 516 31.85 14.42 7.90
N ARG B 517 30.90 14.58 6.99
CA ARG B 517 29.55 14.98 7.32
C ARG B 517 28.58 14.08 6.56
N TYR B 518 27.42 13.83 7.16
CA TYR B 518 26.41 12.95 6.57
C TYR B 518 25.34 13.75 5.84
N GLY B 519 25.73 14.85 5.21
CA GLY B 519 24.81 15.77 4.58
C GLY B 519 25.12 17.19 5.00
N LEU B 520 24.17 17.84 5.68
CA LEU B 520 24.40 19.13 6.31
C LEU B 520 24.15 19.06 7.83
N ARG B 521 24.35 17.88 8.40
CA ARG B 521 24.12 17.67 9.83
C ARG B 521 25.41 17.93 10.61
N LYS B 522 25.42 17.53 11.88
CA LYS B 522 26.62 17.68 12.68
C LYS B 522 27.72 16.76 12.15
N PRO B 523 28.95 17.24 12.08
CA PRO B 523 30.06 16.39 11.62
C PRO B 523 30.25 15.18 12.52
N VAL B 524 30.63 14.07 11.91
CA VAL B 524 30.87 12.83 12.64
C VAL B 524 32.37 12.65 12.81
N LEU B 525 33.14 13.15 11.85
CA LEU B 525 34.60 13.05 11.86
C LEU B 525 35.19 14.44 11.82
N LYS B 526 36.34 14.61 12.47
CA LYS B 526 36.99 15.92 12.53
C LYS B 526 38.47 15.74 12.80
N ASN B 527 39.29 15.90 11.75
CA ASN B 527 40.76 15.99 11.88
C ASN B 527 41.34 14.75 12.56
N ILE B 528 41.17 13.62 11.88
CA ILE B 528 41.70 12.34 12.34
C ILE B 528 42.86 11.93 11.43
N ASN B 529 43.99 11.57 12.03
CA ASN B 529 45.16 11.12 11.29
C ASN B 529 45.69 9.83 11.92
N LEU B 530 45.85 8.80 11.09
CA LEU B 530 46.33 7.51 11.56
C LEU B 530 47.01 6.79 10.40
N THR B 531 47.84 5.80 10.75
CA THR B 531 48.77 5.21 9.80
C THR B 531 48.36 3.83 9.28
N ILE B 532 47.74 3.00 10.12
CA ILE B 532 47.34 1.64 9.74
C ILE B 532 48.51 0.89 9.14
N PRO B 533 49.47 0.43 9.95
CA PRO B 533 50.66 -0.23 9.41
C PRO B 533 50.32 -1.46 8.57
N LYS B 534 51.13 -1.69 7.55
CA LYS B 534 50.85 -2.74 6.57
C LYS B 534 50.87 -4.12 7.22
N GLY B 535 49.88 -4.94 6.89
CA GLY B 535 49.86 -6.33 7.32
C GLY B 535 49.81 -6.53 8.82
N LYS B 536 49.00 -5.75 9.51
CA LYS B 536 48.89 -5.83 10.97
C LYS B 536 47.45 -6.16 11.36
N THR B 537 47.26 -6.36 12.67
CA THR B 537 45.96 -6.68 13.25
C THR B 537 45.32 -5.42 13.84
N VAL B 538 45.51 -4.28 13.19
CA VAL B 538 45.09 -3.00 13.76
C VAL B 538 43.58 -2.99 13.96
N ALA B 539 43.16 -2.47 15.12
CA ALA B 539 41.75 -2.35 15.45
C ALA B 539 41.48 -0.96 15.99
N ILE B 540 40.21 -0.54 15.89
CA ILE B 540 39.76 0.75 16.37
C ILE B 540 38.60 0.54 17.34
N VAL B 541 38.68 1.19 18.50
CA VAL B 541 37.75 0.98 19.60
C VAL B 541 37.09 2.31 19.95
N GLY B 542 35.80 2.25 20.27
CA GLY B 542 35.06 3.43 20.68
C GLY B 542 33.65 3.07 21.06
N GLU B 543 32.90 4.07 21.50
CA GLU B 543 31.51 3.88 21.86
C GLU B 543 30.65 3.92 20.60
N SER B 544 29.32 3.93 20.77
CA SER B 544 28.42 3.93 19.63
C SER B 544 28.55 5.20 18.80
N GLY B 545 28.67 6.35 19.46
CA GLY B 545 28.71 7.62 18.76
C GLY B 545 30.04 7.96 18.12
N SER B 546 31.07 7.14 18.32
CA SER B 546 32.38 7.44 17.71
C SER B 546 32.31 7.42 16.20
N GLY B 547 31.62 6.44 15.62
CA GLY B 547 31.48 6.35 14.19
C GLY B 547 32.61 5.62 13.49
N LYS B 548 32.89 4.38 13.91
CA LYS B 548 33.91 3.59 13.25
C LYS B 548 33.44 3.09 11.90
N THR B 549 32.16 2.74 11.79
CA THR B 549 31.61 2.36 10.49
C THR B 549 31.67 3.51 9.49
N THR B 550 31.68 4.75 9.97
CA THR B 550 31.91 5.89 9.08
C THR B 550 33.32 5.81 8.48
N LEU B 551 34.32 5.48 9.31
CA LEU B 551 35.67 5.28 8.79
C LEU B 551 35.71 4.13 7.79
N ALA B 552 35.01 3.04 8.10
CA ALA B 552 35.00 1.89 7.19
C ALA B 552 34.37 2.25 5.86
N LYS B 553 33.27 3.01 5.88
CA LYS B 553 32.62 3.41 4.64
C LYS B 553 33.46 4.40 3.86
N LEU B 554 34.16 5.31 4.55
CA LEU B 554 35.06 6.22 3.86
C LEU B 554 36.22 5.46 3.23
N LEU B 555 36.63 4.34 3.82
CA LEU B 555 37.69 3.53 3.22
C LEU B 555 37.26 2.95 1.88
N MET B 556 36.01 2.51 1.77
CA MET B 556 35.50 1.87 0.57
C MET B 556 35.01 2.86 -0.48
N ASN B 557 35.26 4.16 -0.29
CA ASN B 557 34.85 5.20 -1.23
C ASN B 557 33.34 5.25 -1.40
N PHE B 558 32.60 4.79 -0.40
CA PHE B 558 31.15 4.98 -0.41
C PHE B 558 30.80 6.46 -0.33
N TYR B 559 31.54 7.22 0.48
CA TYR B 559 31.40 8.66 0.57
C TYR B 559 32.78 9.30 0.46
N SER B 560 32.79 10.54 0.02
CA SER B 560 34.09 11.18 -0.05
C SER B 560 34.30 12.09 1.16
N PRO B 561 35.53 12.18 1.65
CA PRO B 561 35.81 13.08 2.78
C PRO B 561 35.52 14.53 2.41
N GLU B 562 34.97 15.27 3.38
CA GLU B 562 34.62 16.67 3.13
C GLU B 562 35.86 17.51 2.88
N LYS B 563 36.94 17.28 3.65
CA LYS B 563 38.18 18.01 3.47
C LYS B 563 39.34 17.09 3.81
N GLY B 564 40.21 16.86 2.82
CA GLY B 564 41.36 16.00 2.99
C GLY B 564 41.37 14.91 1.94
N ASP B 565 42.10 13.84 2.23
CA ASP B 565 42.22 12.72 1.31
C ASP B 565 42.64 11.47 2.07
N ILE B 566 42.50 10.33 1.42
CA ILE B 566 42.90 9.03 1.97
C ILE B 566 44.03 8.48 1.12
N LEU B 567 45.14 8.14 1.76
CA LEU B 567 46.34 7.69 1.07
C LEU B 567 46.63 6.24 1.44
N ILE B 568 46.99 5.44 0.44
CA ILE B 568 47.43 4.06 0.64
C ILE B 568 48.75 3.92 -0.11
N ASN B 569 49.86 4.11 0.61
CA ASN B 569 51.22 4.10 0.07
C ASN B 569 51.31 4.84 -1.26
N GLY B 570 50.90 6.11 -1.25
CA GLY B 570 50.92 6.94 -2.43
C GLY B 570 49.70 6.71 -3.30
N HIS B 571 49.52 7.61 -4.26
CA HIS B 571 48.41 7.53 -5.22
C HIS B 571 47.07 7.52 -4.50
N SER B 572 46.77 8.67 -3.89
CA SER B 572 45.63 8.82 -2.99
C SER B 572 44.35 8.24 -3.58
N ILE B 573 43.45 7.85 -2.69
CA ILE B 573 42.32 6.99 -3.03
C ILE B 573 41.39 7.63 -4.06
N LYS B 574 41.49 8.94 -4.25
CA LYS B 574 40.59 9.66 -5.15
C LYS B 574 41.03 9.61 -6.61
N ASN B 575 42.16 8.96 -6.93
CA ASN B 575 42.72 8.97 -8.27
C ASN B 575 42.88 7.57 -8.84
N ILE B 576 42.07 6.62 -8.39
CA ILE B 576 42.12 5.25 -8.90
C ILE B 576 40.70 4.77 -9.20
N SER B 577 40.61 3.68 -9.95
CA SER B 577 39.34 3.18 -10.44
C SER B 577 38.47 2.64 -9.30
N LEU B 578 37.16 2.64 -9.53
CA LEU B 578 36.22 2.15 -8.54
C LEU B 578 36.20 0.63 -8.45
N GLU B 579 36.45 -0.07 -9.56
CA GLU B 579 36.40 -1.53 -9.54
C GLU B 579 37.46 -2.11 -8.61
N LEU B 580 38.67 -1.54 -8.64
CA LEU B 580 39.71 -1.97 -7.72
C LEU B 580 39.33 -1.68 -6.28
N ILE B 581 38.61 -0.57 -6.05
CA ILE B 581 38.13 -0.23 -4.72
C ILE B 581 37.16 -1.30 -4.23
N ARG B 582 36.17 -1.63 -5.05
CA ARG B 582 35.12 -2.56 -4.61
C ARG B 582 35.60 -4.01 -4.58
N LYS B 583 36.68 -4.32 -5.28
CA LYS B 583 37.16 -5.70 -5.37
C LYS B 583 38.20 -6.05 -4.31
N LYS B 584 38.68 -5.08 -3.54
CA LYS B 584 39.78 -5.33 -2.60
C LYS B 584 39.53 -4.84 -1.18
N ILE B 585 38.38 -4.22 -0.91
CA ILE B 585 38.12 -3.64 0.41
C ILE B 585 36.87 -4.28 0.99
N ALA B 586 36.68 -5.58 0.72
CA ALA B 586 35.53 -6.32 1.22
C ALA B 586 35.35 -6.11 2.72
N PHE B 587 34.13 -5.78 3.13
CA PHE B 587 33.82 -5.37 4.49
C PHE B 587 32.58 -6.10 4.97
N VAL B 588 32.67 -6.70 6.16
CA VAL B 588 31.59 -7.47 6.76
C VAL B 588 31.31 -6.92 8.15
N SER B 589 30.03 -6.66 8.44
CA SER B 589 29.65 -6.13 9.74
C SER B 589 28.50 -6.91 10.36
N GLN B 590 27.97 -6.41 11.47
CA GLN B 590 26.83 -7.06 12.12
C GLN B 590 25.59 -7.01 11.23
N ASP B 591 25.39 -5.89 10.53
CA ASP B 591 24.22 -5.72 9.67
C ASP B 591 24.44 -6.55 8.41
N VAL B 592 24.07 -7.82 8.48
CA VAL B 592 24.18 -8.73 7.35
C VAL B 592 22.86 -8.71 6.58
N PHE B 593 22.95 -8.64 5.26
CA PHE B 593 21.78 -8.66 4.39
C PHE B 593 21.86 -9.88 3.49
N ILE B 594 20.88 -10.77 3.60
CA ILE B 594 20.81 -11.98 2.79
C ILE B 594 19.80 -11.75 1.68
N PHE B 595 20.26 -11.84 0.44
CA PHE B 595 19.39 -11.66 -0.72
C PHE B 595 18.65 -12.94 -1.01
N SER B 596 17.35 -12.81 -1.31
CA SER B 596 16.51 -13.96 -1.59
C SER B 596 16.92 -14.62 -2.91
N GLY B 597 17.54 -15.80 -2.81
CA GLY B 597 18.00 -16.49 -3.99
C GLY B 597 18.83 -17.69 -3.62
N THR B 598 19.53 -18.22 -4.63
CA THR B 598 20.39 -19.37 -4.42
C THR B 598 21.54 -19.03 -3.48
N VAL B 599 21.84 -19.95 -2.56
CA VAL B 599 22.95 -19.73 -1.63
C VAL B 599 24.27 -19.68 -2.39
N LYS B 600 24.40 -20.46 -3.46
CA LYS B 600 25.60 -20.38 -4.29
C LYS B 600 25.74 -19.00 -4.92
N GLU B 601 24.64 -18.43 -5.40
CA GLU B 601 24.69 -17.07 -5.94
C GLU B 601 24.77 -16.04 -4.82
N ASN B 602 24.19 -16.35 -3.66
CA ASN B 602 24.30 -15.42 -2.53
C ASN B 602 25.72 -15.39 -1.97
N LEU B 603 26.34 -16.55 -1.81
CA LEU B 603 27.73 -16.59 -1.33
C LEU B 603 28.69 -16.00 -2.35
N ALA B 604 28.50 -16.32 -3.62
CA ALA B 604 29.30 -15.77 -4.71
C ALA B 604 28.40 -14.79 -5.47
N LEU B 605 28.36 -13.55 -4.98
CA LEU B 605 27.45 -12.54 -5.50
C LEU B 605 28.23 -11.56 -6.37
N GLY B 606 27.77 -11.38 -7.61
CA GLY B 606 28.36 -10.44 -8.53
C GLY B 606 29.60 -10.90 -9.23
N ASN B 607 30.08 -12.11 -8.97
CA ASN B 607 31.30 -12.58 -9.63
C ASN B 607 31.06 -12.84 -11.11
N GLU B 608 29.99 -13.58 -11.44
CA GLU B 608 29.67 -13.94 -12.82
C GLU B 608 30.87 -14.56 -13.54
N ASN B 609 31.54 -15.47 -12.85
CA ASN B 609 32.75 -16.10 -13.37
C ASN B 609 32.81 -17.52 -12.81
N VAL B 610 34.00 -18.13 -12.87
CA VAL B 610 34.19 -19.49 -12.37
C VAL B 610 33.78 -19.55 -10.90
N ASP B 611 33.01 -20.59 -10.56
CA ASP B 611 32.47 -20.72 -9.22
C ASP B 611 32.13 -22.19 -8.98
N MET B 612 31.33 -22.45 -7.94
CA MET B 612 30.82 -23.78 -7.58
C MET B 612 31.91 -24.68 -7.01
N ASP B 613 33.16 -24.23 -7.04
CA ASP B 613 34.26 -24.95 -6.41
C ASP B 613 34.98 -24.11 -5.37
N GLU B 614 35.38 -22.89 -5.71
CA GLU B 614 36.15 -22.06 -4.79
C GLU B 614 35.36 -21.75 -3.53
N ILE B 615 34.04 -21.52 -3.68
CA ILE B 615 33.19 -21.27 -2.52
C ILE B 615 33.32 -22.40 -1.52
N ILE B 616 33.47 -23.64 -2.02
CA ILE B 616 33.64 -24.79 -1.12
C ILE B 616 34.82 -24.56 -0.19
N LYS B 617 35.96 -24.14 -0.74
CA LYS B 617 37.10 -23.82 0.10
C LYS B 617 36.76 -22.65 1.03
N ALA B 618 36.06 -21.64 0.51
CA ALA B 618 35.60 -20.55 1.36
C ALA B 618 34.64 -21.06 2.43
N ALA B 619 33.90 -22.13 2.13
CA ALA B 619 33.08 -22.76 3.15
C ALA B 619 33.96 -23.42 4.22
N LYS B 620 35.06 -24.04 3.79
CA LYS B 620 35.97 -24.68 4.74
C LYS B 620 36.79 -23.65 5.51
N MET B 621 37.27 -22.62 4.81
CA MET B 621 38.15 -21.64 5.45
C MET B 621 37.45 -20.90 6.58
N ALA B 622 36.20 -20.49 6.36
CA ALA B 622 35.41 -19.83 7.39
C ALA B 622 34.58 -20.80 8.22
N ASN B 623 34.72 -22.11 7.98
CA ASN B 623 33.92 -23.13 8.66
C ASN B 623 32.42 -22.95 8.41
N ALA B 624 32.08 -22.37 7.26
CA ALA B 624 30.68 -22.22 6.87
C ALA B 624 30.11 -23.47 6.22
N HIS B 625 30.95 -24.45 5.86
CA HIS B 625 30.47 -25.68 5.27
C HIS B 625 29.58 -26.45 6.23
N ASP B 626 29.96 -26.50 7.51
CA ASP B 626 29.17 -27.22 8.49
C ASP B 626 27.78 -26.59 8.67
N PHE B 627 27.71 -25.26 8.71
CA PHE B 627 26.44 -24.59 8.94
C PHE B 627 25.48 -24.83 7.77
N ILE B 628 25.97 -24.75 6.54
CA ILE B 628 25.10 -24.88 5.37
C ILE B 628 24.78 -26.32 5.01
N GLU B 629 25.52 -27.29 5.58
CA GLU B 629 25.25 -28.70 5.30
C GLU B 629 24.29 -29.29 6.32
N LYS B 630 23.17 -28.61 6.55
CA LYS B 630 22.11 -29.12 7.41
C LYS B 630 20.71 -28.92 6.85
N LEU B 631 20.53 -28.08 5.83
CA LEU B 631 19.22 -27.89 5.22
C LEU B 631 18.85 -29.12 4.41
N PRO B 632 17.72 -29.76 4.66
CA PRO B 632 17.42 -31.03 3.99
C PRO B 632 16.87 -30.86 2.58
N LEU B 633 17.50 -30.02 1.77
CA LEU B 633 17.16 -29.92 0.36
C LEU B 633 18.37 -29.83 -0.57
N LYS B 634 19.51 -29.34 -0.10
CA LYS B 634 20.72 -29.20 -0.92
C LYS B 634 20.40 -28.49 -2.23
N TYR B 635 19.76 -27.34 -2.11
CA TYR B 635 19.20 -26.64 -3.26
C TYR B 635 19.45 -25.14 -3.04
N ASP B 636 18.72 -24.30 -3.79
CA ASP B 636 18.96 -22.87 -3.75
C ASP B 636 18.83 -22.29 -2.35
N THR B 637 17.96 -22.89 -1.52
CA THR B 637 17.71 -22.42 -0.16
C THR B 637 17.29 -20.95 -0.15
N PHE B 638 16.10 -20.72 -0.72
CA PHE B 638 15.57 -19.37 -0.89
C PHE B 638 15.61 -18.58 0.42
N LEU B 639 15.26 -19.22 1.53
CA LEU B 639 15.37 -18.69 2.90
C LEU B 639 14.41 -17.55 3.19
N ASN B 640 13.64 -17.08 2.20
CA ASN B 640 12.68 -15.99 2.38
C ASN B 640 13.33 -14.77 3.02
N GLU B 641 14.51 -14.41 2.51
CA GLU B 641 15.27 -13.26 3.03
C GLU B 641 15.56 -13.40 4.52
N GLN B 650 25.38 -16.61 13.64
CA GLN B 650 24.02 -16.45 13.13
C GLN B 650 24.06 -16.42 11.60
N LYS B 651 23.92 -15.23 11.03
CA LYS B 651 24.03 -15.04 9.59
C LYS B 651 25.29 -14.29 9.19
N GLN B 652 26.10 -13.85 10.16
CA GLN B 652 27.35 -13.19 9.83
C GLN B 652 28.32 -14.13 9.14
N ARG B 653 28.19 -15.43 9.38
CA ARG B 653 29.07 -16.41 8.75
C ARG B 653 28.88 -16.42 7.23
N LEU B 654 27.64 -16.31 6.77
CA LEU B 654 27.37 -16.26 5.34
C LEU B 654 28.03 -15.04 4.69
N ALA B 655 27.95 -13.90 5.36
CA ALA B 655 28.62 -12.70 4.85
C ALA B 655 30.13 -12.88 4.84
N ILE B 656 30.68 -13.55 5.85
CA ILE B 656 32.11 -13.79 5.90
C ILE B 656 32.55 -14.63 4.71
N ALA B 657 31.82 -15.72 4.43
CA ALA B 657 32.14 -16.54 3.27
C ALA B 657 31.96 -15.78 1.97
N ARG B 658 31.04 -14.82 1.93
CA ARG B 658 30.85 -14.01 0.74
C ARG B 658 32.08 -13.17 0.43
N ALA B 659 32.71 -12.60 1.47
CA ALA B 659 33.90 -11.77 1.28
C ALA B 659 35.13 -12.61 0.94
N LEU B 660 35.13 -13.90 1.28
CA LEU B 660 36.29 -14.74 0.99
C LEU B 660 36.50 -14.89 -0.51
N LEU B 661 35.41 -15.01 -1.28
CA LEU B 661 35.54 -15.18 -2.73
C LEU B 661 36.20 -13.99 -3.39
N LYS B 662 36.03 -12.80 -2.81
CA LYS B 662 36.60 -11.59 -3.41
C LYS B 662 38.12 -11.59 -3.38
N LYS B 663 38.73 -12.38 -2.51
CA LYS B 663 40.18 -12.39 -2.29
C LYS B 663 40.65 -10.97 -2.02
N PRO B 664 40.29 -10.39 -0.88
CA PRO B 664 40.61 -8.98 -0.63
C PRO B 664 41.94 -8.79 0.07
N ASP B 665 42.63 -7.72 -0.34
CA ASP B 665 43.85 -7.30 0.35
C ASP B 665 43.56 -6.45 1.57
N ILE B 666 42.34 -5.94 1.70
CA ILE B 666 41.89 -5.20 2.88
C ILE B 666 40.52 -5.74 3.28
N LEU B 667 40.37 -6.10 4.55
CA LEU B 667 39.13 -6.69 5.04
C LEU B 667 38.82 -6.14 6.43
N ILE B 668 37.54 -5.87 6.67
CA ILE B 668 37.09 -5.21 7.89
C ILE B 668 36.01 -6.05 8.55
N LEU B 669 36.05 -6.15 9.87
CA LEU B 669 35.04 -6.85 10.65
C LEU B 669 34.48 -5.92 11.72
N ASP B 670 33.26 -6.21 12.14
CA ASP B 670 32.62 -5.49 13.24
C ASP B 670 32.68 -6.28 14.55
N GLU B 671 32.16 -7.51 14.55
CA GLU B 671 32.23 -8.38 15.71
C GLU B 671 32.67 -9.80 15.40
N ALA B 672 32.73 -10.20 14.13
CA ALA B 672 33.13 -11.54 13.76
C ALA B 672 34.62 -11.76 14.04
N TYR B 689 39.78 -16.72 10.73
CA TYR B 689 40.44 -15.66 9.97
C TYR B 689 41.50 -16.24 9.04
N GLY B 690 42.76 -16.13 9.43
CA GLY B 690 43.86 -16.65 8.63
C GLY B 690 44.35 -15.66 7.59
N LEU B 691 43.93 -15.85 6.35
CA LEU B 691 44.30 -14.98 5.21
C LEU B 691 45.81 -15.10 5.02
N GLU B 692 46.51 -14.01 4.71
CA GLU B 692 47.94 -14.04 4.47
C GLU B 692 48.54 -12.70 4.90
N ASP B 693 49.74 -12.40 4.43
CA ASP B 693 50.50 -11.24 4.90
C ASP B 693 49.75 -9.93 4.72
N ASP B 694 48.83 -9.83 3.77
CA ASP B 694 48.10 -8.60 3.56
C ASP B 694 47.23 -8.28 4.78
N VAL B 695 46.99 -6.98 4.98
CA VAL B 695 46.23 -6.51 6.14
C VAL B 695 44.75 -6.76 5.87
N THR B 696 44.20 -7.79 6.51
CA THR B 696 42.81 -8.19 6.30
C THR B 696 41.98 -8.09 7.56
N VAL B 697 42.48 -7.40 8.59
CA VAL B 697 41.72 -7.24 9.83
C VAL B 697 41.80 -5.79 10.33
N ILE B 698 40.69 -5.07 10.19
CA ILE B 698 40.53 -3.71 10.70
C ILE B 698 39.38 -3.77 11.69
N ILE B 699 39.28 -4.88 12.42
CA ILE B 699 38.09 -5.23 13.19
C ILE B 699 37.65 -4.07 14.07
N ILE B 700 36.34 -3.85 14.11
CA ILE B 700 35.75 -2.82 14.97
C ILE B 700 35.60 -3.38 16.38
N ALA B 701 35.63 -2.49 17.37
CA ALA B 701 35.42 -2.88 18.75
C ALA B 701 34.59 -1.82 19.46
N HIS B 702 33.46 -2.22 20.02
CA HIS B 702 32.59 -1.31 20.76
C HIS B 702 32.89 -1.35 22.26
N ARG B 703 32.75 -2.53 22.86
CA ARG B 703 33.02 -2.67 24.29
C ARG B 703 34.49 -2.95 24.53
N LEU B 704 34.95 -2.58 25.72
CA LEU B 704 36.34 -2.81 26.09
C LEU B 704 36.59 -4.29 26.35
N SER B 705 37.85 -4.69 26.15
CA SER B 705 38.37 -6.04 26.41
C SER B 705 37.76 -7.11 25.51
N THR B 706 37.04 -6.73 24.45
CA THR B 706 36.61 -7.72 23.48
C THR B 706 37.81 -8.31 22.74
N ILE B 707 38.81 -7.49 22.43
CA ILE B 707 40.11 -7.94 21.96
C ILE B 707 41.17 -7.06 22.61
N VAL B 708 41.93 -7.63 23.55
CA VAL B 708 42.81 -6.82 24.39
C VAL B 708 44.22 -6.74 23.81
N ASN B 709 44.74 -7.81 23.22
CA ASN B 709 46.11 -7.85 22.70
C ASN B 709 46.09 -8.46 21.30
N ALA B 710 45.87 -7.63 20.29
CA ALA B 710 46.04 -8.03 18.90
C ALA B 710 46.99 -7.12 18.14
N ASP B 711 46.85 -5.80 18.32
CA ASP B 711 47.72 -4.81 17.70
C ASP B 711 47.41 -3.47 18.36
N LYS B 712 47.92 -2.39 17.77
CA LYS B 712 47.66 -1.05 18.30
C LYS B 712 46.17 -0.74 18.28
N ILE B 713 45.71 -0.01 19.29
CA ILE B 713 44.31 0.29 19.50
C ILE B 713 44.10 1.79 19.34
N TYR B 714 43.10 2.16 18.54
CA TYR B 714 42.72 3.55 18.34
C TYR B 714 41.40 3.83 19.05
N LEU B 715 41.35 4.94 19.79
CA LEU B 715 40.16 5.35 20.49
C LEU B 715 39.37 6.34 19.62
N LEU B 716 38.26 6.84 20.15
CA LEU B 716 37.43 7.77 19.40
C LEU B 716 38.18 9.07 19.16
N LYS B 717 37.95 9.67 17.99
CA LYS B 717 38.63 10.89 17.55
C LYS B 717 40.14 10.73 17.53
N ASP B 718 40.63 9.49 17.52
CA ASP B 718 42.06 9.18 17.55
C ASP B 718 42.75 9.87 18.72
N GLY B 719 42.18 9.68 19.91
CA GLY B 719 42.76 10.29 21.10
C GLY B 719 44.15 9.75 21.42
N GLU B 720 44.32 8.43 21.31
CA GLU B 720 45.61 7.81 21.56
C GLU B 720 45.74 6.56 20.72
N ILE B 721 46.97 6.12 20.51
CA ILE B 721 47.26 4.93 19.72
C ILE B 721 47.71 3.79 20.62
N LYS C 29 23.22 46.37 7.63
CA LYS C 29 22.79 45.29 6.76
C LYS C 29 21.79 44.38 7.46
N LEU C 30 21.96 44.23 8.77
CA LEU C 30 21.06 43.38 9.56
C LEU C 30 19.64 43.92 9.52
N ASN C 31 19.43 45.12 10.08
CA ASN C 31 18.18 45.87 10.03
C ASN C 31 17.00 45.13 10.69
N ILE C 32 17.24 43.97 11.29
CA ILE C 32 16.18 43.19 11.93
C ILE C 32 16.46 42.96 13.41
N GLY C 33 17.70 42.65 13.76
CA GLY C 33 18.05 42.44 15.15
C GLY C 33 18.17 40.97 15.50
N ARG C 34 19.05 40.67 16.46
CA ARG C 34 19.30 39.32 16.96
C ARG C 34 19.71 38.37 15.83
N GLU C 35 20.87 38.68 15.25
CA GLU C 35 21.44 37.79 14.25
C GLU C 35 21.83 36.46 14.89
N LEU C 36 21.60 35.38 14.15
CA LEU C 36 21.83 34.03 14.68
C LEU C 36 23.23 33.56 14.31
N THR C 37 23.56 32.35 14.75
CA THR C 37 24.87 31.75 14.51
C THR C 37 24.68 30.28 14.16
N ASP C 38 25.70 29.71 13.51
CA ASP C 38 25.64 28.31 13.10
C ASP C 38 25.42 27.40 14.30
N GLU C 39 26.11 27.68 15.41
CA GLU C 39 25.92 26.92 16.64
C GLU C 39 24.46 26.92 17.08
N GLU C 40 23.73 27.99 16.78
CA GLU C 40 22.31 28.05 17.09
C GLU C 40 21.43 27.71 15.91
N LEU C 41 21.90 27.99 14.68
CA LEU C 41 21.13 27.64 13.49
C LEU C 41 20.99 26.13 13.33
N MET C 42 21.95 25.36 13.87
CA MET C 42 21.89 23.91 13.71
C MET C 42 20.64 23.31 14.37
N GLU C 43 20.33 23.73 15.60
CA GLU C 43 19.21 23.14 16.31
C GLU C 43 17.86 23.53 15.74
N MET C 44 17.80 24.54 14.89
CA MET C 44 16.54 24.89 14.23
C MET C 44 16.20 23.81 13.21
N THR C 45 15.00 23.24 13.33
CA THR C 45 14.58 22.12 12.50
C THR C 45 13.32 22.49 11.74
N GLY C 46 13.34 22.25 10.43
CA GLY C 46 12.18 22.44 9.59
C GLY C 46 11.82 21.20 8.80
N GLY C 47 11.95 20.03 9.43
CA GLY C 47 11.78 18.77 8.74
C GLY C 47 10.34 18.39 8.47
N SER C 48 10.06 17.08 8.49
CA SER C 48 8.74 16.55 8.19
C SER C 48 7.67 17.13 9.10
N GLY D 33 6.84 -44.59 5.69
CA GLY D 33 6.12 -45.53 6.53
C GLY D 33 6.52 -45.45 7.98
N ARG D 34 7.35 -44.47 8.32
CA ARG D 34 7.84 -44.28 9.67
C ARG D 34 7.35 -42.95 10.22
N GLU D 35 6.94 -42.97 11.49
CA GLU D 35 6.48 -41.75 12.14
C GLU D 35 7.65 -40.80 12.36
N LEU D 36 7.42 -39.51 12.11
CA LEU D 36 8.46 -38.51 12.27
C LEU D 36 8.71 -38.24 13.74
N THR D 37 9.97 -37.99 14.08
CA THR D 37 10.31 -37.64 15.45
C THR D 37 9.81 -36.24 15.79
N ASP D 38 9.69 -35.97 17.09
CA ASP D 38 9.15 -34.68 17.54
C ASP D 38 10.01 -33.51 17.05
N GLU D 39 11.33 -33.67 17.10
CA GLU D 39 12.22 -32.63 16.57
C GLU D 39 12.03 -32.46 15.07
N GLU D 40 11.90 -33.57 14.34
CA GLU D 40 11.75 -33.49 12.89
C GLU D 40 10.34 -33.05 12.50
N LEU D 41 9.33 -33.49 13.24
CA LEU D 41 7.95 -33.19 12.88
C LEU D 41 7.69 -31.69 12.90
N MET D 42 8.21 -30.99 13.91
CA MET D 42 8.05 -29.54 13.95
C MET D 42 8.87 -28.86 12.86
N GLU D 43 9.92 -29.53 12.36
CA GLU D 43 10.70 -28.99 11.25
C GLU D 43 9.91 -28.96 9.95
N MET D 44 8.81 -29.71 9.87
CA MET D 44 7.93 -29.69 8.71
C MET D 44 7.13 -28.38 8.71
N THR D 45 7.67 -27.38 8.03
CA THR D 45 7.09 -26.04 8.00
C THR D 45 5.93 -26.03 7.00
N GLY D 46 4.99 -25.10 7.20
CA GLY D 46 3.85 -24.98 6.31
C GLY D 46 3.90 -23.72 5.46
N GLY D 47 2.79 -23.00 5.40
CA GLY D 47 2.70 -21.79 4.59
C GLY D 47 3.72 -20.73 4.97
N SER D 48 4.39 -20.19 3.97
CA SER D 48 5.41 -19.15 4.17
C SER D 48 6.48 -19.59 5.16
#